data_4RSU
#
_entry.id   4RSU
#
_cell.length_a   111.651
_cell.length_b   113.604
_cell.length_c   163.279
_cell.angle_alpha   90.00
_cell.angle_beta   90.00
_cell.angle_gamma   90.00
#
_symmetry.space_group_name_H-M   'P 21 21 21'
#
loop_
_entity.id
_entity.type
_entity.pdbx_description
1 polymer 'Tumor necrosis factor ligand superfamily member 14, soluble form'
2 polymer 'Tumor necrosis factor receptor superfamily member 14'
3 non-polymer 'CHLORIDE ION'
4 non-polymer GLYCEROL
5 non-polymer 2-acetamido-2-deoxy-beta-D-glucopyranose
6 water water
#
loop_
_entity_poly.entity_id
_entity_poly.type
_entity_poly.pdbx_seq_one_letter_code
_entity_poly.pdbx_strand_id
1 'polypeptide(L)'
;HHHHHHGLIQERRSHEVNPAAHLTGANSSLTGSGGPLLWETQLGLAFLRGLSYHDGALVVTKAGYYYIYSKVQLGGVGCP
LGLASTITHGLYKRTPRYPEELELLVSQQSPCGRATSSSRVWWDSSFLGGVVHLEAGEEVVVRVLDERLVRLRDGTRSYF
GAFMV
;
A,B,C,G,H,I
2 'polypeptide(L)'
;RSLPSCKEDEYPVGSECCPKCSPGYRVKEACGELTGTVCEPCPPGTYIAHLNGLSKCLQCQMCDPAMGLRASRNCSRTEN
AVCGCSPGHFCIVQDGDHCAACRAYATSSPGQRVQKGGTESQDTLCTGHHHHHH
;
D,E,F,J,K,L
#
# COMPACT_ATOMS: atom_id res chain seq x y z
N VAL A 17 -40.19 -0.91 17.94
CA VAL A 17 -39.57 -0.99 16.54
C VAL A 17 -38.07 -1.32 16.60
N ASN A 18 -37.66 -2.48 16.12
CA ASN A 18 -36.27 -2.87 16.17
C ASN A 18 -35.41 -2.31 14.98
N PRO A 19 -34.37 -1.56 15.29
CA PRO A 19 -33.56 -1.02 14.19
C PRO A 19 -32.98 -2.07 13.28
N ALA A 20 -33.03 -1.76 12.00
CA ALA A 20 -32.58 -2.64 10.94
C ALA A 20 -32.33 -1.84 9.65
N ALA A 21 -31.42 -2.36 8.82
CA ALA A 21 -31.09 -1.74 7.56
C ALA A 21 -30.40 -2.71 6.66
N HIS A 22 -30.63 -2.52 5.35
CA HIS A 22 -29.87 -3.13 4.29
C HIS A 22 -29.62 -2.08 3.17
N LEU A 23 -28.34 -1.78 2.93
CA LEU A 23 -27.93 -0.86 1.90
C LEU A 23 -27.25 -1.62 0.81
N THR A 24 -27.40 -1.16 -0.42
CA THR A 24 -27.00 -1.96 -1.56
C THR A 24 -26.05 -1.22 -2.50
N GLY A 25 -25.30 -2.01 -3.25
CA GLY A 25 -24.33 -1.51 -4.19
C GLY A 25 -25.00 -0.58 -5.20
N ALA A 26 -24.28 0.48 -5.60
CA ALA A 26 -24.86 1.49 -6.50
C ALA A 26 -23.76 2.07 -7.35
N ASN A 27 -24.13 2.88 -8.33
CA ASN A 27 -23.14 3.36 -9.27
C ASN A 27 -22.17 4.35 -8.64
N SER A 28 -22.50 4.92 -7.50
CA SER A 28 -21.57 5.72 -6.83
C SER A 28 -20.83 5.01 -5.68
N SER A 29 -20.96 3.70 -5.55
CA SER A 29 -20.38 3.02 -4.40
C SER A 29 -18.86 3.14 -4.29
N LEU A 30 -18.16 3.12 -5.40
CA LEU A 30 -16.71 3.02 -5.42
C LEU A 30 -16.02 4.34 -5.70
N THR A 31 -15.63 5.12 -4.70
CA THR A 31 -15.16 6.48 -4.90
C THR A 31 -13.65 6.52 -5.26
N GLY A 32 -12.88 5.51 -4.90
CA GLY A 32 -11.49 5.49 -5.21
C GLY A 32 -10.74 6.51 -4.37
N SER A 33 -11.37 7.05 -3.37
CA SER A 33 -10.85 8.17 -2.62
C SER A 33 -10.05 7.77 -1.40
N GLY A 34 -10.04 6.48 -1.06
CA GLY A 34 -9.52 6.02 0.21
C GLY A 34 -10.57 6.14 1.32
N GLY A 35 -11.72 6.71 1.02
CA GLY A 35 -12.84 6.61 1.94
C GLY A 35 -13.62 5.26 1.88
N PRO A 36 -14.66 5.16 2.68
CA PRO A 36 -15.46 4.00 2.69
C PRO A 36 -16.31 3.86 1.41
N LEU A 37 -16.81 2.68 1.18
CA LEU A 37 -17.86 2.51 0.15
C LEU A 37 -19.10 3.33 0.50
N LEU A 38 -19.77 3.83 -0.54
CA LEU A 38 -21.05 4.43 -0.43
C LEU A 38 -22.13 3.44 -0.89
N TRP A 39 -23.38 3.69 -0.51
CA TRP A 39 -24.43 2.71 -0.70
C TRP A 39 -25.72 3.38 -1.08
N GLU A 40 -26.59 2.71 -1.81
CA GLU A 40 -28.03 3.14 -1.99
C GLU A 40 -28.82 2.85 -0.71
N THR A 41 -29.68 3.77 -0.31
CA THR A 41 -30.48 3.64 0.92
C THR A 41 -31.99 3.55 0.78
N GLN A 42 -32.50 3.87 -0.41
CA GLN A 42 -33.97 3.93 -0.61
C GLN A 42 -34.47 3.07 -1.74
N LEU A 43 -33.72 2.92 -2.79
CA LEU A 43 -34.25 2.25 -3.99
C LEU A 43 -34.05 0.74 -3.91
N GLY A 44 -34.96 0.01 -4.57
CA GLY A 44 -34.86 -1.43 -4.71
C GLY A 44 -34.94 -2.11 -3.38
N LEU A 45 -33.93 -2.89 -3.07
CA LEU A 45 -33.87 -3.70 -1.86
C LEU A 45 -33.36 -2.94 -0.64
N ALA A 46 -32.91 -1.73 -0.83
CA ALA A 46 -32.34 -0.97 0.22
C ALA A 46 -33.39 -0.38 1.14
N PHE A 47 -33.13 -0.34 2.43
CA PHE A 47 -34.01 0.42 3.33
C PHE A 47 -33.31 0.74 4.64
N LEU A 48 -33.89 1.69 5.34
CA LEU A 48 -33.49 2.09 6.67
C LEU A 48 -34.71 2.06 7.58
N ARG A 49 -34.62 1.32 8.69
CA ARG A 49 -35.62 1.31 9.74
C ARG A 49 -35.02 1.65 11.08
N GLY A 50 -35.14 2.93 11.48
CA GLY A 50 -34.63 3.37 12.74
C GLY A 50 -33.10 3.39 12.82
N LEU A 51 -32.46 3.57 11.68
CA LEU A 51 -31.05 3.87 11.57
C LEU A 51 -30.98 4.92 10.47
N SER A 52 -29.89 5.66 10.38
CA SER A 52 -29.72 6.72 9.42
C SER A 52 -28.49 6.41 8.62
N TYR A 53 -28.18 7.27 7.66
CA TYR A 53 -27.05 7.09 6.77
C TYR A 53 -26.36 8.43 6.56
N HIS A 54 -25.05 8.45 6.37
CA HIS A 54 -24.28 9.68 6.20
C HIS A 54 -22.90 9.30 5.63
N ASP A 55 -22.64 9.60 4.36
CA ASP A 55 -21.33 9.43 3.75
C ASP A 55 -20.81 7.99 3.79
N GLY A 56 -21.67 7.00 3.65
CA GLY A 56 -21.25 5.66 3.62
C GLY A 56 -21.57 4.95 4.87
N ALA A 57 -21.89 5.71 5.95
CA ALA A 57 -22.04 5.11 7.26
C ALA A 57 -23.48 4.91 7.65
N LEU A 58 -23.71 3.77 8.27
CA LEU A 58 -24.86 3.52 9.07
C LEU A 58 -24.69 4.24 10.42
N VAL A 59 -25.64 5.12 10.73
CA VAL A 59 -25.59 5.99 11.89
C VAL A 59 -26.63 5.50 12.86
N VAL A 60 -26.21 5.18 14.07
CA VAL A 60 -27.02 4.61 15.10
C VAL A 60 -27.72 5.68 15.91
N THR A 61 -29.01 5.45 16.13
CA THR A 61 -29.89 6.26 16.93
C THR A 61 -30.14 5.68 18.32
N LYS A 62 -30.38 4.38 18.36
CA LYS A 62 -30.65 3.69 19.61
C LYS A 62 -29.42 2.81 19.94
N ALA A 63 -28.85 3.11 21.09
CA ALA A 63 -27.67 2.48 21.56
C ALA A 63 -27.99 1.00 21.78
N GLY A 64 -27.03 0.11 21.52
CA GLY A 64 -27.18 -1.30 21.87
C GLY A 64 -26.24 -2.14 21.03
N TYR A 65 -26.55 -3.43 20.98
CA TYR A 65 -25.79 -4.39 20.29
C TYR A 65 -26.46 -4.65 18.95
N TYR A 66 -25.66 -4.62 17.91
CA TYR A 66 -26.12 -4.77 16.55
C TYR A 66 -25.36 -5.89 15.83
N TYR A 67 -26.06 -6.79 15.20
CA TYR A 67 -25.38 -7.65 14.21
C TYR A 67 -25.21 -6.77 13.01
N ILE A 68 -23.96 -6.67 12.56
CA ILE A 68 -23.58 -5.91 11.33
C ILE A 68 -23.00 -6.84 10.31
N TYR A 69 -23.19 -6.57 9.02
CA TYR A 69 -22.75 -7.46 7.96
C TYR A 69 -22.52 -6.78 6.63
N SER A 70 -21.77 -7.43 5.78
CA SER A 70 -21.44 -6.92 4.49
C SER A 70 -21.01 -8.00 3.59
N LYS A 71 -21.40 -7.91 2.35
CA LYS A 71 -20.93 -8.76 1.34
C LYS A 71 -20.34 -7.86 0.24
N VAL A 72 -19.18 -8.20 -0.28
CA VAL A 72 -18.73 -7.57 -1.50
C VAL A 72 -18.37 -8.60 -2.51
N GLN A 73 -18.84 -8.42 -3.76
CA GLN A 73 -18.49 -9.32 -4.81
C GLN A 73 -17.21 -8.89 -5.45
N LEU A 74 -16.14 -9.72 -5.44
CA LEU A 74 -14.93 -9.41 -6.16
C LEU A 74 -14.91 -10.18 -7.50
N GLY A 75 -14.12 -9.70 -8.42
CA GLY A 75 -13.89 -10.43 -9.63
C GLY A 75 -13.16 -9.58 -10.63
N GLY A 76 -12.90 -10.17 -11.78
CA GLY A 76 -12.11 -9.53 -12.77
C GLY A 76 -11.79 -10.39 -13.98
N VAL A 77 -11.30 -9.73 -15.00
CA VAL A 77 -10.59 -10.37 -16.08
C VAL A 77 -9.13 -10.11 -15.86
N GLY A 78 -8.35 -11.11 -15.59
CA GLY A 78 -6.99 -10.87 -15.20
C GLY A 78 -6.92 -10.36 -13.77
N CYS A 79 -5.77 -9.82 -13.40
CA CYS A 79 -5.60 -9.28 -12.09
C CYS A 79 -5.19 -7.85 -12.31
N PRO A 80 -5.80 -6.87 -11.59
CA PRO A 80 -5.30 -5.51 -11.68
C PRO A 80 -3.81 -5.34 -11.42
N LEU A 81 -3.18 -4.43 -12.13
CA LEU A 81 -1.73 -4.25 -11.97
C LEU A 81 -1.42 -3.71 -10.63
N GLY A 82 -0.31 -4.18 -10.10
CA GLY A 82 0.19 -3.64 -8.90
C GLY A 82 -0.70 -4.00 -7.70
N LEU A 83 -1.48 -5.04 -7.84
CA LEU A 83 -2.36 -5.43 -6.78
C LEU A 83 -1.51 -5.90 -5.60
N ALA A 84 -1.89 -5.49 -4.40
CA ALA A 84 -1.24 -5.94 -3.20
C ALA A 84 -1.53 -7.42 -2.96
N SER A 85 -0.63 -8.01 -2.18
CA SER A 85 -0.62 -9.42 -1.77
C SER A 85 -1.75 -9.72 -0.79
N THR A 86 -2.17 -8.72 -0.02
CA THR A 86 -3.20 -8.84 1.00
C THR A 86 -4.27 -7.78 0.70
N ILE A 87 -5.49 -8.21 0.43
CA ILE A 87 -6.61 -7.32 0.24
C ILE A 87 -7.57 -7.47 1.44
N THR A 88 -8.00 -6.36 2.04
CA THR A 88 -8.95 -6.42 3.08
C THR A 88 -10.32 -5.94 2.66
N HIS A 89 -11.31 -6.60 3.24
CA HIS A 89 -12.72 -6.16 3.28
C HIS A 89 -13.10 -6.13 4.77
N GLY A 90 -13.56 -4.98 5.25
CA GLY A 90 -13.88 -4.85 6.63
C GLY A 90 -14.99 -3.84 6.99
N LEU A 91 -15.41 -3.94 8.24
CA LEU A 91 -16.35 -3.08 8.90
C LEU A 91 -15.62 -2.34 10.02
N TYR A 92 -15.86 -1.05 10.09
CA TYR A 92 -15.08 -0.15 10.93
C TYR A 92 -16.03 0.80 11.64
N LYS A 93 -15.71 1.16 12.87
CA LYS A 93 -16.51 2.13 13.62
C LYS A 93 -15.93 3.55 13.59
N ARG A 94 -16.77 4.53 13.41
CA ARG A 94 -16.40 5.90 13.69
C ARG A 94 -17.21 6.38 14.87
N THR A 95 -16.52 7.00 15.79
CA THR A 95 -17.05 7.47 17.07
C THR A 95 -16.32 8.73 17.44
N PRO A 96 -17.02 9.67 18.04
CA PRO A 96 -16.35 10.86 18.61
C PRO A 96 -15.56 10.52 19.80
N ARG A 97 -15.62 9.28 20.26
CA ARG A 97 -14.76 8.94 21.34
C ARG A 97 -13.28 8.70 20.97
N TYR A 98 -12.95 8.65 19.69
CA TYR A 98 -11.55 8.41 19.25
C TYR A 98 -11.29 9.02 17.91
N PRO A 99 -10.11 9.60 17.69
CA PRO A 99 -9.96 10.38 16.44
C PRO A 99 -9.72 9.48 15.21
N GLU A 100 -9.51 8.19 15.41
CA GLU A 100 -9.43 7.26 14.28
C GLU A 100 -10.54 6.27 14.23
N GLU A 101 -10.75 5.67 13.08
CA GLU A 101 -11.70 4.58 12.93
C GLU A 101 -11.16 3.41 13.69
N LEU A 102 -12.03 2.61 14.26
CA LEU A 102 -11.66 1.38 14.88
C LEU A 102 -12.11 0.20 14.03
N GLU A 103 -11.21 -0.73 13.79
CA GLU A 103 -11.52 -1.95 13.10
C GLU A 103 -12.46 -2.80 13.95
N LEU A 104 -13.57 -3.27 13.40
CA LEU A 104 -14.42 -4.21 14.09
C LEU A 104 -14.27 -5.68 13.61
N LEU A 105 -14.45 -5.91 12.33
CA LEU A 105 -14.50 -7.23 11.73
C LEU A 105 -13.83 -7.16 10.36
N VAL A 106 -12.78 -7.89 10.09
CA VAL A 106 -12.03 -7.69 8.84
C VAL A 106 -11.60 -9.04 8.28
N SER A 107 -11.61 -9.19 6.95
CA SER A 107 -11.09 -10.33 6.28
C SER A 107 -10.00 -9.93 5.34
N GLN A 108 -9.04 -10.82 5.25
CA GLN A 108 -7.92 -10.79 4.35
C GLN A 108 -8.10 -11.89 3.31
N GLN A 109 -7.96 -11.47 2.05
CA GLN A 109 -8.03 -12.34 0.90
C GLN A 109 -6.81 -12.06 -0.03
N SER A 110 -6.52 -13.01 -0.90
CA SER A 110 -5.49 -12.91 -1.91
C SER A 110 -6.14 -13.38 -3.17
N PRO A 111 -6.97 -12.52 -3.73
CA PRO A 111 -7.88 -12.95 -4.78
C PRO A 111 -7.25 -13.34 -6.13
N CYS A 112 -6.12 -12.76 -6.48
CA CYS A 112 -5.47 -12.99 -7.77
C CYS A 112 -4.09 -12.37 -7.68
N GLY A 113 -3.26 -12.65 -8.66
CA GLY A 113 -1.83 -12.31 -8.63
C GLY A 113 -1.34 -12.15 -10.06
N ARG A 114 -0.05 -11.92 -10.21
CA ARG A 114 0.59 -11.78 -11.53
C ARG A 114 0.55 -13.04 -12.40
N ALA A 115 0.37 -14.18 -11.74
CA ALA A 115 0.21 -15.48 -12.41
C ALA A 115 -1.18 -15.67 -13.03
N THR A 116 -2.20 -15.11 -12.39
CA THR A 116 -3.58 -15.16 -12.87
C THR A 116 -3.63 -14.95 -14.39
N SER A 117 -4.27 -15.88 -15.10
CA SER A 117 -4.39 -15.77 -16.52
C SER A 117 -5.20 -14.54 -16.80
N SER A 118 -4.58 -13.60 -17.51
CA SER A 118 -5.28 -12.39 -17.92
C SER A 118 -6.29 -12.66 -19.05
N SER A 119 -6.48 -13.94 -19.40
CA SER A 119 -7.45 -14.35 -20.46
C SER A 119 -8.79 -14.89 -19.89
N ARG A 120 -9.00 -14.73 -18.58
CA ARG A 120 -10.25 -15.26 -18.04
C ARG A 120 -10.73 -14.66 -16.74
N VAL A 121 -11.99 -14.98 -16.50
CA VAL A 121 -12.79 -14.29 -15.54
C VAL A 121 -12.70 -15.09 -14.27
N TRP A 122 -12.48 -14.41 -13.16
CA TRP A 122 -12.52 -15.04 -11.89
C TRP A 122 -13.57 -14.27 -11.07
N TRP A 123 -14.12 -14.90 -10.06
CA TRP A 123 -15.08 -14.26 -9.16
C TRP A 123 -14.88 -14.78 -7.78
N ASP A 124 -15.08 -13.94 -6.75
CA ASP A 124 -15.04 -14.42 -5.40
C ASP A 124 -15.78 -13.47 -4.49
N SER A 125 -16.65 -13.99 -3.66
CA SER A 125 -17.54 -13.19 -2.86
C SER A 125 -17.01 -13.22 -1.46
N SER A 126 -17.01 -12.06 -0.77
CA SER A 126 -16.55 -12.00 0.63
C SER A 126 -17.66 -11.59 1.56
N PHE A 127 -17.92 -12.39 2.58
CA PHE A 127 -19.00 -12.11 3.50
C PHE A 127 -18.48 -12.05 4.94
N LEU A 128 -18.87 -11.04 5.69
CA LEU A 128 -18.68 -11.12 7.08
C LEU A 128 -19.77 -10.45 7.90
N GLY A 129 -19.91 -10.98 9.11
CA GLY A 129 -20.92 -10.58 10.08
C GLY A 129 -20.40 -10.72 11.49
N GLY A 130 -21.00 -9.96 12.39
CA GLY A 130 -20.70 -10.02 13.80
C GLY A 130 -21.50 -9.05 14.62
N VAL A 131 -21.56 -9.29 15.93
CA VAL A 131 -22.23 -8.36 16.83
C VAL A 131 -21.27 -7.39 17.48
N VAL A 132 -21.60 -6.10 17.42
CA VAL A 132 -20.82 -5.03 18.08
C VAL A 132 -21.73 -4.13 18.86
N HIS A 133 -21.16 -3.39 19.81
CA HIS A 133 -21.84 -2.43 20.64
C HIS A 133 -21.74 -1.07 19.99
N LEU A 134 -22.83 -0.37 19.86
CA LEU A 134 -22.76 0.94 19.29
C LEU A 134 -23.55 1.88 20.14
N GLU A 135 -22.96 3.05 20.43
CA GLU A 135 -23.70 4.11 21.11
C GLU A 135 -24.44 4.95 20.12
N ALA A 136 -25.35 5.77 20.64
CA ALA A 136 -26.09 6.73 19.87
C ALA A 136 -25.11 7.72 19.29
N GLY A 137 -25.19 7.95 17.97
CA GLY A 137 -24.26 8.79 17.22
C GLY A 137 -23.03 8.08 16.65
N GLU A 138 -22.78 6.83 17.01
CA GLU A 138 -21.68 6.09 16.39
C GLU A 138 -22.11 5.58 15.03
N GLU A 139 -21.12 5.28 14.24
CA GLU A 139 -21.28 5.01 12.82
C GLU A 139 -20.43 3.76 12.49
N VAL A 140 -20.89 2.93 11.54
CA VAL A 140 -20.15 1.82 10.97
C VAL A 140 -20.03 2.05 9.47
N VAL A 141 -18.86 1.77 8.87
CA VAL A 141 -18.62 1.84 7.46
C VAL A 141 -17.95 0.58 6.98
N VAL A 142 -18.04 0.37 5.68
CA VAL A 142 -17.38 -0.70 4.96
C VAL A 142 -16.25 -0.17 4.11
N ARG A 143 -15.07 -0.79 4.21
CA ARG A 143 -13.98 -0.52 3.29
C ARG A 143 -13.50 -1.73 2.58
N VAL A 144 -13.03 -1.55 1.38
CA VAL A 144 -12.31 -2.56 0.67
C VAL A 144 -11.02 -1.88 0.28
N LEU A 145 -9.89 -2.52 0.48
CA LEU A 145 -8.61 -1.89 0.27
C LEU A 145 -8.43 -1.41 -1.18
N ASP A 146 -8.77 -2.28 -2.13
CA ASP A 146 -8.63 -2.02 -3.54
C ASP A 146 -9.98 -2.21 -4.27
N GLU A 147 -10.62 -1.09 -4.50
CA GLU A 147 -11.85 -1.04 -5.13
C GLU A 147 -11.86 -1.54 -6.57
N ARG A 148 -10.73 -1.65 -7.21
CA ARG A 148 -10.73 -2.15 -8.58
C ARG A 148 -11.21 -3.63 -8.70
N LEU A 149 -11.18 -4.36 -7.60
CA LEU A 149 -11.59 -5.74 -7.56
C LEU A 149 -13.13 -5.89 -7.49
N VAL A 150 -13.84 -4.83 -7.11
CA VAL A 150 -15.25 -4.88 -6.80
C VAL A 150 -16.14 -4.75 -8.06
N ARG A 151 -16.97 -5.76 -8.28
CA ARG A 151 -17.82 -5.89 -9.48
C ARG A 151 -19.26 -5.58 -9.14
N LEU A 152 -19.64 -4.31 -9.19
CA LEU A 152 -21.01 -3.89 -9.00
C LEU A 152 -21.90 -4.35 -10.15
N ARG A 153 -23.14 -4.60 -9.78
CA ARG A 153 -24.17 -5.07 -10.71
C ARG A 153 -25.45 -4.29 -10.49
N ASP A 154 -26.23 -4.65 -9.47
CA ASP A 154 -27.60 -4.10 -9.30
C ASP A 154 -28.07 -4.11 -7.86
N GLY A 155 -27.12 -4.16 -6.94
CA GLY A 155 -27.45 -4.19 -5.56
C GLY A 155 -27.65 -5.55 -4.92
N THR A 156 -27.52 -6.62 -5.67
CA THR A 156 -27.73 -7.94 -5.14
C THR A 156 -26.43 -8.59 -4.73
N ARG A 157 -25.31 -8.06 -5.23
CA ARG A 157 -24.04 -8.70 -5.00
C ARG A 157 -23.09 -8.09 -3.98
N SER A 158 -23.26 -6.81 -3.71
CA SER A 158 -22.49 -6.15 -2.70
C SER A 158 -23.44 -5.35 -1.84
N TYR A 159 -23.30 -5.40 -0.54
CA TYR A 159 -24.28 -4.75 0.35
C TYR A 159 -23.75 -4.67 1.72
N PHE A 160 -24.52 -3.97 2.59
CA PHE A 160 -24.11 -3.66 3.95
C PHE A 160 -25.35 -3.47 4.80
N GLY A 161 -25.45 -4.20 5.91
CA GLY A 161 -26.60 -4.09 6.77
C GLY A 161 -26.35 -4.19 8.26
N ALA A 162 -27.42 -4.10 9.02
CA ALA A 162 -27.38 -4.21 10.46
C ALA A 162 -28.81 -4.40 11.01
N PHE A 163 -28.91 -5.03 12.17
CA PHE A 163 -30.15 -5.04 12.92
C PHE A 163 -29.76 -5.19 14.39
N MET A 164 -30.54 -4.59 15.25
CA MET A 164 -30.26 -4.68 16.67
C MET A 164 -30.62 -6.09 17.16
N VAL A 165 -29.82 -6.63 18.03
CA VAL A 165 -30.15 -7.91 18.63
C VAL A 165 -30.30 -7.76 20.16
N GLU B 16 -36.60 -8.06 29.91
CA GLU B 16 -36.48 -8.93 28.69
C GLU B 16 -35.13 -8.71 27.98
N VAL B 17 -34.04 -9.24 28.55
CA VAL B 17 -32.67 -9.03 27.99
C VAL B 17 -32.24 -10.19 27.08
N ASN B 18 -32.07 -9.90 25.79
CA ASN B 18 -31.75 -10.93 24.80
C ASN B 18 -30.29 -11.42 24.88
N PRO B 19 -30.08 -12.71 25.14
CA PRO B 19 -28.74 -13.21 25.19
C PRO B 19 -27.95 -12.96 23.90
N ALA B 20 -26.71 -12.51 24.06
CA ALA B 20 -25.82 -12.20 22.93
C ALA B 20 -24.39 -12.25 23.41
N ALA B 21 -23.50 -12.62 22.49
CA ALA B 21 -22.07 -12.67 22.79
C ALA B 21 -21.26 -12.51 21.52
N HIS B 22 -20.05 -11.98 21.66
CA HIS B 22 -19.06 -11.92 20.61
C HIS B 22 -17.70 -12.06 21.25
N LEU B 23 -16.96 -13.10 20.81
CA LEU B 23 -15.70 -13.52 21.43
C LEU B 23 -14.67 -13.43 20.34
N THR B 24 -13.47 -13.02 20.72
CA THR B 24 -12.46 -12.61 19.76
C THR B 24 -11.18 -13.40 19.85
N GLY B 25 -10.53 -13.50 18.70
CA GLY B 25 -9.26 -14.21 18.63
C GLY B 25 -8.28 -13.70 19.68
N ALA B 26 -7.59 -14.64 20.30
CA ALA B 26 -6.59 -14.26 21.34
C ALA B 26 -5.28 -15.04 21.16
N ASN B 27 -4.22 -14.58 21.83
CA ASN B 27 -2.92 -15.30 21.75
C ASN B 27 -2.93 -16.75 22.34
N SER B 28 -3.94 -17.05 23.17
CA SER B 28 -4.15 -18.38 23.70
C SER B 28 -5.16 -19.13 22.89
N SER B 29 -5.58 -18.58 21.76
CA SER B 29 -6.70 -19.21 21.03
C SER B 29 -6.35 -20.57 20.49
N LEU B 30 -5.11 -20.76 20.10
CA LEU B 30 -4.72 -22.01 19.38
C LEU B 30 -3.92 -22.91 20.35
N THR B 31 -4.59 -23.83 21.04
CA THR B 31 -3.97 -24.62 22.09
C THR B 31 -3.08 -25.73 21.52
N GLY B 32 -3.38 -26.17 20.30
CA GLY B 32 -2.70 -27.29 19.62
C GLY B 32 -2.86 -28.65 20.30
N SER B 33 -3.91 -28.79 21.10
CA SER B 33 -4.13 -29.92 22.02
C SER B 33 -5.23 -30.92 21.56
N GLY B 34 -5.77 -30.65 20.36
CA GLY B 34 -6.93 -31.36 19.83
C GLY B 34 -8.24 -30.82 20.36
N GLY B 35 -8.18 -29.85 21.27
CA GLY B 35 -9.40 -29.31 21.89
C GLY B 35 -9.90 -28.16 21.01
N PRO B 36 -11.01 -27.52 21.40
CA PRO B 36 -11.55 -26.44 20.55
C PRO B 36 -10.68 -25.14 20.63
N LEU B 37 -10.95 -24.15 19.78
CA LEU B 37 -10.31 -22.84 19.96
C LEU B 37 -10.80 -22.19 21.20
N LEU B 38 -9.96 -21.35 21.76
CA LEU B 38 -10.30 -20.54 22.91
C LEU B 38 -10.40 -19.08 22.44
N TRP B 39 -10.99 -18.27 23.28
CA TRP B 39 -11.39 -16.93 22.90
C TRP B 39 -11.33 -16.02 24.08
N GLU B 40 -11.22 -14.75 23.76
CA GLU B 40 -11.28 -13.66 24.74
C GLU B 40 -12.71 -13.25 24.97
N THR B 41 -13.07 -12.96 26.23
CA THR B 41 -14.49 -12.72 26.55
C THR B 41 -14.83 -11.37 27.11
N GLN B 42 -13.82 -10.58 27.45
CA GLN B 42 -14.08 -9.31 28.17
C GLN B 42 -13.38 -8.14 27.56
N LEU B 43 -12.18 -8.31 27.05
CA LEU B 43 -11.37 -7.13 26.65
C LEU B 43 -11.74 -6.77 25.24
N GLY B 44 -11.56 -5.51 24.89
CA GLY B 44 -11.62 -5.10 23.51
C GLY B 44 -13.05 -5.12 23.03
N LEU B 45 -13.28 -5.85 21.96
CA LEU B 45 -14.57 -5.92 21.34
C LEU B 45 -15.34 -7.12 21.87
N ALA B 46 -14.73 -7.91 22.75
CA ALA B 46 -15.40 -9.10 23.26
C ALA B 46 -16.41 -8.76 24.34
N PHE B 47 -17.55 -9.42 24.39
CA PHE B 47 -18.47 -9.36 25.56
C PHE B 47 -19.38 -10.60 25.63
N LEU B 48 -20.03 -10.74 26.79
CA LEU B 48 -21.04 -11.74 27.06
C LEU B 48 -22.25 -11.07 27.62
N ARG B 49 -23.44 -11.35 27.12
CA ARG B 49 -24.63 -10.75 27.72
C ARG B 49 -25.63 -11.86 27.84
N GLY B 50 -25.79 -12.45 29.05
CA GLY B 50 -26.74 -13.55 29.29
C GLY B 50 -26.31 -14.88 28.73
N LEU B 51 -25.03 -15.00 28.41
CA LEU B 51 -24.40 -16.27 28.08
C LEU B 51 -23.12 -16.30 28.90
N SER B 52 -22.52 -17.48 29.09
CA SER B 52 -21.26 -17.66 29.81
C SER B 52 -20.25 -18.36 28.94
N TYR B 53 -19.07 -18.58 29.50
CA TYR B 53 -17.98 -19.19 28.76
C TYR B 53 -17.17 -20.15 29.60
N HIS B 54 -16.71 -21.25 29.01
CA HIS B 54 -15.97 -22.25 29.74
C HIS B 54 -15.11 -23.02 28.77
N ASP B 55 -13.80 -22.89 28.88
CA ASP B 55 -12.87 -23.71 28.06
C ASP B 55 -13.20 -23.73 26.57
N GLY B 56 -13.44 -22.56 26.00
CA GLY B 56 -13.62 -22.42 24.56
C GLY B 56 -15.09 -22.30 24.16
N ALA B 57 -15.99 -22.65 25.08
CA ALA B 57 -17.40 -22.84 24.77
C ALA B 57 -18.26 -21.72 25.25
N LEU B 58 -19.22 -21.34 24.40
CA LEU B 58 -20.32 -20.47 24.84
C LEU B 58 -21.31 -21.36 25.50
N VAL B 59 -21.73 -20.99 26.70
CA VAL B 59 -22.54 -21.88 27.56
C VAL B 59 -23.86 -21.20 27.68
N VAL B 60 -24.95 -21.89 27.32
CA VAL B 60 -26.31 -21.32 27.36
C VAL B 60 -26.98 -21.38 28.74
N THR B 61 -27.48 -20.25 29.17
CA THR B 61 -28.28 -20.12 30.38
C THR B 61 -29.79 -20.18 30.05
N LYS B 62 -30.22 -19.38 29.06
CA LYS B 62 -31.57 -19.31 28.60
C LYS B 62 -31.83 -20.10 27.32
N ALA B 63 -32.70 -21.10 27.44
CA ALA B 63 -32.97 -22.07 26.38
C ALA B 63 -33.70 -21.40 25.21
N GLY B 64 -33.45 -21.87 24.00
CA GLY B 64 -34.04 -21.27 22.81
C GLY B 64 -33.20 -21.45 21.55
N TYR B 65 -33.61 -20.69 20.50
CA TYR B 65 -33.01 -20.74 19.19
C TYR B 65 -31.99 -19.63 19.09
N TYR B 66 -30.77 -19.99 18.71
CA TYR B 66 -29.68 -19.02 18.61
C TYR B 66 -29.14 -19.05 17.25
N TYR B 67 -28.82 -17.86 16.75
CA TYR B 67 -28.00 -17.70 15.60
C TYR B 67 -26.62 -17.67 16.12
N ILE B 68 -25.83 -18.60 15.64
CA ILE B 68 -24.45 -18.66 16.03
C ILE B 68 -23.58 -18.42 14.77
N TYR B 69 -22.35 -17.95 15.01
CA TYR B 69 -21.48 -17.59 13.91
C TYR B 69 -20.03 -17.63 14.31
N SER B 70 -19.21 -17.93 13.33
CA SER B 70 -17.79 -17.82 13.54
C SER B 70 -17.12 -17.39 12.28
N LYS B 71 -16.08 -16.57 12.40
CA LYS B 71 -15.17 -16.29 11.29
C LYS B 71 -13.80 -16.75 11.67
N VAL B 72 -13.11 -17.49 10.82
CA VAL B 72 -11.69 -17.68 11.09
C VAL B 72 -10.85 -17.22 9.91
N GLN B 73 -9.79 -16.50 10.17
CA GLN B 73 -8.92 -16.07 9.13
C GLN B 73 -7.82 -17.13 8.97
N LEU B 74 -7.68 -17.62 7.75
CA LEU B 74 -6.72 -18.58 7.40
C LEU B 74 -5.71 -17.96 6.49
N GLY B 75 -4.52 -18.55 6.44
CA GLY B 75 -3.53 -18.09 5.53
C GLY B 75 -2.17 -18.65 5.85
N GLY B 76 -1.20 -18.33 5.00
CA GLY B 76 0.19 -18.76 5.21
C GLY B 76 1.04 -18.41 4.02
N VAL B 77 2.30 -18.76 4.12
CA VAL B 77 3.25 -18.57 3.02
C VAL B 77 3.50 -19.96 2.43
N GLY B 78 3.26 -20.13 1.15
CA GLY B 78 3.33 -21.48 0.51
C GLY B 78 2.47 -22.52 1.23
N CYS B 79 2.80 -23.82 1.01
CA CYS B 79 2.45 -24.93 1.94
C CYS B 79 3.25 -26.20 1.67
N SER B 85 -3.79 -31.25 3.91
CA SER B 85 -4.57 -30.74 2.76
C SER B 85 -5.86 -29.99 3.24
N THR B 86 -7.01 -30.66 3.28
CA THR B 86 -8.24 -29.93 3.57
C THR B 86 -8.32 -29.29 4.96
N ILE B 87 -8.82 -28.07 4.97
CA ILE B 87 -9.12 -27.37 6.15
C ILE B 87 -10.57 -27.67 6.58
N THR B 88 -10.87 -27.80 7.84
CA THR B 88 -12.25 -27.91 8.21
C THR B 88 -12.51 -26.84 9.24
N HIS B 89 -13.63 -26.15 9.10
CA HIS B 89 -14.01 -25.12 10.07
C HIS B 89 -15.44 -25.36 10.52
N GLY B 90 -15.70 -25.52 11.81
CA GLY B 90 -16.97 -26.00 12.25
C GLY B 90 -17.41 -25.40 13.55
N LEU B 91 -18.71 -25.33 13.72
CA LEU B 91 -19.29 -25.10 15.05
C LEU B 91 -19.93 -26.45 15.53
N TYR B 92 -19.72 -26.77 16.80
CA TYR B 92 -20.12 -28.06 17.42
C TYR B 92 -20.77 -27.86 18.76
N LYS B 93 -21.78 -28.68 19.02
CA LYS B 93 -22.50 -28.66 20.31
C LYS B 93 -21.96 -29.79 21.23
N ARG B 94 -21.74 -29.43 22.49
CA ARG B 94 -21.48 -30.36 23.56
C ARG B 94 -22.73 -30.31 24.44
N THR B 95 -23.29 -31.49 24.70
CA THR B 95 -24.49 -31.64 25.47
C THR B 95 -24.44 -32.87 26.38
N PRO B 96 -24.93 -32.71 27.60
CA PRO B 96 -25.00 -33.91 28.45
C PRO B 96 -25.91 -35.01 27.88
N ARG B 97 -26.60 -34.77 26.79
CA ARG B 97 -27.50 -35.73 26.25
C ARG B 97 -26.82 -36.66 25.33
N TYR B 98 -25.60 -36.39 25.00
CA TYR B 98 -24.91 -37.35 24.15
C TYR B 98 -23.42 -37.35 24.52
N PRO B 99 -22.77 -38.55 24.62
CA PRO B 99 -21.32 -38.57 25.03
C PRO B 99 -20.35 -37.90 24.03
N GLU B 100 -20.86 -37.56 22.85
CA GLU B 100 -20.06 -36.95 21.79
C GLU B 100 -20.58 -35.57 21.36
N GLU B 101 -19.66 -34.75 20.91
CA GLU B 101 -19.96 -33.51 20.21
C GLU B 101 -20.79 -33.75 18.94
N LEU B 102 -21.85 -32.97 18.78
CA LEU B 102 -22.63 -32.93 17.55
C LEU B 102 -22.15 -31.81 16.63
N GLU B 103 -21.82 -32.15 15.38
CA GLU B 103 -21.52 -31.21 14.33
C GLU B 103 -22.76 -30.40 14.07
N LEU B 104 -22.64 -29.06 14.06
CA LEU B 104 -23.77 -28.21 13.72
C LEU B 104 -23.71 -27.53 12.36
N LEU B 105 -22.63 -26.77 12.12
CA LEU B 105 -22.44 -26.00 10.89
C LEU B 105 -21.01 -26.15 10.54
N VAL B 106 -20.71 -26.64 9.35
CA VAL B 106 -19.35 -26.99 9.04
C VAL B 106 -19.01 -26.62 7.63
N SER B 107 -17.77 -26.19 7.40
CA SER B 107 -17.24 -25.89 6.07
C SER B 107 -15.88 -26.59 5.81
N GLN B 108 -15.67 -27.03 4.58
CA GLN B 108 -14.39 -27.49 4.11
C GLN B 108 -13.92 -26.54 3.05
N GLN B 109 -12.63 -26.26 3.08
CA GLN B 109 -11.97 -25.34 2.17
C GLN B 109 -10.64 -25.98 1.76
N SER B 110 -10.22 -25.80 0.50
CA SER B 110 -8.84 -26.14 0.12
C SER B 110 -7.85 -25.03 0.53
N PRO B 111 -6.70 -25.43 1.10
CA PRO B 111 -5.70 -24.41 1.40
C PRO B 111 -5.06 -23.79 0.13
N CYS B 112 -4.33 -22.70 0.33
CA CYS B 112 -3.20 -22.34 -0.56
C CYS B 112 -3.56 -21.76 -1.94
N THR B 116 0.76 -22.19 -5.62
CA THR B 116 1.70 -21.50 -4.76
C THR B 116 3.13 -21.43 -5.34
N SER B 117 3.73 -20.24 -5.19
CA SER B 117 5.17 -20.08 -4.93
C SER B 117 5.29 -20.26 -3.38
N SER B 118 6.35 -20.91 -2.92
CA SER B 118 6.60 -20.95 -1.45
C SER B 118 7.21 -19.63 -0.92
N SER B 119 7.34 -18.65 -1.83
CA SER B 119 7.51 -17.26 -1.45
C SER B 119 6.16 -16.47 -1.48
N ARG B 120 5.04 -17.14 -1.77
CA ARG B 120 3.76 -16.44 -1.99
C ARG B 120 2.82 -16.59 -0.79
N VAL B 121 2.30 -15.48 -0.30
CA VAL B 121 1.35 -15.58 0.74
C VAL B 121 -0.03 -15.83 0.13
N TRP B 122 -0.86 -16.60 0.83
CA TRP B 122 -2.30 -16.68 0.55
C TRP B 122 -3.08 -16.41 1.84
N TRP B 123 -4.32 -15.98 1.69
CA TRP B 123 -5.18 -15.61 2.78
C TRP B 123 -6.54 -16.01 2.35
N ASP B 124 -7.41 -16.31 3.30
CA ASP B 124 -8.73 -16.73 3.02
C ASP B 124 -9.49 -16.76 4.33
N SER B 125 -10.65 -16.12 4.35
CA SER B 125 -11.45 -16.05 5.52
C SER B 125 -12.60 -17.03 5.39
N SER B 126 -12.96 -17.70 6.47
CA SER B 126 -14.06 -18.63 6.45
C SER B 126 -15.15 -18.15 7.42
N PHE B 127 -16.38 -17.96 6.91
CA PHE B 127 -17.49 -17.52 7.75
C PHE B 127 -18.62 -18.55 7.72
N LEU B 128 -19.23 -18.77 8.86
CA LEU B 128 -20.33 -19.73 8.98
C LEU B 128 -21.27 -19.06 9.88
N GLY B 129 -22.54 -19.25 9.61
CA GLY B 129 -23.58 -18.84 10.56
C GLY B 129 -24.80 -19.72 10.38
N GLY B 130 -25.58 -19.81 11.45
CA GLY B 130 -26.84 -20.48 11.40
C GLY B 130 -27.62 -20.52 12.69
N VAL B 131 -28.89 -20.85 12.58
CA VAL B 131 -29.78 -20.96 13.75
C VAL B 131 -29.91 -22.39 14.24
N VAL B 132 -29.63 -22.59 15.52
CA VAL B 132 -29.68 -23.89 16.17
C VAL B 132 -30.38 -23.77 17.50
N HIS B 133 -31.00 -24.88 17.91
CA HIS B 133 -31.69 -24.97 19.19
C HIS B 133 -30.72 -25.37 20.29
N LEU B 134 -30.73 -24.66 21.40
CA LEU B 134 -29.84 -24.94 22.51
C LEU B 134 -30.58 -24.91 23.82
N GLU B 135 -30.45 -25.99 24.60
CA GLU B 135 -31.01 -26.02 25.94
C GLU B 135 -30.08 -25.38 26.90
N ALA B 136 -30.61 -24.97 28.04
CA ALA B 136 -29.79 -24.56 29.20
C ALA B 136 -28.70 -25.59 29.54
N GLY B 137 -27.48 -25.11 29.68
CA GLY B 137 -26.36 -25.98 30.03
C GLY B 137 -25.69 -26.55 28.81
N GLU B 138 -26.31 -26.52 27.62
CA GLU B 138 -25.57 -26.95 26.40
C GLU B 138 -24.57 -25.85 26.00
N GLU B 139 -23.56 -26.25 25.23
CA GLU B 139 -22.37 -25.44 24.92
C GLU B 139 -22.13 -25.50 23.42
N VAL B 140 -21.57 -24.45 22.84
CA VAL B 140 -21.12 -24.47 21.47
C VAL B 140 -19.63 -24.09 21.44
N VAL B 141 -18.86 -24.83 20.64
CA VAL B 141 -17.45 -24.53 20.42
C VAL B 141 -17.16 -24.49 18.94
N VAL B 142 -15.99 -23.91 18.65
CA VAL B 142 -15.44 -23.76 17.32
C VAL B 142 -14.18 -24.60 17.21
N ARG B 143 -14.02 -25.25 16.08
CA ARG B 143 -12.86 -26.05 15.84
C ARG B 143 -12.40 -25.80 14.45
N VAL B 144 -11.10 -25.84 14.25
CA VAL B 144 -10.52 -25.73 12.96
C VAL B 144 -9.43 -26.78 12.86
N LEU B 145 -9.41 -27.45 11.73
CA LEU B 145 -8.37 -28.44 11.45
C LEU B 145 -7.80 -28.14 10.07
N ASP B 146 -6.53 -27.76 9.90
CA ASP B 146 -5.42 -27.80 10.84
C ASP B 146 -5.25 -26.42 11.45
N GLU B 147 -5.20 -26.31 12.77
CA GLU B 147 -5.03 -25.05 13.53
C GLU B 147 -3.87 -24.12 13.12
N ARG B 148 -2.83 -24.69 12.52
CA ARG B 148 -1.70 -23.91 12.16
C ARG B 148 -1.98 -22.98 10.97
N LEU B 149 -3.08 -23.18 10.27
CA LEU B 149 -3.39 -22.31 9.18
C LEU B 149 -4.21 -21.08 9.62
N VAL B 150 -4.59 -21.04 10.90
CA VAL B 150 -5.18 -19.86 11.46
C VAL B 150 -4.14 -18.73 11.77
N ARG B 151 -4.44 -17.52 11.28
CA ARG B 151 -3.61 -16.35 11.38
C ARG B 151 -4.28 -15.34 12.30
N LEU B 152 -3.94 -15.46 13.56
CA LEU B 152 -4.39 -14.54 14.55
C LEU B 152 -3.75 -13.17 14.30
N ARG B 153 -4.50 -12.12 14.60
CA ARG B 153 -3.97 -10.78 14.61
C ARG B 153 -4.32 -9.94 15.85
N ASP B 154 -5.56 -9.49 15.96
CA ASP B 154 -5.92 -8.49 17.03
C ASP B 154 -7.39 -8.61 17.47
N GLY B 155 -8.02 -9.74 17.15
CA GLY B 155 -9.39 -9.99 17.56
C GLY B 155 -10.45 -9.67 16.54
N THR B 156 -10.03 -9.11 15.40
CA THR B 156 -10.96 -8.63 14.40
C THR B 156 -11.01 -9.60 13.26
N ARG B 157 -10.13 -10.58 13.22
CA ARG B 157 -10.08 -11.42 12.08
C ARG B 157 -10.69 -12.77 12.29
N SER B 158 -10.70 -13.20 13.53
CA SER B 158 -11.22 -14.51 13.91
C SER B 158 -12.03 -14.27 15.11
N TYR B 159 -13.24 -14.74 15.08
CA TYR B 159 -14.17 -14.46 16.16
C TYR B 159 -15.30 -15.50 16.20
N PHE B 160 -16.06 -15.46 17.30
CA PHE B 160 -17.10 -16.43 17.58
C PHE B 160 -18.21 -15.79 18.40
N GLY B 161 -19.43 -15.90 17.93
CA GLY B 161 -20.54 -15.24 18.61
C GLY B 161 -21.88 -15.91 18.39
N ALA B 162 -22.84 -15.31 19.05
CA ALA B 162 -24.22 -15.78 19.02
C ALA B 162 -25.22 -14.75 19.56
N PHE B 163 -26.48 -14.91 19.16
CA PHE B 163 -27.58 -14.27 19.79
C PHE B 163 -28.87 -15.07 19.59
N MET B 164 -29.79 -14.89 20.53
CA MET B 164 -31.02 -15.63 20.53
C MET B 164 -31.88 -14.94 19.54
N VAL B 165 -32.63 -15.70 18.76
CA VAL B 165 -33.53 -15.11 17.81
C VAL B 165 -34.97 -15.44 18.14
N VAL C 17 -44.17 -14.97 19.39
CA VAL C 17 -43.07 -15.92 19.01
C VAL C 17 -42.42 -15.35 17.76
N ASN C 18 -41.11 -15.31 17.75
CA ASN C 18 -40.42 -14.71 16.63
C ASN C 18 -40.18 -15.76 15.56
N PRO C 19 -40.72 -15.58 14.37
CA PRO C 19 -40.47 -16.59 13.38
C PRO C 19 -38.98 -16.86 13.04
N ALA C 20 -38.68 -18.12 12.74
CA ALA C 20 -37.33 -18.59 12.51
C ALA C 20 -37.40 -19.95 11.90
N ALA C 21 -36.37 -20.33 11.16
CA ALA C 21 -36.26 -21.61 10.49
C ALA C 21 -34.77 -21.89 10.13
N HIS C 22 -34.40 -23.17 10.10
CA HIS C 22 -33.13 -23.64 9.61
C HIS C 22 -33.39 -24.95 8.86
N LEU C 23 -33.12 -24.98 7.56
CA LEU C 23 -33.34 -26.15 6.76
C LEU C 23 -32.04 -26.73 6.20
N THR C 24 -31.95 -28.06 6.10
CA THR C 24 -30.68 -28.77 5.94
C THR C 24 -30.69 -29.47 4.60
N GLY C 25 -29.54 -29.52 3.97
CA GLY C 25 -29.38 -30.24 2.73
C GLY C 25 -29.77 -31.68 2.97
N ALA C 26 -30.31 -32.30 1.94
CA ALA C 26 -30.84 -33.66 2.12
C ALA C 26 -30.75 -34.43 0.82
N ASN C 27 -31.05 -35.74 0.87
CA ASN C 27 -30.75 -36.60 -0.32
C ASN C 27 -31.50 -36.12 -1.60
N SER C 28 -32.67 -35.52 -1.38
CA SER C 28 -33.46 -35.01 -2.48
C SER C 28 -33.04 -33.59 -2.85
N SER C 29 -32.12 -32.98 -2.10
CA SER C 29 -31.90 -31.52 -2.22
C SER C 29 -31.63 -31.08 -3.68
N LEU C 30 -30.99 -31.91 -4.47
CA LEU C 30 -30.70 -31.48 -5.85
C LEU C 30 -31.58 -32.25 -6.83
N THR C 31 -32.63 -31.58 -7.31
CA THR C 31 -33.54 -32.17 -8.29
C THR C 31 -32.86 -32.39 -9.67
N GLY C 32 -31.93 -31.52 -10.05
CA GLY C 32 -31.33 -31.52 -11.40
C GLY C 32 -32.36 -31.13 -12.46
N SER C 33 -33.39 -30.37 -12.07
CA SER C 33 -34.53 -30.08 -12.94
C SER C 33 -34.63 -28.61 -13.38
N GLY C 34 -33.66 -27.78 -12.98
CA GLY C 34 -33.75 -26.34 -13.21
C GLY C 34 -34.58 -25.60 -12.17
N GLY C 35 -35.22 -26.35 -11.27
CA GLY C 35 -35.88 -25.78 -10.10
C GLY C 35 -34.89 -25.55 -8.97
N PRO C 36 -35.36 -24.89 -7.89
CA PRO C 36 -34.55 -24.56 -6.73
C PRO C 36 -34.09 -25.81 -5.94
N LEU C 37 -33.22 -25.59 -4.99
CA LEU C 37 -32.76 -26.67 -4.13
C LEU C 37 -33.89 -26.97 -3.21
N LEU C 38 -34.00 -28.21 -2.78
CA LEU C 38 -34.98 -28.64 -1.75
C LEU C 38 -34.29 -28.93 -0.47
N TRP C 39 -35.04 -29.03 0.61
CA TRP C 39 -34.38 -29.14 1.89
C TRP C 39 -35.23 -29.92 2.83
N GLU C 40 -34.59 -30.35 3.92
CA GLU C 40 -35.25 -31.04 4.99
C GLU C 40 -35.77 -29.99 6.02
N THR C 41 -36.98 -30.21 6.53
CA THR C 41 -37.63 -29.31 7.42
C THR C 41 -37.88 -29.85 8.80
N GLN C 42 -37.71 -31.15 9.03
CA GLN C 42 -38.12 -31.73 10.34
C GLN C 42 -37.08 -32.57 11.01
N LEU C 43 -36.26 -33.28 10.24
CA LEU C 43 -35.25 -34.21 10.81
C LEU C 43 -33.93 -33.50 11.18
N GLY C 44 -33.29 -34.01 12.24
CA GLY C 44 -31.98 -33.55 12.70
C GLY C 44 -32.04 -32.14 13.23
N LEU C 45 -31.29 -31.26 12.56
CA LEU C 45 -31.17 -29.88 13.00
C LEU C 45 -32.25 -29.04 12.32
N ALA C 46 -32.93 -29.56 11.31
CA ALA C 46 -33.99 -28.78 10.65
C ALA C 46 -35.18 -28.46 11.57
N PHE C 47 -35.77 -27.31 11.39
CA PHE C 47 -36.99 -26.98 12.10
C PHE C 47 -37.61 -25.77 11.41
N LEU C 48 -38.92 -25.62 11.61
CA LEU C 48 -39.71 -24.45 11.28
C LEU C 48 -40.42 -23.93 12.48
N ARG C 49 -40.36 -22.64 12.71
CA ARG C 49 -41.09 -22.03 13.81
C ARG C 49 -41.75 -20.77 13.26
N GLY C 50 -43.01 -20.86 12.89
CA GLY C 50 -43.77 -19.71 12.39
C GLY C 50 -43.37 -19.40 10.94
N LEU C 51 -42.84 -20.38 10.23
CA LEU C 51 -42.66 -20.27 8.84
C LEU C 51 -43.10 -21.61 8.29
N SER C 52 -43.33 -21.68 7.02
CA SER C 52 -43.79 -22.91 6.40
C SER C 52 -42.85 -23.14 5.30
N TYR C 53 -43.05 -24.23 4.60
CA TYR C 53 -42.17 -24.65 3.55
C TYR C 53 -42.99 -25.21 2.46
N HIS C 54 -42.55 -25.06 1.21
CA HIS C 54 -43.29 -25.53 0.04
C HIS C 54 -42.34 -25.71 -1.16
N ASP C 55 -42.06 -26.93 -1.58
CA ASP C 55 -41.20 -27.16 -2.80
C ASP C 55 -39.91 -26.29 -2.80
N GLY C 56 -39.16 -26.31 -1.72
CA GLY C 56 -37.86 -25.68 -1.72
C GLY C 56 -37.98 -24.33 -1.11
N ALA C 57 -39.22 -23.81 -1.04
CA ALA C 57 -39.37 -22.44 -0.55
C ALA C 57 -39.66 -22.37 0.92
N LEU C 58 -39.00 -21.46 1.64
CA LEU C 58 -39.50 -20.98 2.91
C LEU C 58 -40.65 -19.99 2.62
N VAL C 59 -41.78 -20.17 3.30
CA VAL C 59 -42.99 -19.44 3.02
C VAL C 59 -43.30 -18.63 4.25
N VAL C 60 -43.43 -17.32 4.05
CA VAL C 60 -43.69 -16.40 5.13
C VAL C 60 -45.17 -16.30 5.45
N THR C 61 -45.48 -16.12 6.73
CA THR C 61 -46.83 -16.05 7.28
C THR C 61 -47.03 -14.64 7.83
N LYS C 62 -46.08 -14.20 8.63
CA LYS C 62 -46.10 -12.93 9.26
C LYS C 62 -45.09 -11.99 8.56
N ALA C 63 -45.62 -10.91 8.05
CA ALA C 63 -44.93 -10.05 7.17
C ALA C 63 -43.96 -9.24 7.93
N GLY C 64 -42.85 -8.91 7.30
CA GLY C 64 -41.89 -7.98 7.98
C GLY C 64 -40.49 -8.22 7.42
N TYR C 65 -39.47 -7.79 8.18
CA TYR C 65 -38.10 -7.87 7.77
C TYR C 65 -37.45 -9.13 8.34
N TYR C 66 -36.83 -9.91 7.46
CA TYR C 66 -36.16 -11.14 7.82
C TYR C 66 -34.69 -11.12 7.44
N TYR C 67 -33.81 -11.58 8.34
CA TYR C 67 -32.48 -12.00 7.92
C TYR C 67 -32.55 -13.40 7.37
N ILE C 68 -32.23 -13.55 6.09
CA ILE C 68 -32.21 -14.82 5.44
C ILE C 68 -30.76 -15.23 5.18
N TYR C 69 -30.49 -16.52 5.23
CA TYR C 69 -29.14 -16.97 4.97
C TYR C 69 -29.10 -18.33 4.31
N SER C 70 -28.01 -18.60 3.64
CA SER C 70 -27.76 -19.92 3.12
C SER C 70 -26.26 -20.21 2.97
N LYS C 71 -25.89 -21.45 3.25
CA LYS C 71 -24.59 -21.92 3.00
C LYS C 71 -24.69 -23.09 2.08
N VAL C 72 -23.79 -23.15 1.11
CA VAL C 72 -23.68 -24.30 0.26
C VAL C 72 -22.23 -24.75 0.17
N GLN C 73 -22.00 -26.04 0.38
CA GLN C 73 -20.70 -26.62 0.28
C GLN C 73 -20.46 -27.09 -1.13
N LEU C 74 -19.45 -26.54 -1.76
CA LEU C 74 -19.06 -26.83 -3.11
C LEU C 74 -17.75 -27.62 -3.09
N GLY C 75 -17.51 -28.35 -4.18
CA GLY C 75 -16.42 -29.30 -4.20
C GLY C 75 -16.51 -30.20 -5.40
N GLY C 76 -15.43 -30.92 -5.66
CA GLY C 76 -15.32 -31.72 -6.87
C GLY C 76 -14.02 -32.48 -6.93
N VAL C 77 -13.98 -33.51 -7.77
CA VAL C 77 -12.72 -34.18 -8.14
C VAL C 77 -12.38 -33.61 -9.51
N GLY C 78 -11.30 -32.88 -9.61
CA GLY C 78 -11.04 -32.06 -10.79
C GLY C 78 -12.21 -31.22 -11.27
N CYS C 79 -12.16 -30.95 -12.58
CA CYS C 79 -13.16 -30.18 -13.34
C CYS C 79 -13.34 -30.73 -14.78
N THR C 86 -18.10 -20.96 -13.63
CA THR C 86 -18.74 -19.97 -12.75
C THR C 86 -20.03 -20.44 -11.97
N ILE C 87 -19.85 -20.71 -10.71
CA ILE C 87 -20.94 -20.94 -9.80
C ILE C 87 -21.61 -19.62 -9.38
N THR C 88 -22.92 -19.52 -9.61
CA THR C 88 -23.74 -18.59 -8.89
C THR C 88 -24.55 -19.30 -7.77
N HIS C 89 -24.60 -18.65 -6.62
CA HIS C 89 -25.30 -19.12 -5.45
C HIS C 89 -26.11 -17.96 -4.99
N GLY C 90 -27.39 -18.22 -4.86
CA GLY C 90 -28.33 -17.12 -4.71
C GLY C 90 -29.52 -17.43 -3.88
N LEU C 91 -30.06 -16.37 -3.28
CA LEU C 91 -31.34 -16.36 -2.67
C LEU C 91 -32.32 -15.48 -3.48
N TYR C 92 -33.56 -15.98 -3.66
CA TYR C 92 -34.53 -15.47 -4.59
C TYR C 92 -35.93 -15.40 -3.99
N LYS C 93 -36.72 -14.41 -4.42
CA LYS C 93 -38.07 -14.19 -3.90
C LYS C 93 -39.09 -14.65 -4.95
N ARG C 94 -40.05 -15.50 -4.55
CA ARG C 94 -41.22 -15.77 -5.41
C ARG C 94 -42.46 -15.16 -4.75
N THR C 95 -43.22 -14.44 -5.54
CA THR C 95 -44.32 -13.64 -5.02
C THR C 95 -45.33 -13.54 -6.13
N PRO C 96 -46.64 -13.58 -5.78
CA PRO C 96 -47.65 -13.32 -6.82
C PRO C 96 -47.63 -11.85 -7.19
N ARG C 97 -46.78 -11.04 -6.56
CA ARG C 97 -46.64 -9.64 -7.02
C ARG C 97 -45.81 -9.51 -8.30
N TYR C 98 -45.22 -10.57 -8.83
CA TYR C 98 -44.41 -10.45 -10.04
C TYR C 98 -44.24 -11.78 -10.67
N PRO C 99 -44.24 -11.88 -11.98
CA PRO C 99 -44.26 -13.26 -12.53
C PRO C 99 -42.90 -13.90 -12.67
N GLU C 100 -41.83 -13.20 -12.33
CA GLU C 100 -40.53 -13.86 -12.26
C GLU C 100 -40.03 -13.86 -10.84
N GLU C 101 -39.15 -14.78 -10.52
CA GLU C 101 -38.31 -14.67 -9.31
C GLU C 101 -37.50 -13.42 -9.27
N LEU C 102 -37.37 -12.84 -8.11
CA LEU C 102 -36.52 -11.69 -7.90
C LEU C 102 -35.25 -12.03 -7.10
N GLU C 103 -34.11 -11.64 -7.63
CA GLU C 103 -32.86 -11.85 -6.98
C GLU C 103 -32.82 -10.96 -5.74
N LEU C 104 -32.45 -11.54 -4.62
CA LEU C 104 -32.26 -10.81 -3.38
C LEU C 104 -30.77 -10.65 -3.04
N LEU C 105 -30.05 -11.80 -2.93
CA LEU C 105 -28.68 -11.87 -2.52
C LEU C 105 -28.01 -12.95 -3.30
N VAL C 106 -26.95 -12.61 -4.03
CA VAL C 106 -26.35 -13.50 -4.96
C VAL C 106 -24.83 -13.40 -4.89
N SER C 107 -24.16 -14.54 -4.99
CA SER C 107 -22.73 -14.60 -5.03
C SER C 107 -22.24 -15.35 -6.27
N GLN C 108 -21.12 -14.89 -6.81
CA GLN C 108 -20.40 -15.64 -7.82
C GLN C 108 -19.03 -16.06 -7.33
N GLN C 109 -18.68 -17.29 -7.69
CA GLN C 109 -17.46 -17.96 -7.29
C GLN C 109 -16.90 -18.68 -8.51
N SER C 110 -15.60 -18.63 -8.68
CA SER C 110 -14.84 -19.44 -9.64
C SER C 110 -14.35 -20.69 -8.93
N PRO C 111 -14.94 -21.81 -9.24
CA PRO C 111 -14.64 -22.94 -8.39
C PRO C 111 -13.18 -23.46 -8.44
N CYS C 112 -12.79 -23.86 -9.64
CA CYS C 112 -12.04 -25.12 -9.85
C CYS C 112 -10.56 -24.99 -9.51
N SER C 118 -6.72 -29.04 -12.73
CA SER C 118 -7.23 -30.22 -13.43
C SER C 118 -6.79 -31.47 -12.65
N SER C 119 -7.74 -32.38 -12.36
CA SER C 119 -7.46 -33.66 -11.62
C SER C 119 -7.33 -33.60 -10.06
N ARG C 120 -7.25 -32.40 -9.48
CA ARG C 120 -7.17 -32.24 -8.02
C ARG C 120 -8.54 -32.22 -7.38
N VAL C 121 -8.59 -32.63 -6.14
CA VAL C 121 -9.74 -32.47 -5.30
C VAL C 121 -9.79 -31.06 -4.72
N TRP C 122 -10.96 -30.43 -4.69
CA TRP C 122 -11.11 -29.06 -4.13
C TRP C 122 -12.42 -28.92 -3.37
N TRP C 123 -12.44 -28.01 -2.42
CA TRP C 123 -13.62 -27.69 -1.68
C TRP C 123 -13.65 -26.23 -1.46
N ASP C 124 -14.85 -25.67 -1.37
CA ASP C 124 -15.08 -24.29 -1.04
C ASP C 124 -16.52 -24.12 -0.59
N SER C 125 -16.71 -23.30 0.40
CA SER C 125 -18.02 -23.07 0.97
C SER C 125 -18.45 -21.66 0.61
N SER C 126 -19.72 -21.48 0.20
CA SER C 126 -20.29 -20.16 -0.10
C SER C 126 -21.36 -19.80 0.91
N PHE C 127 -21.19 -18.66 1.53
CA PHE C 127 -22.12 -18.18 2.53
C PHE C 127 -22.67 -16.83 2.18
N LEU C 128 -23.98 -16.64 2.34
CA LEU C 128 -24.56 -15.31 2.31
C LEU C 128 -25.71 -15.14 3.24
N GLY C 129 -25.97 -13.88 3.55
CA GLY C 129 -27.01 -13.48 4.41
C GLY C 129 -27.32 -12.03 4.14
N GLY C 130 -28.46 -11.61 4.60
CA GLY C 130 -28.95 -10.25 4.45
C GLY C 130 -30.41 -10.11 4.89
N VAL C 131 -30.80 -8.88 5.24
CA VAL C 131 -32.10 -8.50 5.59
C VAL C 131 -32.96 -8.06 4.41
N VAL C 132 -34.10 -8.73 4.24
CA VAL C 132 -35.10 -8.41 3.25
C VAL C 132 -36.54 -8.33 3.82
N HIS C 133 -37.38 -7.58 3.12
CA HIS C 133 -38.76 -7.43 3.47
C HIS C 133 -39.59 -8.46 2.78
N LEU C 134 -40.37 -9.20 3.54
CA LEU C 134 -41.18 -10.24 2.98
C LEU C 134 -42.61 -10.03 3.44
N GLU C 135 -43.55 -10.14 2.49
CA GLU C 135 -44.99 -10.08 2.82
C GLU C 135 -45.57 -11.44 3.10
N ALA C 136 -46.71 -11.49 3.77
CA ALA C 136 -47.41 -12.78 3.97
C ALA C 136 -47.64 -13.48 2.64
N GLY C 137 -47.33 -14.78 2.59
CA GLY C 137 -47.51 -15.58 1.40
C GLY C 137 -46.32 -15.60 0.47
N GLU C 138 -45.35 -14.73 0.70
CA GLU C 138 -44.20 -14.68 -0.18
C GLU C 138 -43.18 -15.75 0.24
N GLU C 139 -42.37 -16.18 -0.73
CA GLU C 139 -41.44 -17.30 -0.63
C GLU C 139 -40.01 -16.93 -0.98
N VAL C 140 -39.06 -17.59 -0.35
CA VAL C 140 -37.64 -17.43 -0.67
C VAL C 140 -37.08 -18.82 -0.96
N VAL C 141 -36.27 -18.91 -2.00
CA VAL C 141 -35.63 -20.16 -2.37
C VAL C 141 -34.13 -19.92 -2.61
N VAL C 142 -33.39 -21.00 -2.74
CA VAL C 142 -32.00 -20.98 -2.95
C VAL C 142 -31.74 -21.70 -4.26
N ARG C 143 -30.89 -21.13 -5.11
CA ARG C 143 -30.41 -21.79 -6.33
C ARG C 143 -28.93 -21.73 -6.39
N VAL C 144 -28.39 -22.75 -7.00
CA VAL C 144 -26.99 -22.92 -7.28
C VAL C 144 -26.88 -23.42 -8.70
N LEU C 145 -26.06 -22.75 -9.50
CA LEU C 145 -25.73 -23.17 -10.85
C LEU C 145 -24.23 -23.15 -10.97
N ASP C 146 -23.55 -24.26 -11.23
CA ASP C 146 -24.07 -25.57 -11.58
C ASP C 146 -24.29 -26.43 -10.31
N GLU C 147 -25.53 -26.92 -10.14
CA GLU C 147 -25.92 -27.87 -9.03
C GLU C 147 -25.01 -29.06 -8.83
N ARG C 148 -24.34 -29.52 -9.88
CA ARG C 148 -23.43 -30.63 -9.72
C ARG C 148 -22.30 -30.38 -8.73
N LEU C 149 -22.00 -29.11 -8.45
CA LEU C 149 -20.85 -28.75 -7.62
C LEU C 149 -21.15 -28.78 -6.13
N VAL C 150 -22.42 -28.97 -5.79
CA VAL C 150 -22.85 -29.02 -4.41
C VAL C 150 -22.51 -30.40 -3.84
N ARG C 151 -21.83 -30.45 -2.71
CA ARG C 151 -21.40 -31.69 -2.08
C ARG C 151 -22.15 -31.88 -0.82
N LEU C 152 -23.22 -32.65 -0.91
CA LEU C 152 -24.12 -32.90 0.21
C LEU C 152 -23.46 -33.91 1.11
N ARG C 153 -23.70 -33.78 2.38
CA ARG C 153 -23.13 -34.73 3.26
C ARG C 153 -24.16 -35.18 4.27
N ASP C 154 -24.45 -34.37 5.27
CA ASP C 154 -25.36 -34.81 6.35
C ASP C 154 -26.20 -33.69 6.89
N GLY C 155 -26.34 -32.59 6.12
CA GLY C 155 -27.11 -31.44 6.56
C GLY C 155 -26.35 -30.36 7.33
N THR C 156 -25.09 -30.63 7.64
CA THR C 156 -24.27 -29.67 8.38
C THR C 156 -23.51 -28.69 7.46
N ARG C 157 -23.49 -28.93 6.17
CA ARG C 157 -22.64 -28.18 5.27
C ARG C 157 -23.37 -27.36 4.26
N SER C 158 -24.60 -27.74 3.91
CA SER C 158 -25.45 -26.89 3.07
C SER C 158 -26.77 -26.74 3.78
N TYR C 159 -27.18 -25.52 4.00
CA TYR C 159 -28.40 -25.23 4.68
C TYR C 159 -28.97 -23.87 4.26
N PHE C 160 -30.14 -23.57 4.80
CA PHE C 160 -30.92 -22.42 4.40
C PHE C 160 -31.85 -22.04 5.55
N GLY C 161 -31.80 -20.80 5.97
CA GLY C 161 -32.59 -20.40 7.11
C GLY C 161 -32.96 -18.94 7.13
N ALA C 162 -33.72 -18.53 8.14
CA ALA C 162 -34.19 -17.18 8.25
C ALA C 162 -34.67 -16.88 9.61
N PHE C 163 -34.72 -15.63 9.99
CA PHE C 163 -35.49 -15.28 11.15
C PHE C 163 -35.89 -13.85 11.05
N MET C 164 -36.97 -13.48 11.67
CA MET C 164 -37.46 -12.12 11.67
C MET C 164 -36.63 -11.25 12.57
N VAL C 165 -36.35 -10.03 12.13
CA VAL C 165 -35.65 -9.05 12.91
C VAL C 165 -36.45 -7.78 13.09
N SER D 2 -22.65 19.94 9.38
CA SER D 2 -22.40 19.24 10.67
C SER D 2 -23.38 19.57 11.80
N LEU D 3 -23.07 18.97 12.95
CA LEU D 3 -23.81 19.17 14.16
C LEU D 3 -22.92 19.81 15.29
N PRO D 4 -23.57 20.34 16.31
CA PRO D 4 -22.76 20.89 17.37
C PRO D 4 -21.97 19.78 18.06
N SER D 5 -20.72 20.06 18.37
CA SER D 5 -19.79 19.04 18.81
C SER D 5 -19.00 19.50 19.99
N CYS D 6 -18.29 18.53 20.59
CA CYS D 6 -17.43 18.80 21.70
C CYS D 6 -16.09 19.28 21.22
N LYS D 7 -15.40 19.96 22.10
CA LYS D 7 -14.03 20.33 21.84
C LYS D 7 -13.12 19.10 21.75
N GLU D 8 -11.94 19.28 21.16
CA GLU D 8 -11.00 18.20 20.86
C GLU D 8 -10.65 17.35 22.05
N ASP D 9 -10.53 17.96 23.23
CA ASP D 9 -10.17 17.23 24.42
C ASP D 9 -11.42 16.78 25.20
N GLU D 10 -12.56 16.67 24.52
CA GLU D 10 -13.75 16.15 25.18
C GLU D 10 -14.48 15.20 24.30
N TYR D 11 -15.47 14.50 24.86
CA TYR D 11 -16.31 13.61 24.10
C TYR D 11 -17.73 13.67 24.66
N PRO D 12 -18.71 13.19 23.89
CA PRO D 12 -20.09 13.37 24.34
C PRO D 12 -20.59 12.29 25.29
N VAL D 13 -21.27 12.74 26.34
CA VAL D 13 -21.96 11.88 27.30
C VAL D 13 -23.38 12.43 27.34
N GLY D 14 -24.33 11.63 26.90
CA GLY D 14 -25.68 12.13 26.72
C GLY D 14 -25.71 13.35 25.82
N SER D 15 -26.22 14.46 26.34
CA SER D 15 -26.32 15.68 25.53
C SER D 15 -25.27 16.66 25.98
N GLU D 16 -24.34 16.19 26.81
CA GLU D 16 -23.25 17.04 27.25
C GLU D 16 -21.89 16.55 26.79
N CYS D 17 -20.84 17.16 27.31
CA CYS D 17 -19.48 16.86 26.99
C CYS D 17 -18.69 16.69 28.23
N CYS D 18 -17.82 15.68 28.29
CA CYS D 18 -17.00 15.37 29.42
C CYS D 18 -15.57 15.33 28.89
N PRO D 19 -14.56 15.64 29.72
CA PRO D 19 -13.16 15.58 29.32
C PRO D 19 -12.69 14.17 28.97
N LYS D 20 -11.80 14.09 28.00
CA LYS D 20 -11.24 12.86 27.55
C LYS D 20 -10.14 12.45 28.52
N CYS D 21 -9.89 11.17 28.52
CA CYS D 21 -8.80 10.51 29.19
C CYS D 21 -7.50 10.59 28.33
N SER D 22 -6.38 10.62 29.00
CA SER D 22 -5.11 10.52 28.38
C SER D 22 -4.86 9.24 27.56
N PRO D 23 -3.92 9.29 26.61
CA PRO D 23 -3.42 8.06 26.01
C PRO D 23 -2.99 7.06 27.06
N GLY D 24 -3.27 5.78 26.84
CA GLY D 24 -3.01 4.74 27.81
C GLY D 24 -4.11 4.47 28.81
N TYR D 25 -5.16 5.25 28.78
CA TYR D 25 -6.22 5.14 29.77
C TYR D 25 -7.57 5.10 29.08
N ARG D 26 -8.49 4.32 29.62
CA ARG D 26 -9.82 4.32 29.15
C ARG D 26 -10.73 4.96 30.20
N VAL D 27 -11.93 5.32 29.77
CA VAL D 27 -12.94 5.81 30.66
C VAL D 27 -13.48 4.70 31.60
N LYS D 28 -13.36 4.92 32.90
CA LYS D 28 -13.98 4.01 33.87
C LYS D 28 -15.31 4.52 34.35
N GLU D 29 -15.41 5.82 34.50
CA GLU D 29 -16.61 6.46 34.91
C GLU D 29 -16.70 7.79 34.23
N ALA D 30 -17.85 8.03 33.61
CA ALA D 30 -18.11 9.29 32.96
C ALA D 30 -18.25 10.42 33.95
N CYS D 31 -18.04 11.63 33.45
CA CYS D 31 -18.11 12.82 34.28
C CYS D 31 -19.56 13.19 34.59
N GLY D 32 -19.74 13.71 35.81
CA GLY D 32 -20.95 14.46 36.18
C GLY D 32 -20.62 15.93 36.22
N GLU D 33 -21.51 16.74 36.81
CA GLU D 33 -21.39 18.23 36.84
C GLU D 33 -20.22 18.68 37.71
N LEU D 34 -20.17 18.07 38.90
CA LEU D 34 -19.16 18.33 39.92
C LEU D 34 -17.92 17.48 39.71
N THR D 35 -18.17 16.23 39.29
CA THR D 35 -17.17 15.17 39.24
C THR D 35 -16.57 15.04 37.81
N GLY D 36 -15.25 15.09 37.73
CA GLY D 36 -14.55 14.81 36.48
C GLY D 36 -14.66 13.37 35.94
N THR D 37 -14.11 13.20 34.75
CA THR D 37 -13.96 11.89 34.15
C THR D 37 -12.99 11.03 34.98
N VAL D 38 -13.43 9.82 35.28
CA VAL D 38 -12.58 8.90 35.98
C VAL D 38 -12.02 7.94 34.93
N CYS D 39 -10.69 7.85 34.92
CA CYS D 39 -9.96 7.04 33.95
C CYS D 39 -9.19 5.87 34.59
N GLU D 40 -8.82 4.88 33.79
CA GLU D 40 -8.06 3.78 34.31
C GLU D 40 -7.19 3.22 33.22
N PRO D 41 -6.03 2.71 33.60
CA PRO D 41 -4.99 2.33 32.68
C PRO D 41 -5.42 1.10 31.88
N CYS D 42 -5.07 1.06 30.60
CA CYS D 42 -5.35 -0.11 29.72
C CYS D 42 -4.63 -1.31 30.25
N PRO D 43 -5.30 -2.48 30.24
CA PRO D 43 -4.64 -3.69 30.71
C PRO D 43 -3.60 -4.09 29.72
N PRO D 44 -2.65 -4.92 30.14
CA PRO D 44 -1.64 -5.51 29.25
C PRO D 44 -2.29 -6.24 28.10
N GLY D 45 -1.67 -6.17 26.93
CA GLY D 45 -2.31 -6.64 25.67
C GLY D 45 -3.24 -5.63 24.99
N THR D 46 -3.35 -4.41 25.54
CA THR D 46 -4.22 -3.41 24.95
C THR D 46 -3.57 -2.04 24.98
N TYR D 47 -4.11 -1.14 24.18
CA TYR D 47 -3.56 0.18 24.07
C TYR D 47 -4.59 1.18 23.66
N ILE D 48 -4.31 2.44 23.93
CA ILE D 48 -5.05 3.53 23.37
C ILE D 48 -4.03 4.65 23.15
N ALA D 49 -3.93 5.06 21.90
CA ALA D 49 -2.89 6.00 21.50
C ALA D 49 -3.21 7.48 21.55
N HIS D 50 -4.46 7.90 21.75
CA HIS D 50 -4.78 9.29 21.78
C HIS D 50 -5.66 9.60 22.97
N LEU D 51 -5.87 10.89 23.21
CA LEU D 51 -6.90 11.31 24.12
C LEU D 51 -8.13 10.63 23.56
N ASN D 52 -8.96 10.17 24.47
CA ASN D 52 -10.03 9.35 24.11
C ASN D 52 -11.15 9.36 25.11
N GLY D 53 -12.31 8.94 24.61
CA GLY D 53 -13.48 8.68 25.46
C GLY D 53 -13.95 7.23 25.37
N LEU D 54 -13.02 6.33 25.12
CA LEU D 54 -13.37 4.93 24.96
C LEU D 54 -13.60 4.21 26.30
N SER D 55 -14.61 3.34 26.35
CA SER D 55 -14.82 2.44 27.49
C SER D 55 -13.97 1.18 27.48
N LYS D 56 -13.41 0.84 26.30
CA LYS D 56 -12.60 -0.38 26.11
C LYS D 56 -11.35 -0.03 25.35
N CYS D 57 -10.22 -0.58 25.75
CA CYS D 57 -8.98 -0.36 25.09
C CYS D 57 -8.94 -1.14 23.70
N LEU D 58 -8.00 -0.79 22.85
CA LEU D 58 -7.86 -1.44 21.61
C LEU D 58 -7.00 -2.59 21.82
N GLN D 59 -7.32 -3.73 21.26
CA GLN D 59 -6.39 -4.87 21.37
C GLN D 59 -5.09 -4.69 20.53
N CYS D 60 -3.96 -5.06 21.12
CA CYS D 60 -2.67 -5.01 20.44
C CYS D 60 -2.59 -6.16 19.44
N GLN D 61 -1.91 -5.95 18.35
CA GLN D 61 -1.74 -6.98 17.40
C GLN D 61 -0.61 -7.91 17.84
N MET D 62 -0.73 -9.19 17.49
CA MET D 62 0.31 -10.15 17.66
C MET D 62 1.21 -10.24 16.41
N CYS D 63 2.47 -10.54 16.63
CA CYS D 63 3.42 -10.76 15.58
C CYS D 63 3.71 -12.28 15.51
N ASP D 64 3.29 -12.93 14.43
CA ASP D 64 3.27 -14.36 14.26
C ASP D 64 4.58 -14.97 13.81
N PRO D 65 5.26 -15.64 14.74
CA PRO D 65 6.55 -16.30 14.35
C PRO D 65 6.39 -17.29 13.23
N ALA D 66 5.21 -17.89 13.10
CA ALA D 66 5.04 -18.85 12.00
C ALA D 66 4.99 -18.09 10.69
N MET D 67 4.81 -16.78 10.71
CA MET D 67 4.96 -15.96 9.48
C MET D 67 6.36 -15.31 9.39
N GLY D 68 7.29 -15.73 10.27
CA GLY D 68 8.67 -15.26 10.22
C GLY D 68 8.83 -13.93 10.90
N LEU D 69 7.89 -13.57 11.74
CA LEU D 69 7.88 -12.29 12.40
C LEU D 69 8.01 -12.31 13.90
N ARG D 70 8.48 -11.19 14.44
CA ARG D 70 8.48 -10.91 15.89
C ARG D 70 8.21 -9.44 16.10
N ALA D 71 7.81 -9.06 17.31
CA ALA D 71 7.59 -7.66 17.61
C ALA D 71 8.93 -6.91 17.56
N SER D 72 9.13 -5.98 16.63
CA SER D 72 10.24 -5.01 16.76
C SER D 72 9.97 -3.90 17.79
N ARG D 73 8.70 -3.62 18.04
CA ARG D 73 8.27 -2.81 19.17
C ARG D 73 7.09 -3.49 19.90
N ASN D 74 7.26 -3.68 21.19
CA ASN D 74 6.28 -4.35 21.99
C ASN D 74 5.08 -3.46 22.15
N CYS D 75 3.92 -4.07 22.31
CA CYS D 75 2.69 -3.46 22.76
C CYS D 75 2.98 -2.68 24.04
N SER D 76 2.40 -1.50 24.20
CA SER D 76 2.44 -0.79 25.45
C SER D 76 1.11 -0.08 25.59
N ARG D 77 0.90 0.58 26.71
CA ARG D 77 -0.37 1.17 26.96
C ARG D 77 -0.77 2.24 25.94
N THR D 78 0.21 2.93 25.41
CA THR D 78 -0.08 4.05 24.52
C THR D 78 0.25 3.75 23.05
N GLU D 79 0.65 2.52 22.75
CA GLU D 79 1.14 2.18 21.43
C GLU D 79 0.98 0.72 21.07
N ASN D 80 0.57 0.50 19.84
CA ASN D 80 0.43 -0.85 19.36
C ASN D 80 1.78 -1.50 19.15
N ALA D 81 1.84 -2.80 19.26
CA ALA D 81 3.02 -3.55 18.77
C ALA D 81 3.25 -3.30 17.29
N VAL D 82 4.51 -3.40 16.85
CA VAL D 82 4.87 -3.37 15.42
C VAL D 82 5.72 -4.59 15.11
N CYS D 83 5.56 -5.14 13.91
CA CYS D 83 6.13 -6.40 13.59
C CYS D 83 7.32 -6.22 12.74
N GLY D 84 8.35 -7.05 12.89
CA GLY D 84 9.52 -7.08 11.99
C GLY D 84 9.95 -8.51 11.83
N CYS D 85 10.98 -8.72 11.04
CA CYS D 85 11.48 -10.04 10.83
C CYS D 85 12.11 -10.65 12.10
N SER D 86 11.86 -11.93 12.33
CA SER D 86 12.66 -12.74 13.22
C SER D 86 14.10 -12.82 12.74
N PRO D 87 15.04 -13.00 13.67
CA PRO D 87 16.41 -13.27 13.34
C PRO D 87 16.55 -14.36 12.33
N GLY D 88 17.51 -14.23 11.45
CA GLY D 88 17.72 -15.26 10.41
C GLY D 88 16.58 -15.35 9.39
N HIS D 89 15.83 -14.28 9.21
CA HIS D 89 14.75 -14.25 8.25
C HIS D 89 14.84 -12.92 7.47
N PHE D 90 14.37 -12.91 6.22
CA PHE D 90 14.25 -11.68 5.48
C PHE D 90 12.84 -11.51 4.95
N CYS D 91 12.43 -10.27 4.79
CA CYS D 91 11.08 -9.92 4.29
C CYS D 91 10.82 -10.38 2.90
N ILE D 92 9.75 -11.13 2.72
CA ILE D 92 9.29 -11.53 1.43
C ILE D 92 7.88 -11.05 1.06
N VAL D 93 7.10 -10.58 2.02
CA VAL D 93 5.78 -10.11 1.70
C VAL D 93 5.56 -8.79 2.38
N GLN D 94 4.97 -7.88 1.63
CA GLN D 94 4.71 -6.56 2.02
C GLN D 94 3.20 -6.32 2.09
N ASP D 95 2.81 -5.60 3.14
CA ASP D 95 1.49 -5.02 3.32
C ASP D 95 1.62 -3.47 3.45
N GLY D 96 1.50 -2.80 2.32
CA GLY D 96 1.65 -1.34 2.29
C GLY D 96 3.11 -0.94 2.59
N ASP D 97 3.33 -0.24 3.70
CA ASP D 97 4.65 0.22 4.10
C ASP D 97 5.41 -0.77 5.04
N HIS D 98 4.84 -1.93 5.34
CA HIS D 98 5.48 -2.79 6.34
C HIS D 98 5.43 -4.27 5.93
N CYS D 99 6.27 -5.05 6.59
CA CYS D 99 6.48 -6.40 6.26
C CYS D 99 5.35 -7.29 6.82
N ALA D 100 4.82 -8.22 6.01
CA ALA D 100 3.79 -9.16 6.47
C ALA D 100 4.33 -10.60 6.61
N ALA D 101 5.48 -10.91 6.03
CA ALA D 101 6.06 -12.26 6.21
C ALA D 101 7.51 -12.28 5.85
N CYS D 102 8.29 -13.10 6.57
CA CYS D 102 9.71 -13.27 6.34
C CYS D 102 10.08 -14.74 6.12
N ARG D 103 11.11 -15.00 5.35
CA ARG D 103 11.55 -16.35 5.05
C ARG D 103 12.86 -16.57 5.74
N ALA D 104 13.02 -17.75 6.31
CA ALA D 104 14.27 -18.15 6.95
C ALA D 104 15.34 -18.26 5.90
N TYR D 105 16.57 -17.90 6.22
CA TYR D 105 17.72 -18.31 5.36
C TYR D 105 17.78 -19.82 5.08
N ALA D 106 18.04 -20.16 3.81
CA ALA D 106 18.36 -21.52 3.31
C ALA D 106 19.64 -22.13 3.92
N ARG E 1 -13.00 -34.19 47.16
CA ARG E 1 -14.35 -33.59 47.01
C ARG E 1 -14.74 -33.55 45.52
N SER E 2 -15.33 -34.66 45.06
CA SER E 2 -16.03 -34.76 43.79
C SER E 2 -17.48 -34.31 43.94
N LEU E 3 -18.18 -34.07 42.83
CA LEU E 3 -19.59 -33.50 42.85
C LEU E 3 -20.62 -34.49 42.34
N PRO E 4 -21.88 -34.35 42.82
CA PRO E 4 -22.87 -35.30 42.33
C PRO E 4 -23.19 -35.08 40.85
N SER E 5 -23.82 -36.09 40.24
CA SER E 5 -23.99 -36.05 38.78
C SER E 5 -24.93 -37.16 38.25
N CYS E 6 -25.52 -36.99 37.05
CA CYS E 6 -26.45 -37.99 36.51
C CYS E 6 -25.57 -39.19 36.43
N LYS E 7 -26.14 -40.37 36.47
CA LYS E 7 -25.36 -41.52 36.10
C LYS E 7 -25.12 -41.58 34.60
N GLU E 8 -24.19 -42.45 34.27
CA GLU E 8 -23.70 -42.64 32.94
C GLU E 8 -24.87 -42.86 32.01
N ASP E 9 -25.86 -43.60 32.49
CA ASP E 9 -26.97 -43.99 31.62
C ASP E 9 -28.22 -43.10 31.85
N GLU E 10 -28.04 -41.94 32.47
CA GLU E 10 -29.14 -41.03 32.71
C GLU E 10 -28.75 -39.69 32.09
N TYR E 11 -29.67 -38.76 32.01
CA TYR E 11 -29.35 -37.47 31.45
C TYR E 11 -30.10 -36.40 32.18
N PRO E 12 -29.54 -35.20 32.18
CA PRO E 12 -30.13 -34.14 33.00
C PRO E 12 -31.46 -33.64 32.44
N VAL E 13 -32.46 -33.53 33.30
CA VAL E 13 -33.71 -32.86 32.98
C VAL E 13 -34.04 -31.96 34.13
N GLY E 14 -33.99 -30.66 33.88
CA GLY E 14 -34.19 -29.72 34.95
C GLY E 14 -33.13 -30.00 35.98
N SER E 15 -33.59 -30.15 37.23
CA SER E 15 -32.72 -30.38 38.38
C SER E 15 -32.55 -31.87 38.69
N GLU E 16 -32.97 -32.69 37.77
CA GLU E 16 -33.20 -34.07 38.08
C GLU E 16 -32.53 -34.90 36.99
N CYS E 17 -32.78 -36.20 37.00
CA CYS E 17 -32.11 -37.11 36.11
C CYS E 17 -33.11 -38.09 35.58
N CYS E 18 -33.12 -38.28 34.28
CA CYS E 18 -33.98 -39.26 33.67
C CYS E 18 -33.16 -40.28 32.93
N PRO E 19 -33.67 -41.49 32.82
CA PRO E 19 -32.96 -42.45 31.99
C PRO E 19 -32.90 -42.15 30.52
N LYS E 20 -31.73 -42.40 29.97
CA LYS E 20 -31.52 -42.26 28.57
C LYS E 20 -32.25 -43.33 27.87
N CYS E 21 -32.34 -43.09 26.59
CA CYS E 21 -32.93 -43.96 25.63
C CYS E 21 -31.89 -44.80 24.93
N SER E 22 -32.33 -45.88 24.31
CA SER E 22 -31.42 -46.86 23.73
C SER E 22 -30.84 -46.31 22.42
N PRO E 23 -29.72 -46.89 21.97
CA PRO E 23 -29.29 -46.43 20.68
C PRO E 23 -30.37 -46.66 19.69
N GLY E 24 -30.47 -45.80 18.69
CA GLY E 24 -31.53 -45.94 17.69
C GLY E 24 -32.86 -45.39 18.11
N TYR E 25 -32.95 -44.78 19.29
CA TYR E 25 -34.19 -44.17 19.77
C TYR E 25 -33.92 -42.78 20.30
N ARG E 26 -34.93 -41.92 20.24
CA ARG E 26 -34.82 -40.59 20.80
C ARG E 26 -35.91 -40.40 21.83
N VAL E 27 -35.69 -39.45 22.70
CA VAL E 27 -36.63 -39.03 23.70
C VAL E 27 -37.80 -38.34 23.02
N LYS E 28 -38.98 -38.96 23.08
CA LYS E 28 -40.21 -38.35 22.69
C LYS E 28 -40.79 -37.56 23.86
N GLU E 29 -40.65 -38.07 25.06
CA GLU E 29 -41.17 -37.36 26.20
C GLU E 29 -40.30 -37.68 27.40
N ALA E 30 -39.98 -36.62 28.10
CA ALA E 30 -39.10 -36.69 29.23
C ALA E 30 -39.74 -37.54 30.35
N CYS E 31 -38.90 -38.14 31.18
CA CYS E 31 -39.38 -38.91 32.27
C CYS E 31 -40.02 -37.96 33.27
N GLY E 32 -40.92 -38.57 34.07
CA GLY E 32 -41.70 -37.93 35.11
C GLY E 32 -41.50 -38.68 36.42
N GLU E 33 -42.24 -38.25 37.43
CA GLU E 33 -42.13 -38.87 38.75
C GLU E 33 -42.66 -40.31 38.70
N LEU E 34 -43.73 -40.53 37.96
CA LEU E 34 -44.37 -41.86 37.90
C LEU E 34 -44.11 -42.55 36.56
N THR E 35 -43.55 -41.82 35.60
CA THR E 35 -43.48 -42.30 34.23
C THR E 35 -42.04 -42.28 33.77
N GLY E 36 -41.74 -43.32 32.99
CA GLY E 36 -40.45 -43.51 32.36
C GLY E 36 -40.19 -42.53 31.24
N THR E 37 -38.94 -42.49 30.83
CA THR E 37 -38.55 -41.76 29.68
C THR E 37 -39.22 -42.46 28.53
N VAL E 38 -39.87 -41.68 27.69
CA VAL E 38 -40.65 -42.26 26.62
C VAL E 38 -39.80 -42.07 25.39
N CYS E 39 -39.46 -43.16 24.69
CA CYS E 39 -38.52 -43.12 23.61
C CYS E 39 -39.20 -43.60 22.36
N GLU E 40 -38.66 -43.24 21.19
CA GLU E 40 -39.26 -43.64 19.93
C GLU E 40 -38.22 -43.80 18.86
N PRO E 41 -38.46 -44.68 17.89
CA PRO E 41 -37.38 -45.04 17.02
C PRO E 41 -37.02 -43.91 16.15
N CYS E 42 -35.78 -43.92 15.67
CA CYS E 42 -35.29 -42.91 14.77
C CYS E 42 -35.81 -43.20 13.39
N PRO E 43 -36.28 -42.15 12.72
CA PRO E 43 -36.82 -42.36 11.38
C PRO E 43 -35.71 -42.63 10.41
N PRO E 44 -36.01 -43.26 9.26
CA PRO E 44 -34.97 -43.61 8.26
C PRO E 44 -34.22 -42.37 7.73
N GLY E 45 -32.92 -42.54 7.51
CA GLY E 45 -32.02 -41.41 7.20
C GLY E 45 -31.30 -40.88 8.45
N THR E 46 -31.77 -41.25 9.65
CA THR E 46 -31.17 -40.82 10.91
C THR E 46 -30.61 -41.99 11.82
N TYR E 47 -29.74 -41.66 12.78
CA TYR E 47 -29.22 -42.64 13.72
C TYR E 47 -28.90 -42.01 15.04
N ILE E 48 -28.73 -42.84 16.05
CA ILE E 48 -28.07 -42.46 17.27
C ILE E 48 -27.32 -43.71 17.76
N ALA E 49 -26.03 -43.57 18.01
CA ALA E 49 -25.16 -44.69 18.23
C ALA E 49 -24.99 -45.07 19.71
N HIS E 50 -25.41 -44.21 20.63
CA HIS E 50 -25.20 -44.50 22.05
C HIS E 50 -26.44 -44.21 22.82
N LEU E 51 -26.47 -44.63 24.07
CA LEU E 51 -27.58 -44.22 24.91
C LEU E 51 -27.58 -42.73 24.80
N ASN E 52 -28.73 -42.12 24.95
CA ASN E 52 -28.82 -40.69 24.72
C ASN E 52 -30.02 -40.09 25.24
N GLY E 53 -29.96 -38.78 25.42
CA GLY E 53 -31.18 -37.97 25.79
C GLY E 53 -31.58 -36.93 24.78
N LEU E 54 -31.36 -37.29 23.51
CA LEU E 54 -31.52 -36.36 22.40
C LEU E 54 -32.97 -36.34 22.01
N SER E 55 -33.49 -35.12 21.71
CA SER E 55 -34.80 -34.93 21.14
C SER E 55 -34.81 -35.15 19.62
N LYS E 56 -33.66 -35.14 18.99
CA LYS E 56 -33.60 -35.40 17.57
C LYS E 56 -32.51 -36.39 17.28
N CYS E 57 -32.68 -37.20 16.25
CA CYS E 57 -31.61 -38.12 15.86
C CYS E 57 -30.63 -37.39 14.94
N LEU E 58 -29.47 -37.99 14.77
CA LEU E 58 -28.43 -37.46 13.97
C LEU E 58 -28.71 -37.89 12.57
N GLN E 59 -28.41 -37.03 11.63
CA GLN E 59 -28.68 -37.32 10.27
C GLN E 59 -27.51 -38.13 9.79
N CYS E 60 -27.84 -39.20 9.06
CA CYS E 60 -26.87 -40.07 8.43
C CYS E 60 -26.17 -39.32 7.33
N GLN E 61 -24.93 -39.70 7.09
CA GLN E 61 -24.17 -39.13 5.99
C GLN E 61 -24.48 -39.86 4.67
N MET E 62 -24.51 -39.08 3.59
CA MET E 62 -24.68 -39.65 2.24
C MET E 62 -23.30 -39.94 1.69
N CYS E 63 -23.18 -40.99 0.89
CA CYS E 63 -21.90 -41.28 0.26
C CYS E 63 -22.02 -40.82 -1.18
N ASP E 64 -21.16 -39.90 -1.59
CA ASP E 64 -21.36 -39.18 -2.84
C ASP E 64 -20.75 -39.96 -3.98
N PRO E 65 -21.58 -40.45 -4.90
CA PRO E 65 -20.94 -41.16 -6.01
C PRO E 65 -20.01 -40.25 -6.76
N ALA E 66 -20.40 -38.99 -6.93
CA ALA E 66 -19.61 -38.05 -7.73
C ALA E 66 -18.22 -37.86 -7.17
N MET E 67 -17.99 -38.26 -5.93
CA MET E 67 -16.65 -38.23 -5.38
C MET E 67 -15.98 -39.63 -5.39
N GLY E 68 -16.58 -40.58 -6.10
CA GLY E 68 -16.06 -41.93 -6.22
C GLY E 68 -16.23 -42.63 -4.90
N LEU E 69 -17.41 -42.53 -4.31
CA LEU E 69 -17.65 -43.12 -3.02
C LEU E 69 -18.95 -43.89 -3.07
N ARG E 70 -18.96 -45.00 -2.32
CA ARG E 70 -20.15 -45.83 -2.09
C ARG E 70 -20.18 -46.08 -0.62
N ALA E 71 -21.33 -46.46 -0.12
CA ALA E 71 -21.40 -46.99 1.24
C ALA E 71 -20.74 -48.39 1.34
N SER E 72 -19.74 -48.52 2.21
CA SER E 72 -19.21 -49.83 2.60
C SER E 72 -20.14 -50.43 3.68
N ARG E 73 -20.65 -49.57 4.55
CA ARG E 73 -21.68 -49.95 5.50
C ARG E 73 -22.85 -48.97 5.37
N ASN E 74 -24.04 -49.49 5.08
CA ASN E 74 -25.24 -48.67 4.99
C ASN E 74 -25.61 -48.07 6.35
N CYS E 75 -26.33 -46.97 6.31
CA CYS E 75 -26.78 -46.29 7.51
C CYS E 75 -27.90 -47.11 8.17
N SER E 76 -27.98 -47.07 9.49
CA SER E 76 -29.07 -47.78 10.21
C SER E 76 -29.47 -46.98 11.44
N ARG E 77 -30.54 -47.38 12.10
CA ARG E 77 -31.00 -46.57 13.21
C ARG E 77 -29.96 -46.41 14.33
N THR E 78 -28.90 -47.23 14.35
CA THR E 78 -27.96 -47.22 15.46
C THR E 78 -26.54 -46.97 15.03
N GLU E 79 -26.27 -46.97 13.73
CA GLU E 79 -24.93 -46.58 13.27
C GLU E 79 -25.02 -45.78 11.96
N ASN E 80 -24.03 -44.92 11.76
CA ASN E 80 -23.94 -44.03 10.58
C ASN E 80 -23.41 -44.77 9.37
N ALA E 81 -23.76 -44.33 8.17
CA ALA E 81 -23.15 -44.84 6.96
C ALA E 81 -21.66 -44.62 7.08
N VAL E 82 -20.90 -45.47 6.38
CA VAL E 82 -19.44 -45.32 6.22
C VAL E 82 -19.15 -45.47 4.75
N CYS E 83 -18.28 -44.62 4.25
CA CYS E 83 -18.01 -44.54 2.82
C CYS E 83 -16.65 -45.07 2.53
N GLY E 84 -16.56 -45.81 1.44
CA GLY E 84 -15.29 -46.11 0.81
C GLY E 84 -15.46 -46.03 -0.69
N CYS E 85 -14.42 -46.43 -1.41
CA CYS E 85 -14.37 -46.27 -2.84
C CYS E 85 -15.32 -47.21 -3.47
N SER E 86 -15.83 -46.77 -4.61
CA SER E 86 -16.63 -47.61 -5.49
C SER E 86 -15.69 -48.59 -6.22
N PRO E 87 -16.27 -49.65 -6.85
CA PRO E 87 -15.47 -50.44 -7.79
C PRO E 87 -14.90 -49.56 -8.91
N GLY E 88 -13.74 -49.98 -9.44
CA GLY E 88 -12.97 -49.20 -10.42
C GLY E 88 -12.43 -47.86 -9.90
N HIS E 89 -12.20 -47.77 -8.58
CA HIS E 89 -11.83 -46.50 -7.91
C HIS E 89 -10.96 -46.73 -6.66
N PHE E 90 -9.91 -45.91 -6.51
CA PHE E 90 -8.99 -46.00 -5.36
C PHE E 90 -8.85 -44.65 -4.65
N CYS E 91 -8.61 -44.69 -3.35
CA CYS E 91 -8.63 -43.49 -2.55
C CYS E 91 -7.55 -42.52 -2.89
N ILE E 92 -7.87 -41.24 -2.88
CA ILE E 92 -6.83 -40.23 -2.78
C ILE E 92 -6.69 -39.86 -1.31
N VAL E 93 -7.65 -39.08 -0.83
CA VAL E 93 -7.51 -38.34 0.43
C VAL E 93 -7.79 -39.20 1.66
N HIS E 98 -11.09 -42.52 7.31
CA HIS E 98 -11.97 -42.58 6.15
C HIS E 98 -11.45 -41.82 4.92
N CYS E 99 -11.64 -42.44 3.75
CA CYS E 99 -11.44 -41.85 2.43
C CYS E 99 -12.50 -40.79 2.18
N ALA E 100 -12.05 -39.58 1.81
CA ALA E 100 -13.00 -38.52 1.46
C ALA E 100 -13.23 -38.40 -0.06
N ALA E 101 -12.41 -39.08 -0.87
CA ALA E 101 -12.55 -39.05 -2.34
C ALA E 101 -11.68 -40.11 -3.07
N CYS E 102 -12.18 -40.62 -4.20
CA CYS E 102 -11.49 -41.69 -4.94
C CYS E 102 -11.46 -41.48 -6.44
N ARG E 103 -10.37 -41.94 -7.05
CA ARG E 103 -10.16 -41.88 -8.51
C ARG E 103 -10.50 -43.15 -9.31
N ALA E 104 -11.06 -42.93 -10.51
CA ALA E 104 -11.16 -43.94 -11.57
C ALA E 104 -9.84 -44.18 -12.33
N TYR E 105 -9.31 -45.41 -12.27
CA TYR E 105 -7.99 -45.80 -12.92
C TYR E 105 -7.65 -45.15 -14.29
N SER F 2 -53.57 -26.70 -1.61
CA SER F 2 -53.24 -25.25 -1.25
C SER F 2 -53.27 -24.21 -2.44
N LEU F 3 -54.21 -23.30 -2.34
CA LEU F 3 -54.62 -22.47 -3.48
C LEU F 3 -54.02 -21.06 -3.36
N PRO F 4 -53.84 -20.38 -4.51
CA PRO F 4 -53.46 -18.98 -4.42
C PRO F 4 -54.57 -18.12 -3.75
N SER F 5 -54.16 -17.03 -3.12
CA SER F 5 -55.11 -16.12 -2.47
C SER F 5 -56.00 -15.44 -3.49
N CYS F 6 -55.48 -15.20 -4.68
CA CYS F 6 -56.09 -14.27 -5.71
C CYS F 6 -56.12 -15.04 -7.03
N LYS F 7 -57.07 -14.69 -7.92
CA LYS F 7 -56.97 -15.04 -9.37
C LYS F 7 -55.78 -14.39 -10.04
N GLU F 8 -55.39 -14.83 -11.22
CA GLU F 8 -54.06 -14.51 -11.84
C GLU F 8 -53.75 -13.02 -11.95
N ASP F 9 -54.78 -12.23 -12.14
CA ASP F 9 -54.62 -10.85 -12.50
C ASP F 9 -54.66 -9.84 -11.32
N GLU F 10 -54.93 -10.37 -10.13
CA GLU F 10 -54.88 -9.61 -8.92
C GLU F 10 -53.75 -10.16 -8.09
N TYR F 11 -53.49 -9.55 -6.93
CA TYR F 11 -52.51 -10.09 -5.98
C TYR F 11 -53.05 -9.83 -4.60
N PRO F 12 -52.59 -10.58 -3.60
CA PRO F 12 -53.10 -10.41 -2.25
C PRO F 12 -52.50 -9.28 -1.52
N VAL F 13 -53.34 -8.54 -0.81
CA VAL F 13 -52.91 -7.53 0.13
C VAL F 13 -53.81 -7.69 1.34
N GLY F 14 -53.28 -8.32 2.38
CA GLY F 14 -54.07 -8.75 3.53
C GLY F 14 -55.20 -9.73 3.23
N SER F 15 -56.40 -9.34 3.66
CA SER F 15 -57.63 -10.10 3.39
C SER F 15 -58.09 -9.99 1.91
N GLU F 16 -57.67 -8.89 1.26
CA GLU F 16 -58.19 -8.54 -0.09
C GLU F 16 -57.31 -9.01 -1.25
N CYS F 17 -57.91 -9.02 -2.42
CA CYS F 17 -57.29 -9.29 -3.69
C CYS F 17 -57.34 -7.94 -4.48
N CYS F 18 -56.21 -7.48 -5.07
CA CYS F 18 -56.05 -6.11 -5.59
C CYS F 18 -55.60 -6.14 -7.03
N PRO F 19 -56.06 -5.15 -7.82
CA PRO F 19 -55.60 -5.12 -9.19
C PRO F 19 -54.08 -4.78 -9.30
N LYS F 20 -53.44 -5.26 -10.37
CA LYS F 20 -52.04 -5.05 -10.57
C LYS F 20 -51.78 -3.73 -11.28
N CYS F 21 -50.51 -3.44 -11.46
CA CYS F 21 -50.06 -2.18 -12.06
C CYS F 21 -49.29 -2.54 -13.34
N SER F 22 -49.33 -1.63 -14.32
CA SER F 22 -48.72 -1.88 -15.64
C SER F 22 -47.22 -1.92 -15.56
N PRO F 23 -46.58 -2.53 -16.53
CA PRO F 23 -45.15 -2.37 -16.57
C PRO F 23 -44.72 -0.89 -16.48
N GLY F 24 -43.62 -0.63 -15.76
CA GLY F 24 -43.12 0.74 -15.55
C GLY F 24 -43.70 1.51 -14.37
N TYR F 25 -44.64 0.87 -13.66
CA TYR F 25 -45.36 1.51 -12.58
C TYR F 25 -45.38 0.57 -11.39
N ARG F 26 -45.35 1.16 -10.22
CA ARG F 26 -45.40 0.44 -9.01
C ARG F 26 -46.63 0.82 -8.32
N VAL F 27 -47.03 0.03 -7.33
CA VAL F 27 -48.17 0.32 -6.52
C VAL F 27 -47.87 1.44 -5.57
N LYS F 28 -48.56 2.54 -5.71
CA LYS F 28 -48.36 3.67 -4.81
C LYS F 28 -49.33 3.58 -3.66
N GLU F 29 -50.54 3.15 -3.93
CA GLU F 29 -51.61 3.07 -2.94
C GLU F 29 -52.30 1.75 -3.19
N ALA F 30 -52.11 0.82 -2.27
CA ALA F 30 -52.70 -0.54 -2.30
C ALA F 30 -54.22 -0.58 -2.12
N CYS F 31 -54.92 -1.56 -2.73
CA CYS F 31 -56.40 -1.72 -2.50
C CYS F 31 -56.62 -2.03 -1.02
N GLY F 32 -57.79 -1.71 -0.56
CA GLY F 32 -58.09 -1.71 0.85
C GLY F 32 -59.51 -1.20 1.03
N GLU F 33 -59.64 0.00 1.59
CA GLU F 33 -60.94 0.70 1.60
C GLU F 33 -61.46 0.89 0.16
N LEU F 34 -60.54 1.32 -0.71
CA LEU F 34 -60.75 1.32 -2.14
C LEU F 34 -60.56 -0.08 -2.71
N THR F 35 -61.51 -0.53 -3.55
CA THR F 35 -61.42 -1.82 -4.31
C THR F 35 -60.24 -1.77 -5.30
N GLY F 36 -59.91 -0.52 -5.71
CA GLY F 36 -58.83 -0.21 -6.64
C GLY F 36 -57.44 0.19 -6.15
N THR F 37 -56.53 -0.01 -7.08
CA THR F 37 -55.12 0.21 -6.91
C THR F 37 -54.76 1.52 -7.62
N VAL F 38 -53.82 2.28 -7.05
CA VAL F 38 -53.20 3.45 -7.71
C VAL F 38 -51.76 3.18 -8.02
N CYS F 39 -51.37 3.34 -9.28
CA CYS F 39 -50.01 3.10 -9.73
C CYS F 39 -49.28 4.40 -10.12
N GLU F 40 -47.96 4.46 -9.84
CA GLU F 40 -47.13 5.60 -10.15
C GLU F 40 -45.85 5.15 -10.82
N PRO F 41 -45.24 6.05 -11.61
CA PRO F 41 -44.11 5.60 -12.39
C PRO F 41 -42.92 5.14 -11.52
N CYS F 42 -42.16 4.19 -12.03
CA CYS F 42 -40.91 3.87 -11.42
C CYS F 42 -39.93 5.07 -11.45
N PRO F 43 -39.21 5.31 -10.35
CA PRO F 43 -38.21 6.40 -10.45
C PRO F 43 -37.01 6.08 -11.32
N PRO F 44 -36.25 7.14 -11.72
CA PRO F 44 -35.08 6.83 -12.58
C PRO F 44 -34.09 5.93 -11.93
N GLY F 45 -33.50 5.08 -12.77
CA GLY F 45 -32.57 4.06 -12.37
C GLY F 45 -33.24 2.75 -11.95
N THR F 46 -34.58 2.68 -12.07
CA THR F 46 -35.29 1.46 -11.73
C THR F 46 -36.24 1.10 -12.82
N TYR F 47 -36.75 -0.12 -12.80
CA TYR F 47 -37.65 -0.57 -13.78
C TYR F 47 -38.55 -1.62 -13.17
N ILE F 48 -39.66 -1.84 -13.87
CA ILE F 48 -40.48 -3.00 -13.65
C ILE F 48 -41.00 -3.48 -15.00
N ALA F 49 -40.69 -4.73 -15.36
CA ALA F 49 -40.97 -5.19 -16.73
C ALA F 49 -42.33 -5.86 -16.93
N HIS F 50 -43.14 -6.13 -15.88
CA HIS F 50 -44.37 -6.89 -16.05
C HIS F 50 -45.48 -6.31 -15.23
N LEU F 51 -46.70 -6.81 -15.50
CA LEU F 51 -47.83 -6.53 -14.65
C LEU F 51 -47.43 -6.95 -13.24
N ASN F 52 -47.73 -6.13 -12.23
CA ASN F 52 -47.12 -6.33 -10.91
C ASN F 52 -47.92 -5.76 -9.79
N GLY F 53 -47.63 -6.22 -8.58
CA GLY F 53 -48.14 -5.63 -7.35
C GLY F 53 -47.00 -5.23 -6.42
N LEU F 54 -45.89 -4.76 -7.02
CA LEU F 54 -44.68 -4.35 -6.27
C LEU F 54 -44.75 -2.94 -5.71
N SER F 55 -44.38 -2.77 -4.44
CA SER F 55 -44.26 -1.44 -3.84
C SER F 55 -42.98 -0.74 -4.22
N LYS F 56 -41.96 -1.47 -4.65
CA LYS F 56 -40.71 -0.84 -5.05
C LYS F 56 -40.31 -1.36 -6.40
N CYS F 57 -39.79 -0.48 -7.27
CA CYS F 57 -39.22 -0.98 -8.52
C CYS F 57 -37.87 -1.71 -8.33
N LEU F 58 -37.41 -2.35 -9.38
CA LEU F 58 -36.24 -3.19 -9.34
C LEU F 58 -35.09 -2.34 -9.78
N GLN F 59 -33.92 -2.49 -9.22
CA GLN F 59 -32.78 -1.67 -9.63
C GLN F 59 -32.23 -2.14 -10.98
N CYS F 60 -32.03 -1.18 -11.89
CA CYS F 60 -31.33 -1.49 -13.14
C CYS F 60 -29.86 -1.91 -12.89
N GLN F 61 -29.37 -2.87 -13.68
CA GLN F 61 -28.00 -3.25 -13.64
C GLN F 61 -27.14 -2.15 -14.32
N MET F 62 -25.91 -2.08 -13.88
CA MET F 62 -24.87 -1.22 -14.40
C MET F 62 -23.98 -2.14 -15.19
N CYS F 63 -23.47 -1.60 -16.30
CA CYS F 63 -22.59 -2.33 -17.19
C CYS F 63 -21.20 -1.81 -16.88
N ASP F 64 -20.29 -2.72 -16.59
CA ASP F 64 -19.05 -2.41 -16.08
C ASP F 64 -18.00 -2.18 -17.18
N PRO F 65 -17.57 -0.93 -17.38
CA PRO F 65 -16.48 -0.64 -18.32
C PRO F 65 -15.20 -1.41 -18.01
N ALA F 66 -14.79 -1.48 -16.74
CA ALA F 66 -13.59 -2.28 -16.45
C ALA F 66 -13.70 -3.75 -16.91
N MET F 67 -14.91 -4.22 -17.17
CA MET F 67 -15.07 -5.57 -17.71
C MET F 67 -15.22 -5.55 -19.24
N GLY F 68 -14.93 -4.41 -19.87
CA GLY F 68 -15.18 -4.28 -21.32
C GLY F 68 -16.63 -4.27 -21.76
N LEU F 69 -17.52 -3.79 -20.88
CA LEU F 69 -18.95 -3.76 -21.14
C LEU F 69 -19.51 -2.33 -21.22
N ARG F 70 -20.46 -2.10 -22.11
CA ARG F 70 -21.32 -0.90 -22.05
C ARG F 70 -22.81 -1.32 -22.26
N ALA F 71 -23.70 -0.40 -22.02
CA ALA F 71 -25.12 -0.74 -22.26
C ALA F 71 -25.44 -0.75 -23.75
N SER F 72 -25.86 -1.90 -24.29
CA SER F 72 -26.41 -1.92 -25.67
C SER F 72 -27.89 -1.53 -25.66
N ARG F 73 -28.59 -1.78 -24.55
CA ARG F 73 -29.93 -1.20 -24.31
C ARG F 73 -29.91 -0.49 -22.96
N ASN F 74 -30.23 0.79 -22.94
CA ASN F 74 -30.35 1.49 -21.68
C ASN F 74 -31.51 1.02 -20.83
N CYS F 75 -31.33 1.29 -19.55
CA CYS F 75 -32.32 1.09 -18.54
C CYS F 75 -33.48 2.07 -18.81
N SER F 76 -34.72 1.56 -18.77
CA SER F 76 -35.88 2.43 -18.77
C SER F 76 -36.90 1.87 -17.74
N ARG F 77 -38.04 2.51 -17.63
CA ARG F 77 -38.99 2.14 -16.62
C ARG F 77 -39.59 0.77 -16.89
N THR F 78 -39.66 0.38 -18.16
CA THR F 78 -40.18 -0.92 -18.51
C THR F 78 -39.16 -2.02 -18.73
N GLU F 79 -37.89 -1.65 -18.82
CA GLU F 79 -36.84 -2.63 -19.19
C GLU F 79 -35.51 -2.32 -18.50
N ASN F 80 -34.84 -3.37 -18.07
CA ASN F 80 -33.52 -3.30 -17.50
C ASN F 80 -32.54 -3.00 -18.59
N ALA F 81 -31.43 -2.38 -18.22
CA ALA F 81 -30.34 -2.27 -19.12
C ALA F 81 -29.89 -3.65 -19.54
N VAL F 82 -29.31 -3.74 -20.74
CA VAL F 82 -28.64 -4.93 -21.23
C VAL F 82 -27.20 -4.54 -21.53
N CYS F 83 -26.25 -5.42 -21.20
CA CYS F 83 -24.82 -5.14 -21.43
C CYS F 83 -24.27 -5.89 -22.62
N GLY F 84 -23.44 -5.22 -23.42
CA GLY F 84 -22.73 -5.83 -24.54
C GLY F 84 -21.34 -5.22 -24.56
N CYS F 85 -20.48 -5.66 -25.49
CA CYS F 85 -19.12 -5.16 -25.50
C CYS F 85 -19.03 -3.68 -25.83
N SER F 86 -18.00 -3.05 -25.29
CA SER F 86 -17.55 -1.73 -25.72
C SER F 86 -17.02 -1.86 -27.14
N PRO F 87 -16.91 -0.74 -27.89
CA PRO F 87 -16.10 -0.73 -29.11
C PRO F 87 -14.74 -1.45 -28.99
N GLY F 88 -14.47 -2.33 -29.96
CA GLY F 88 -13.22 -3.07 -30.08
C GLY F 88 -13.01 -4.27 -29.16
N HIS F 89 -14.08 -4.80 -28.55
CA HIS F 89 -13.95 -5.91 -27.58
C HIS F 89 -14.80 -7.08 -28.02
N PHE F 90 -14.50 -8.27 -27.54
CA PHE F 90 -15.32 -9.44 -27.87
C PHE F 90 -15.70 -10.23 -26.65
N CYS F 91 -16.90 -10.78 -26.68
CA CYS F 91 -17.44 -11.47 -25.52
C CYS F 91 -16.61 -12.70 -25.24
N ILE F 92 -16.22 -12.85 -23.97
CA ILE F 92 -15.36 -13.94 -23.52
C ILE F 92 -16.15 -14.98 -22.71
N VAL F 93 -17.30 -14.59 -22.16
CA VAL F 93 -18.11 -15.47 -21.27
C VAL F 93 -19.53 -15.67 -21.80
N CYS F 99 -23.88 -11.22 -22.44
CA CYS F 99 -22.42 -11.15 -22.28
C CYS F 99 -22.03 -10.66 -20.89
N ALA F 100 -21.01 -11.31 -20.31
CA ALA F 100 -20.57 -11.00 -18.93
C ALA F 100 -19.15 -10.42 -18.76
N ALA F 101 -18.30 -10.57 -19.75
CA ALA F 101 -17.02 -9.88 -19.80
C ALA F 101 -16.48 -9.85 -21.24
N CYS F 102 -15.68 -8.84 -21.59
CA CYS F 102 -15.22 -8.70 -22.94
C CYS F 102 -13.76 -8.29 -22.93
N ARG F 103 -12.92 -9.18 -23.45
CA ARG F 103 -11.51 -8.85 -23.75
C ARG F 103 -11.48 -8.15 -25.06
N ALA F 104 -10.42 -7.37 -25.26
CA ALA F 104 -10.09 -6.84 -26.58
C ALA F 104 -9.36 -7.92 -27.44
N GLU G 16 31.39 28.27 15.01
CA GLU G 16 32.52 28.04 14.03
C GLU G 16 32.33 26.79 13.20
N VAL G 17 31.84 25.73 13.83
CA VAL G 17 31.77 24.40 13.23
C VAL G 17 30.45 24.30 12.50
N ASN G 18 30.51 24.15 11.18
CA ASN G 18 29.34 23.94 10.36
C ASN G 18 28.80 22.48 10.48
N PRO G 19 27.54 22.31 10.88
CA PRO G 19 26.96 21.02 11.05
C PRO G 19 26.90 20.22 9.78
N ALA G 20 27.36 18.99 9.84
CA ALA G 20 27.31 18.10 8.67
C ALA G 20 27.23 16.70 9.16
N ALA G 21 26.79 15.78 8.31
CA ALA G 21 26.74 14.38 8.61
C ALA G 21 26.56 13.55 7.35
N HIS G 22 26.96 12.30 7.47
CA HIS G 22 26.83 11.31 6.42
C HIS G 22 26.66 10.00 7.09
N LEU G 23 25.55 9.39 6.80
CA LEU G 23 25.12 8.15 7.47
C LEU G 23 24.97 7.08 6.37
N THR G 24 25.33 5.83 6.67
CA THR G 24 25.55 4.77 5.65
C THR G 24 24.68 3.54 5.90
N GLY G 25 24.31 2.86 4.85
CA GLY G 25 23.48 1.69 5.00
C GLY G 25 24.20 0.60 5.79
N ALA G 26 23.45 -0.17 6.54
CA ALA G 26 24.06 -1.05 7.53
C ALA G 26 23.15 -2.24 7.68
N ASN G 27 23.59 -3.24 8.43
CA ASN G 27 22.85 -4.49 8.48
C ASN G 27 21.48 -4.32 9.06
N SER G 28 21.25 -3.28 9.84
CA SER G 28 19.98 -3.15 10.48
C SER G 28 19.11 -2.06 9.87
N SER G 29 19.49 -1.50 8.72
CA SER G 29 18.82 -0.33 8.06
C SER G 29 17.37 -0.58 7.69
N LEU G 30 17.06 -1.83 7.32
CA LEU G 30 15.72 -2.18 6.80
C LEU G 30 14.90 -2.87 7.87
N THR G 31 14.10 -2.14 8.65
CA THR G 31 13.39 -2.76 9.78
C THR G 31 12.08 -3.46 9.36
N GLY G 32 11.50 -3.06 8.24
CA GLY G 32 10.25 -3.65 7.85
C GLY G 32 9.09 -3.29 8.73
N SER G 33 9.23 -2.27 9.54
CA SER G 33 8.24 -2.01 10.57
C SER G 33 7.27 -0.93 10.15
N GLY G 34 7.41 -0.40 8.93
CA GLY G 34 6.72 0.80 8.53
C GLY G 34 7.43 2.06 9.03
N GLY G 35 8.54 1.92 9.76
CA GLY G 35 9.25 3.04 10.29
C GLY G 35 10.30 3.53 9.31
N PRO G 36 11.06 4.58 9.67
CA PRO G 36 12.15 4.94 8.74
C PRO G 36 13.30 3.93 8.62
N LEU G 37 14.13 4.08 7.59
CA LEU G 37 15.41 3.38 7.54
C LEU G 37 16.30 3.73 8.72
N LEU G 38 17.08 2.77 9.22
CA LEU G 38 18.14 3.14 10.17
C LEU G 38 19.46 3.22 9.43
N TRP G 39 20.46 3.68 10.14
CA TRP G 39 21.77 3.97 9.52
C TRP G 39 22.91 3.84 10.52
N GLU G 40 24.09 3.58 10.00
CA GLU G 40 25.30 3.64 10.76
C GLU G 40 25.78 5.09 10.86
N THR G 41 26.27 5.44 12.02
CA THR G 41 26.65 6.81 12.38
C THR G 41 28.08 7.00 12.78
N GLN G 42 28.86 5.91 12.91
CA GLN G 42 30.22 6.00 13.43
C GLN G 42 31.27 5.26 12.63
N LEU G 43 30.98 4.07 12.16
CA LEU G 43 31.99 3.27 11.50
C LEU G 43 32.12 3.64 10.04
N GLY G 44 33.28 3.34 9.49
CA GLY G 44 33.53 3.49 8.09
C GLY G 44 33.40 4.97 7.67
N LEU G 45 32.57 5.22 6.66
CA LEU G 45 32.39 6.55 6.11
C LEU G 45 31.37 7.37 6.87
N ALA G 46 30.69 6.80 7.84
CA ALA G 46 29.69 7.54 8.58
C ALA G 46 30.32 8.55 9.56
N PHE G 47 29.72 9.72 9.65
CA PHE G 47 30.10 10.63 10.74
C PHE G 47 28.98 11.55 11.08
N LEU G 48 29.03 12.06 12.31
CA LEU G 48 28.25 13.20 12.75
C LEU G 48 29.18 14.36 13.21
N ARG G 49 28.92 15.57 12.76
CA ARG G 49 29.61 16.78 13.20
C ARG G 49 28.56 17.84 13.51
N GLY G 50 28.26 18.08 14.77
CA GLY G 50 27.22 19.09 15.12
C GLY G 50 25.76 18.73 14.76
N LEU G 51 25.49 17.45 14.42
CA LEU G 51 24.16 16.92 14.29
C LEU G 51 24.16 15.71 15.12
N SER G 52 23.00 15.24 15.58
CA SER G 52 22.96 13.93 16.21
C SER G 52 21.96 12.97 15.56
N TYR G 53 21.79 11.78 16.12
CA TYR G 53 21.02 10.74 15.55
C TYR G 53 20.14 10.13 16.61
N HIS G 54 18.92 9.76 16.23
CA HIS G 54 18.00 9.11 17.11
C HIS G 54 16.98 8.30 16.29
N ASP G 55 16.97 6.97 16.45
CA ASP G 55 16.04 6.07 15.71
C ASP G 55 15.87 6.33 14.21
N GLY G 56 16.96 6.53 13.50
CA GLY G 56 16.88 6.72 12.11
C GLY G 56 16.97 8.15 11.67
N ALA G 57 16.83 9.09 12.62
CA ALA G 57 16.73 10.55 12.24
C ALA G 57 18.03 11.25 12.47
N LEU G 58 18.37 12.20 11.61
CA LEU G 58 19.30 13.22 11.98
C LEU G 58 18.48 14.19 12.86
N VAL G 59 19.04 14.59 13.99
CA VAL G 59 18.43 15.51 14.96
C VAL G 59 19.19 16.79 14.89
N VAL G 60 18.51 17.85 14.53
CA VAL G 60 19.09 19.14 14.49
C VAL G 60 19.34 19.79 15.92
N THR G 61 20.55 20.31 16.13
CA THR G 61 20.88 21.07 17.41
C THR G 61 21.02 22.53 17.14
N LYS G 62 21.51 22.89 15.96
CA LYS G 62 21.57 24.28 15.56
C LYS G 62 20.56 24.63 14.42
N ALA G 63 19.61 25.47 14.71
CA ALA G 63 18.55 25.82 13.81
C ALA G 63 19.14 26.44 12.58
N GLY G 64 18.51 26.16 11.44
CA GLY G 64 18.81 26.82 10.19
C GLY G 64 18.35 26.04 8.99
N TYR G 65 18.99 26.39 7.88
CA TYR G 65 18.76 25.83 6.60
C TYR G 65 19.82 24.81 6.30
N TYR G 66 19.38 23.63 5.89
CA TYR G 66 20.25 22.48 5.64
C TYR G 66 19.99 21.92 4.27
N TYR G 67 21.03 21.60 3.52
CA TYR G 67 20.89 20.74 2.38
C TYR G 67 20.88 19.32 2.93
N ILE G 68 19.84 18.56 2.57
CA ILE G 68 19.68 17.21 3.00
C ILE G 68 19.70 16.32 1.75
N TYR G 69 20.28 15.13 1.82
CA TYR G 69 20.29 14.29 0.70
C TYR G 69 20.20 12.80 1.12
N SER G 70 19.77 11.98 0.18
CA SER G 70 19.75 10.53 0.38
C SER G 70 19.85 9.87 -0.95
N LYS G 71 20.60 8.80 -0.96
CA LYS G 71 20.63 7.83 -2.01
C LYS G 71 20.18 6.44 -1.55
N VAL G 72 19.34 5.73 -2.34
CA VAL G 72 19.09 4.32 -2.08
C VAL G 72 19.32 3.53 -3.34
N GLN G 73 20.07 2.43 -3.22
CA GLN G 73 20.27 1.51 -4.32
C GLN G 73 19.13 0.48 -4.30
N LEU G 74 18.40 0.48 -5.40
CA LEU G 74 17.36 -0.49 -5.68
C LEU G 74 17.85 -1.49 -6.66
N GLY G 75 17.20 -2.65 -6.61
CA GLY G 75 17.45 -3.69 -7.54
C GLY G 75 16.88 -5.01 -7.10
N GLY G 76 17.15 -6.03 -7.89
CA GLY G 76 16.46 -7.33 -7.62
C GLY G 76 16.71 -8.33 -8.70
N VAL G 77 16.41 -9.57 -8.38
CA VAL G 77 16.20 -10.61 -9.35
C VAL G 77 14.73 -10.69 -9.60
N GLY G 78 14.32 -10.20 -10.73
CA GLY G 78 12.90 -10.21 -11.06
C GLY G 78 12.33 -9.12 -10.19
N CYS G 79 11.04 -9.19 -9.98
CA CYS G 79 10.31 -8.19 -9.29
C CYS G 79 9.59 -8.83 -8.13
N PRO G 80 9.62 -8.22 -6.96
CA PRO G 80 8.95 -8.80 -5.82
C PRO G 80 7.45 -8.93 -5.99
N LEU G 81 6.94 -10.03 -5.47
CA LEU G 81 5.54 -10.30 -5.51
C LEU G 81 4.74 -9.27 -4.77
N GLY G 82 3.62 -8.91 -5.36
CA GLY G 82 2.75 -7.94 -4.75
C GLY G 82 3.30 -6.52 -4.67
N LEU G 83 4.32 -6.22 -5.44
CA LEU G 83 4.86 -4.91 -5.43
C LEU G 83 3.86 -3.91 -5.99
N ALA G 84 3.71 -2.79 -5.31
CA ALA G 84 2.84 -1.70 -5.79
C ALA G 84 3.40 -1.16 -7.13
N SER G 85 2.55 -0.49 -7.88
CA SER G 85 2.88 0.15 -9.15
C SER G 85 3.87 1.32 -9.00
N THR G 86 3.84 1.94 -7.83
CA THR G 86 4.53 3.18 -7.50
C THR G 86 5.21 2.94 -6.19
N ILE G 87 6.40 3.46 -6.04
CA ILE G 87 7.23 3.28 -4.87
C ILE G 87 7.76 4.65 -4.58
N THR G 88 7.79 5.05 -3.33
CA THR G 88 8.49 6.27 -3.00
C THR G 88 9.79 6.10 -2.23
N HIS G 89 10.71 6.98 -2.53
CA HIS G 89 11.93 7.22 -1.80
C HIS G 89 11.85 8.70 -1.39
N GLY G 90 11.87 8.99 -0.09
CA GLY G 90 11.71 10.37 0.37
C GLY G 90 12.34 10.72 1.71
N LEU G 91 12.48 12.02 1.95
CA LEU G 91 12.97 12.58 3.14
C LEU G 91 11.80 13.26 3.82
N TYR G 92 11.73 13.09 5.13
CA TYR G 92 10.61 13.51 5.91
C TYR G 92 11.08 14.23 7.15
N LYS G 93 10.28 15.19 7.54
CA LYS G 93 10.50 15.91 8.76
C LYS G 93 9.66 15.43 9.87
N ARG G 94 10.30 15.17 11.00
CA ARG G 94 9.59 14.97 12.28
C ARG G 94 9.78 16.14 13.18
N THR G 95 8.67 16.70 13.60
CA THR G 95 8.68 17.88 14.42
C THR G 95 7.63 17.74 15.51
N PRO G 96 7.95 18.20 16.73
CA PRO G 96 6.88 18.17 17.72
C PRO G 96 5.73 19.18 17.44
N ARG G 97 5.86 20.01 16.43
CA ARG G 97 4.78 20.88 15.98
C ARG G 97 3.67 20.18 15.25
N TYR G 98 3.79 18.91 14.95
CA TYR G 98 2.76 18.24 14.20
C TYR G 98 2.81 16.78 14.49
N PRO G 99 1.65 16.16 14.67
CA PRO G 99 1.78 14.76 15.09
C PRO G 99 2.04 13.80 13.91
N GLU G 100 2.00 14.25 12.66
CA GLU G 100 2.42 13.45 11.55
C GLU G 100 3.72 13.97 10.96
N GLU G 101 4.47 13.09 10.36
CA GLU G 101 5.58 13.50 9.59
C GLU G 101 5.18 14.42 8.47
N LEU G 102 6.02 15.38 8.16
CA LEU G 102 5.90 16.20 6.97
C LEU G 102 6.85 15.79 5.81
N GLU G 103 6.26 15.49 4.66
CA GLU G 103 7.03 15.26 3.48
C GLU G 103 7.84 16.48 3.14
N LEU G 104 9.08 16.24 2.75
CA LEU G 104 9.96 17.31 2.32
C LEU G 104 10.35 17.18 0.85
N LEU G 105 10.95 16.03 0.51
CA LEU G 105 11.49 15.78 -0.76
C LEU G 105 11.20 14.29 -1.10
N VAL G 106 10.46 14.04 -2.17
CA VAL G 106 10.02 12.69 -2.46
C VAL G 106 10.13 12.39 -3.94
N SER G 107 10.60 11.21 -4.26
CA SER G 107 10.53 10.64 -5.59
C SER G 107 9.63 9.41 -5.63
N GLN G 108 8.87 9.39 -6.69
CA GLN G 108 8.00 8.31 -7.05
C GLN G 108 8.56 7.61 -8.28
N GLN G 109 8.66 6.29 -8.22
CA GLN G 109 9.32 5.44 -9.24
C GLN G 109 8.49 4.20 -9.45
N SER G 110 8.62 3.61 -10.63
CA SER G 110 8.06 2.27 -10.90
C SER G 110 9.15 1.41 -11.38
N PRO G 111 9.85 0.78 -10.47
CA PRO G 111 11.10 0.18 -10.87
C PRO G 111 11.02 -1.13 -11.53
N CYS G 112 9.96 -1.90 -11.29
CA CYS G 112 9.80 -3.15 -11.94
C CYS G 112 8.32 -3.46 -11.83
N GLY G 113 7.82 -4.38 -12.63
CA GLY G 113 6.48 -4.85 -12.51
C GLY G 113 6.31 -6.22 -13.19
N ARG G 114 5.07 -6.48 -13.60
CA ARG G 114 4.60 -7.66 -14.38
C ARG G 114 5.52 -8.07 -15.50
N ALA G 115 5.88 -7.06 -16.31
CA ALA G 115 6.59 -7.24 -17.59
C ALA G 115 8.07 -7.46 -17.44
N THR G 116 8.59 -7.24 -16.22
CA THR G 116 9.99 -7.46 -15.88
C THR G 116 10.23 -8.95 -15.88
N SER G 117 11.34 -9.39 -16.46
CA SER G 117 11.61 -10.82 -16.51
C SER G 117 11.94 -11.35 -15.12
N SER G 118 11.29 -12.43 -14.78
CA SER G 118 11.58 -13.13 -13.55
C SER G 118 13.05 -13.46 -13.31
N SER G 119 13.85 -13.52 -14.36
CA SER G 119 15.12 -14.19 -14.33
C SER G 119 16.32 -13.27 -14.42
N ARG G 120 16.14 -11.99 -14.67
CA ARG G 120 17.36 -11.18 -14.69
C ARG G 120 17.46 -10.17 -13.57
N VAL G 121 18.68 -9.74 -13.40
CA VAL G 121 19.03 -8.81 -12.39
C VAL G 121 18.88 -7.40 -12.93
N TRP G 122 18.18 -6.55 -12.18
CA TRP G 122 18.11 -5.18 -12.50
C TRP G 122 18.60 -4.36 -11.31
N TRP G 123 19.06 -3.15 -11.61
CA TRP G 123 19.60 -2.23 -10.66
C TRP G 123 19.11 -0.87 -10.97
N ASP G 124 18.75 -0.12 -9.94
CA ASP G 124 18.41 1.28 -10.15
C ASP G 124 18.60 2.13 -8.93
N SER G 125 19.25 3.26 -9.08
CA SER G 125 19.61 4.03 -7.93
C SER G 125 18.82 5.33 -7.85
N SER G 126 18.38 5.70 -6.64
CA SER G 126 17.58 6.88 -6.49
C SER G 126 18.27 7.91 -5.59
N PHE G 127 18.48 9.13 -6.11
CA PHE G 127 19.11 10.19 -5.38
C PHE G 127 18.19 11.39 -5.28
N LEU G 128 18.07 11.95 -4.09
CA LEU G 128 17.51 13.26 -3.92
C LEU G 128 18.24 14.15 -2.94
N GLY G 129 18.10 15.43 -3.16
CA GLY G 129 18.65 16.48 -2.32
C GLY G 129 17.85 17.75 -2.36
N GLY G 130 17.99 18.58 -1.33
CA GLY G 130 17.35 19.87 -1.30
C GLY G 130 17.56 20.59 0.01
N VAL G 131 17.28 21.88 0.01
CA VAL G 131 17.47 22.70 1.21
C VAL G 131 16.20 22.88 1.92
N VAL G 132 16.23 22.64 3.23
CA VAL G 132 15.05 22.82 4.07
C VAL G 132 15.40 23.54 5.35
N HIS G 133 14.39 24.12 5.95
CA HIS G 133 14.53 24.81 7.19
C HIS G 133 14.16 23.90 8.36
N LEU G 134 15.02 23.85 9.35
CA LEU G 134 14.88 22.98 10.45
C LEU G 134 15.14 23.76 11.74
N GLU G 135 14.24 23.63 12.70
CA GLU G 135 14.52 24.15 14.06
C GLU G 135 15.28 23.13 14.92
N ALA G 136 15.73 23.57 16.09
CA ALA G 136 16.42 22.75 17.04
C ALA G 136 15.47 21.72 17.54
N GLY G 137 15.92 20.46 17.65
CA GLY G 137 15.00 19.41 18.06
C GLY G 137 14.17 18.80 16.93
N GLU G 138 14.14 19.45 15.77
CA GLU G 138 13.47 18.82 14.62
C GLU G 138 14.36 17.72 13.99
N GLU G 139 13.76 16.78 13.26
CA GLU G 139 14.48 15.63 12.77
C GLU G 139 14.17 15.36 11.30
N VAL G 140 15.10 14.72 10.61
CA VAL G 140 14.85 14.27 9.27
C VAL G 140 15.11 12.78 9.17
N VAL G 141 14.21 12.05 8.50
CA VAL G 141 14.33 10.63 8.26
C VAL G 141 14.18 10.33 6.78
N VAL G 142 14.64 9.16 6.36
CA VAL G 142 14.44 8.61 5.06
C VAL G 142 13.45 7.39 5.15
N ARG G 143 12.55 7.31 4.19
CA ARG G 143 11.67 6.15 4.03
C ARG G 143 11.69 5.69 2.60
N VAL G 144 11.61 4.40 2.42
CA VAL G 144 11.34 3.78 1.14
C VAL G 144 10.11 2.92 1.34
N LEU G 145 9.13 3.09 0.48
CA LEU G 145 7.86 2.43 0.67
C LEU G 145 7.94 0.91 0.76
N ASP G 146 8.64 0.28 -0.18
CA ASP G 146 8.87 -1.14 -0.13
C ASP G 146 10.38 -1.43 -0.05
N GLU G 147 10.81 -1.70 1.16
CA GLU G 147 12.15 -1.99 1.49
C GLU G 147 12.70 -3.26 0.85
N ARG G 148 11.87 -4.12 0.33
CA ARG G 148 12.38 -5.33 -0.33
C ARG G 148 13.20 -5.03 -1.54
N LEU G 149 12.99 -3.88 -2.13
CA LEU G 149 13.80 -3.44 -3.26
C LEU G 149 15.20 -2.89 -2.94
N VAL G 150 15.44 -2.54 -1.68
CA VAL G 150 16.72 -1.97 -1.29
C VAL G 150 17.81 -3.05 -1.24
N ARG G 151 18.88 -2.79 -1.93
CA ARG G 151 20.00 -3.70 -2.01
C ARG G 151 21.17 -3.15 -1.20
N LEU G 152 21.25 -3.55 0.05
CA LEU G 152 22.33 -3.18 0.89
C LEU G 152 23.59 -3.83 0.49
N ARG G 153 24.66 -3.08 0.62
CA ARG G 153 25.99 -3.68 0.41
C ARG G 153 27.01 -3.42 1.57
N ASP G 154 27.65 -2.25 1.58
CA ASP G 154 28.73 -2.00 2.55
C ASP G 154 28.76 -0.55 3.00
N GLY G 155 27.63 0.10 2.85
CA GLY G 155 27.52 1.49 3.14
C GLY G 155 27.86 2.52 2.05
N THR G 156 28.25 2.08 0.87
CA THR G 156 28.53 3.00 -0.23
C THR G 156 27.37 3.17 -1.20
N ARG G 157 26.32 2.35 -1.13
CA ARG G 157 25.22 2.47 -2.12
C ARG G 157 23.97 3.09 -1.64
N SER G 158 23.74 3.02 -0.34
CA SER G 158 22.61 3.67 0.27
C SER G 158 23.08 4.49 1.42
N TYR G 159 22.61 5.73 1.53
CA TYR G 159 23.10 6.64 2.55
C TYR G 159 22.17 7.85 2.70
N PHE G 160 22.48 8.70 3.67
CA PHE G 160 21.62 9.79 4.14
C PHE G 160 22.53 10.82 4.81
N GLY G 161 22.50 12.07 4.36
CA GLY G 161 23.39 13.09 4.91
C GLY G 161 22.81 14.45 4.88
N ALA G 162 23.52 15.40 5.45
CA ALA G 162 23.08 16.77 5.50
C ALA G 162 24.20 17.67 5.86
N PHE G 163 24.03 18.95 5.55
CA PHE G 163 24.95 20.01 5.97
C PHE G 163 24.26 21.37 5.95
N MET G 164 24.62 22.21 6.90
CA MET G 164 24.02 23.51 7.04
C MET G 164 24.55 24.36 5.90
N VAL G 165 23.70 25.18 5.32
CA VAL G 165 24.18 26.08 4.26
C VAL G 165 23.89 27.52 4.54
N GLU H 16 26.66 37.93 8.11
CA GLU H 16 26.92 37.66 6.64
C GLU H 16 26.11 36.48 6.08
N VAL H 17 24.84 36.73 5.77
CA VAL H 17 23.89 35.69 5.37
C VAL H 17 24.31 34.98 4.08
N ASN H 18 24.40 33.67 4.10
CA ASN H 18 24.68 32.98 2.86
C ASN H 18 23.44 32.82 1.96
N PRO H 19 23.50 33.34 0.74
CA PRO H 19 22.34 33.18 -0.12
C PRO H 19 21.89 31.66 -0.35
N ALA H 20 20.60 31.42 -0.25
CA ALA H 20 20.00 30.13 -0.47
C ALA H 20 18.50 30.27 -0.80
N ALA H 21 17.99 29.27 -1.53
CA ALA H 21 16.62 29.24 -1.94
C ALA H 21 16.21 27.84 -2.23
N HIS H 22 14.92 27.59 -2.05
CA HIS H 22 14.27 26.35 -2.48
C HIS H 22 12.87 26.73 -2.92
N LEU H 23 12.57 26.45 -4.18
CA LEU H 23 11.28 26.73 -4.77
C LEU H 23 10.61 25.43 -5.17
N THR H 24 9.28 25.44 -5.11
CA THR H 24 8.52 24.17 -5.19
C THR H 24 7.51 24.17 -6.29
N GLY H 25 7.26 22.99 -6.82
CA GLY H 25 6.36 22.84 -7.92
C GLY H 25 5.01 23.42 -7.53
N ALA H 26 4.36 24.05 -8.49
CA ALA H 26 3.13 24.78 -8.21
C ALA H 26 2.11 24.51 -9.29
N ASN H 27 0.86 24.93 -9.01
CA ASN H 27 -0.21 24.76 -9.99
C ASN H 27 0.03 25.65 -11.23
N SER H 28 0.68 26.78 -11.02
CA SER H 28 1.10 27.63 -12.15
C SER H 28 2.34 27.03 -12.83
N SER H 29 2.88 25.92 -12.37
CA SER H 29 4.28 25.61 -12.75
C SER H 29 4.53 25.40 -14.24
N LEU H 30 3.56 24.92 -14.97
CA LEU H 30 3.82 24.54 -16.35
C LEU H 30 3.03 25.47 -17.25
N THR H 31 3.69 26.46 -17.82
CA THR H 31 3.05 27.43 -18.69
C THR H 31 2.58 26.77 -20.02
N GLY H 32 3.36 25.81 -20.56
CA GLY H 32 3.12 25.33 -21.93
C GLY H 32 3.45 26.38 -23.02
N SER H 33 4.11 27.47 -22.60
CA SER H 33 4.42 28.59 -23.47
C SER H 33 5.76 28.40 -24.19
N GLY H 34 6.52 27.36 -23.83
CA GLY H 34 7.94 27.27 -24.25
C GLY H 34 8.90 28.16 -23.43
N GLY H 35 8.36 28.91 -22.46
CA GLY H 35 9.13 29.58 -21.41
C GLY H 35 9.53 28.60 -20.29
N PRO H 36 10.27 29.08 -19.27
CA PRO H 36 10.69 28.04 -18.34
C PRO H 36 9.55 27.67 -17.41
N LEU H 37 9.79 26.69 -16.55
CA LEU H 37 8.89 26.37 -15.48
C LEU H 37 8.83 27.51 -14.52
N LEU H 38 7.68 27.68 -13.88
CA LEU H 38 7.52 28.61 -12.78
C LEU H 38 7.44 27.83 -11.47
N TRP H 39 7.57 28.53 -10.37
CA TRP H 39 7.75 27.90 -9.13
C TRP H 39 7.14 28.75 -8.07
N GLU H 40 6.67 28.12 -7.02
CA GLU H 40 6.26 28.81 -5.80
C GLU H 40 7.44 29.29 -4.98
N THR H 41 7.30 30.48 -4.36
CA THR H 41 8.39 31.09 -3.59
C THR H 41 8.13 31.35 -2.13
N GLN H 42 6.90 31.23 -1.69
CA GLN H 42 6.57 31.74 -0.36
C GLN H 42 5.83 30.76 0.53
N LEU H 43 4.95 29.99 -0.06
CA LEU H 43 4.18 29.04 0.69
C LEU H 43 4.89 27.70 0.92
N GLY H 44 4.34 26.94 1.84
CA GLY H 44 4.85 25.64 2.19
C GLY H 44 6.35 25.62 2.52
N LEU H 45 7.08 24.85 1.73
CA LEU H 45 8.51 24.64 1.95
C LEU H 45 9.35 25.63 1.16
N ALA H 46 8.71 26.49 0.38
CA ALA H 46 9.50 27.36 -0.50
C ALA H 46 10.05 28.52 0.30
N PHE H 47 11.20 29.03 -0.07
CA PHE H 47 11.70 30.23 0.56
C PHE H 47 12.78 30.79 -0.34
N LEU H 48 13.09 32.07 -0.08
CA LEU H 48 14.22 32.81 -0.64
C LEU H 48 15.00 33.48 0.47
N ARG H 49 16.33 33.33 0.47
CA ARG H 49 17.16 34.07 1.37
C ARG H 49 18.32 34.66 0.57
N GLY H 50 18.25 35.96 0.31
CA GLY H 50 19.31 36.66 -0.39
C GLY H 50 19.34 36.33 -1.85
N LEU H 51 18.24 35.77 -2.36
CA LEU H 51 18.07 35.56 -3.79
C LEU H 51 16.70 36.10 -4.05
N SER H 52 16.44 36.41 -5.32
CA SER H 52 15.09 36.79 -5.81
C SER H 52 14.61 35.87 -6.85
N TYR H 53 13.40 36.13 -7.27
CA TYR H 53 12.74 35.33 -8.24
C TYR H 53 12.10 36.16 -9.29
N HIS H 54 12.18 35.72 -10.55
CA HIS H 54 11.55 36.45 -11.60
C HIS H 54 11.15 35.61 -12.77
N ASP H 55 9.84 35.47 -12.95
CA ASP H 55 9.29 34.75 -14.09
C ASP H 55 9.87 33.34 -14.28
N GLY H 56 10.00 32.60 -13.18
CA GLY H 56 10.58 31.28 -13.21
C GLY H 56 12.04 31.23 -12.82
N ALA H 57 12.66 32.41 -12.62
CA ALA H 57 14.10 32.46 -12.48
C ALA H 57 14.51 32.82 -11.11
N LEU H 58 15.53 32.13 -10.61
CA LEU H 58 16.25 32.58 -9.44
C LEU H 58 17.22 33.67 -9.90
N VAL H 59 17.14 34.82 -9.26
CA VAL H 59 17.89 36.00 -9.66
C VAL H 59 18.93 36.24 -8.58
N VAL H 60 20.18 36.21 -9.01
CA VAL H 60 21.30 36.44 -8.11
C VAL H 60 21.52 37.92 -7.75
N THR H 61 21.71 38.20 -6.45
CA THR H 61 22.02 39.52 -5.93
C THR H 61 23.51 39.61 -5.69
N LYS H 62 24.06 38.56 -5.08
CA LYS H 62 25.42 38.51 -4.64
C LYS H 62 26.23 37.55 -5.51
N ALA H 63 27.28 38.07 -6.08
CA ALA H 63 27.98 37.35 -7.09
C ALA H 63 28.77 36.23 -6.44
N GLY H 64 28.87 35.10 -7.15
CA GLY H 64 29.76 34.05 -6.76
C GLY H 64 29.40 32.64 -7.32
N TYR H 65 29.85 31.64 -6.57
CA TYR H 65 29.71 30.24 -6.96
C TYR H 65 28.56 29.69 -6.15
N TYR H 66 27.64 29.10 -6.87
CA TYR H 66 26.39 28.53 -6.29
C TYR H 66 26.25 27.10 -6.70
N TYR H 67 25.91 26.26 -5.73
CA TYR H 67 25.42 24.91 -6.05
C TYR H 67 23.98 25.11 -6.42
N ILE H 68 23.63 24.76 -7.64
CA ILE H 68 22.24 24.80 -8.03
C ILE H 68 21.72 23.39 -8.30
N TYR H 69 20.43 23.18 -8.11
CA TYR H 69 19.86 21.84 -8.19
C TYR H 69 18.41 21.88 -8.56
N SER H 70 17.94 20.81 -9.17
CA SER H 70 16.56 20.71 -9.45
C SER H 70 16.18 19.30 -9.49
N LYS H 71 14.99 18.98 -8.99
CA LYS H 71 14.38 17.69 -9.27
C LYS H 71 13.06 17.88 -9.98
N VAL H 72 12.81 17.06 -10.97
CA VAL H 72 11.48 17.04 -11.57
C VAL H 72 10.92 15.64 -11.60
N GLN H 73 9.68 15.55 -11.23
CA GLN H 73 9.03 14.26 -11.12
C GLN H 73 8.28 14.07 -12.38
N LEU H 74 8.60 12.97 -13.04
CA LEU H 74 8.01 12.63 -14.30
C LEU H 74 7.15 11.42 -14.19
N GLY H 75 6.25 11.32 -15.12
CA GLY H 75 5.42 10.13 -15.15
C GLY H 75 4.29 10.27 -16.12
N GLY H 76 3.62 9.18 -16.36
CA GLY H 76 2.51 9.23 -17.32
C GLY H 76 1.76 7.92 -17.54
N VAL H 77 0.68 7.99 -18.32
CA VAL H 77 0.01 6.76 -18.81
C VAL H 77 0.42 6.59 -20.28
N GLY H 78 1.40 5.75 -20.55
CA GLY H 78 2.11 5.77 -21.83
C GLY H 78 2.94 7.03 -22.06
N CYS H 79 3.48 7.17 -23.28
CA CYS H 79 4.20 8.36 -23.71
C CYS H 79 3.65 8.87 -25.03
N PRO H 80 3.71 10.21 -25.25
CA PRO H 80 3.30 10.74 -26.54
C PRO H 80 3.95 10.05 -27.75
N LEU H 81 5.21 9.62 -27.64
CA LEU H 81 5.93 9.06 -28.81
C LEU H 81 6.33 7.58 -28.73
N GLY H 82 5.77 6.81 -27.81
CA GLY H 82 6.21 5.43 -27.61
C GLY H 82 7.67 5.34 -27.14
N LEU H 83 8.37 4.33 -27.62
CA LEU H 83 9.74 4.10 -27.23
C LEU H 83 10.67 5.16 -27.83
N ALA H 84 10.17 5.95 -28.78
CA ALA H 84 10.85 7.19 -29.29
C ALA H 84 10.94 8.38 -28.27
N SER H 85 10.02 8.42 -27.32
CA SER H 85 9.97 9.54 -26.35
C SER H 85 11.31 9.76 -25.59
N THR H 86 11.77 11.02 -25.63
CA THR H 86 12.95 11.46 -24.88
C THR H 86 12.65 12.71 -24.06
N ILE H 87 13.16 12.78 -22.86
CA ILE H 87 12.95 13.90 -22.03
C ILE H 87 14.28 14.61 -21.87
N THR H 88 14.24 15.92 -21.82
CA THR H 88 15.40 16.73 -21.47
C THR H 88 15.03 17.58 -20.24
N HIS H 89 15.88 17.57 -19.24
CA HIS H 89 15.66 18.33 -18.02
C HIS H 89 16.96 19.07 -17.79
N GLY H 90 16.87 20.36 -17.69
CA GLY H 90 18.06 21.16 -17.55
C GLY H 90 17.97 22.39 -16.74
N LEU H 91 19.12 22.91 -16.42
CA LEU H 91 19.24 24.23 -15.77
C LEU H 91 20.01 25.10 -16.71
N TYR H 92 19.61 26.37 -16.85
CA TYR H 92 20.07 27.27 -17.91
C TYR H 92 20.26 28.64 -17.32
N LYS H 93 21.30 29.33 -17.78
CA LYS H 93 21.59 30.67 -17.30
C LYS H 93 21.07 31.70 -18.31
N ARG H 94 20.48 32.74 -17.78
CA ARG H 94 20.10 33.90 -18.56
C ARG H 94 20.88 35.05 -18.06
N THR H 95 21.61 35.67 -18.97
CA THR H 95 22.51 36.79 -18.60
C THR H 95 22.47 37.92 -19.59
N PRO H 96 22.47 39.19 -19.14
CA PRO H 96 22.64 40.23 -20.16
C PRO H 96 23.94 40.18 -20.94
N ARG H 97 24.88 39.35 -20.57
CA ARG H 97 26.13 39.32 -21.34
C ARG H 97 26.04 38.55 -22.60
N TYR H 98 24.91 37.91 -22.88
CA TYR H 98 24.84 37.06 -24.06
C TYR H 98 23.40 37.09 -24.42
N PRO H 99 23.13 37.10 -25.72
CA PRO H 99 21.72 37.22 -26.00
C PRO H 99 21.01 35.86 -26.01
N GLU H 100 21.74 34.77 -25.86
CA GLU H 100 21.11 33.47 -25.67
C GLU H 100 21.29 32.88 -24.27
N GLU H 101 20.30 32.07 -23.90
CA GLU H 101 20.35 31.26 -22.73
C GLU H 101 21.47 30.26 -22.87
N LEU H 102 22.17 30.02 -21.78
CA LEU H 102 23.28 29.12 -21.80
C LEU H 102 22.97 27.86 -20.95
N GLU H 103 23.16 26.69 -21.54
CA GLU H 103 23.08 25.47 -20.83
C GLU H 103 24.15 25.39 -19.76
N LEU H 104 23.71 24.98 -18.58
CA LEU H 104 24.60 24.67 -17.44
C LEU H 104 24.71 23.18 -17.16
N LEU H 105 23.58 22.56 -16.81
CA LEU H 105 23.49 21.16 -16.31
C LEU H 105 22.30 20.56 -16.95
N VAL H 106 22.49 19.48 -17.70
CA VAL H 106 21.42 18.92 -18.49
C VAL H 106 21.41 17.39 -18.40
N SER H 107 20.22 16.81 -18.37
CA SER H 107 20.05 15.36 -18.43
C SER H 107 19.05 14.98 -19.47
N GLN H 108 19.33 13.86 -20.10
CA GLN H 108 18.41 13.17 -20.97
C GLN H 108 17.99 11.82 -20.41
N GLN H 109 16.72 11.48 -20.58
CA GLN H 109 16.15 10.22 -20.13
C GLN H 109 15.23 9.62 -21.19
N SER H 110 15.14 8.31 -21.20
CA SER H 110 14.18 7.64 -22.07
C SER H 110 13.10 7.05 -21.19
N PRO H 111 12.05 7.78 -20.95
CA PRO H 111 11.14 7.42 -19.89
C PRO H 111 10.25 6.17 -20.19
N CYS H 112 9.87 5.97 -21.43
CA CYS H 112 9.11 4.78 -21.78
C CYS H 112 9.93 3.56 -22.18
N GLY H 113 11.26 3.62 -22.05
CA GLY H 113 12.17 2.63 -22.62
C GLY H 113 11.92 1.20 -22.15
N ARG H 114 11.30 1.05 -20.97
CA ARG H 114 10.99 -0.28 -20.44
C ARG H 114 9.54 -0.61 -20.52
N ALA H 115 8.73 0.28 -21.09
CA ALA H 115 7.27 0.10 -21.04
C ALA H 115 6.78 -0.77 -22.20
N THR H 116 5.66 -1.46 -21.99
CA THR H 116 4.94 -2.17 -23.02
C THR H 116 3.49 -1.68 -22.97
N SER H 117 2.70 -2.05 -23.99
CA SER H 117 1.28 -1.64 -24.08
C SER H 117 0.44 -2.09 -22.91
N SER H 118 0.68 -3.31 -22.44
CA SER H 118 0.06 -3.78 -21.21
C SER H 118 0.79 -3.33 -19.86
N SER H 119 1.84 -2.54 -19.96
CA SER H 119 2.54 -1.92 -18.78
C SER H 119 2.86 -0.42 -19.06
N ARG H 120 1.82 0.35 -19.36
CA ARG H 120 1.96 1.69 -19.90
C ARG H 120 2.31 2.72 -18.84
N VAL H 121 1.74 2.60 -17.64
CA VAL H 121 1.89 3.60 -16.56
C VAL H 121 3.28 3.60 -15.85
N TRP H 122 3.93 4.74 -15.83
CA TRP H 122 5.31 4.81 -15.36
C TRP H 122 5.54 6.08 -14.55
N TRP H 123 6.52 6.02 -13.65
CA TRP H 123 6.98 7.16 -12.87
C TRP H 123 8.46 7.14 -12.79
N ASP H 124 9.05 8.34 -12.84
CA ASP H 124 10.50 8.49 -12.72
C ASP H 124 10.86 9.92 -12.33
N SER H 125 11.87 10.03 -11.48
CA SER H 125 12.38 11.35 -11.06
C SER H 125 13.71 11.65 -11.70
N SER H 126 13.96 12.91 -12.05
CA SER H 126 15.22 13.35 -12.58
C SER H 126 15.77 14.43 -11.64
N PHE H 127 16.96 14.16 -11.15
CA PHE H 127 17.69 15.09 -10.31
C PHE H 127 19.01 15.56 -10.90
N LEU H 128 19.30 16.83 -10.82
CA LEU H 128 20.60 17.31 -11.10
C LEU H 128 21.03 18.39 -10.12
N GLY H 129 22.35 18.56 -10.05
CA GLY H 129 22.95 19.58 -9.24
C GLY H 129 24.36 19.79 -9.72
N GLY H 130 24.90 20.97 -9.44
CA GLY H 130 26.27 21.32 -9.82
C GLY H 130 26.60 22.74 -9.43
N VAL H 131 27.89 23.03 -9.30
CA VAL H 131 28.33 24.35 -8.91
C VAL H 131 28.69 25.22 -10.13
N VAL H 132 28.10 26.40 -10.17
CA VAL H 132 28.30 27.32 -11.26
C VAL H 132 28.57 28.73 -10.77
N HIS H 133 29.17 29.53 -11.65
CA HIS H 133 29.49 30.92 -11.28
C HIS H 133 28.38 31.84 -11.76
N LEU H 134 27.87 32.65 -10.86
CA LEU H 134 26.83 33.61 -11.24
C LEU H 134 27.15 35.03 -10.78
N GLU H 135 27.07 35.99 -11.72
CA GLU H 135 27.26 37.39 -11.43
C GLU H 135 25.97 37.97 -10.96
N ALA H 136 26.04 39.10 -10.28
CA ALA H 136 24.86 39.87 -9.89
C ALA H 136 24.02 40.19 -11.11
N GLY H 137 22.69 40.00 -11.01
CA GLY H 137 21.77 40.24 -12.12
C GLY H 137 21.55 39.05 -13.04
N GLU H 138 22.43 38.03 -12.99
CA GLU H 138 22.18 36.80 -13.75
C GLU H 138 21.08 35.92 -13.14
N GLU H 139 20.50 35.10 -13.99
CA GLU H 139 19.32 34.33 -13.66
C GLU H 139 19.58 32.86 -14.04
N VAL H 140 18.94 31.96 -13.27
CA VAL H 140 18.92 30.53 -13.58
C VAL H 140 17.44 30.09 -13.64
N VAL H 141 17.12 29.27 -14.61
CA VAL H 141 15.82 28.72 -14.83
C VAL H 141 15.90 27.23 -15.12
N VAL H 142 14.79 26.55 -14.93
CA VAL H 142 14.67 25.15 -15.22
C VAL H 142 13.75 24.95 -16.42
N ARG H 143 14.11 24.03 -17.29
CA ARG H 143 13.30 23.69 -18.48
C ARG H 143 13.26 22.21 -18.62
N VAL H 144 12.09 21.71 -18.92
CA VAL H 144 11.89 20.33 -19.23
C VAL H 144 11.15 20.29 -20.55
N LEU H 145 11.57 19.38 -21.40
CA LEU H 145 10.91 19.05 -22.65
C LEU H 145 10.71 17.53 -22.65
N ASP H 146 9.48 17.01 -22.58
CA ASP H 146 8.21 17.65 -22.86
C ASP H 146 7.48 17.85 -21.52
N GLU H 147 6.99 19.03 -21.25
CA GLU H 147 6.33 19.39 -20.02
C GLU H 147 5.12 18.55 -19.66
N ARG H 148 4.52 17.95 -20.66
CA ARG H 148 3.39 17.08 -20.41
C ARG H 148 3.77 15.88 -19.53
N LEU H 149 5.05 15.53 -19.45
CA LEU H 149 5.42 14.40 -18.63
C LEU H 149 5.67 14.79 -17.19
N VAL H 150 5.58 16.05 -16.86
CA VAL H 150 5.76 16.51 -15.48
C VAL H 150 4.48 16.29 -14.70
N ARG H 151 4.63 15.59 -13.59
CA ARG H 151 3.52 15.27 -12.71
C ARG H 151 3.62 16.06 -11.39
N LEU H 152 2.95 17.20 -11.36
CA LEU H 152 2.86 18.07 -10.18
C LEU H 152 2.03 17.40 -9.10
N ARG H 153 2.39 17.65 -7.85
CA ARG H 153 1.60 17.15 -6.78
C ARG H 153 1.36 18.24 -5.75
N ASP H 154 2.34 18.50 -4.88
CA ASP H 154 2.14 19.40 -3.75
C ASP H 154 3.42 20.13 -3.36
N GLY H 155 4.33 20.26 -4.32
CA GLY H 155 5.59 20.91 -4.10
C GLY H 155 6.75 20.08 -3.54
N THR H 156 6.52 18.81 -3.24
CA THR H 156 7.54 17.99 -2.69
C THR H 156 8.26 17.14 -3.73
N ARG H 157 7.68 17.05 -4.94
CA ARG H 157 8.21 16.19 -5.98
C ARG H 157 8.99 16.91 -7.06
N SER H 158 8.68 18.14 -7.29
CA SER H 158 9.49 18.90 -8.24
C SER H 158 9.94 20.19 -7.59
N TYR H 159 11.18 20.56 -7.77
CA TYR H 159 11.66 21.70 -7.05
C TYR H 159 12.95 22.20 -7.68
N PHE H 160 13.38 23.37 -7.25
CA PHE H 160 14.47 24.13 -7.87
C PHE H 160 15.09 24.98 -6.79
N GLY H 161 16.38 24.84 -6.58
CA GLY H 161 17.06 25.54 -5.48
C GLY H 161 18.54 25.83 -5.75
N ALA H 162 19.10 26.59 -4.81
CA ALA H 162 20.49 26.95 -4.83
C ALA H 162 20.99 27.48 -3.48
N PHE H 163 22.29 27.45 -3.30
CA PHE H 163 22.91 28.13 -2.20
C PHE H 163 24.35 28.43 -2.61
N MET H 164 24.88 29.45 -2.00
CA MET H 164 26.24 29.92 -2.34
C MET H 164 27.22 28.98 -1.64
N VAL H 165 28.34 28.69 -2.29
CA VAL H 165 29.40 27.88 -1.67
C VAL H 165 30.74 28.62 -1.66
N VAL I 17 38.55 31.80 1.83
CA VAL I 17 38.13 31.17 0.54
C VAL I 17 37.78 29.64 0.63
N ASN I 18 36.52 29.31 0.41
CA ASN I 18 36.06 27.96 0.56
C ASN I 18 36.31 27.19 -0.68
N PRO I 19 37.06 26.09 -0.56
CA PRO I 19 37.32 25.38 -1.83
C PRO I 19 36.09 24.78 -2.52
N ALA I 20 36.17 24.80 -3.85
CA ALA I 20 35.09 24.38 -4.70
C ALA I 20 35.68 24.12 -6.05
N ALA I 21 35.06 23.23 -6.80
CA ALA I 21 35.49 22.88 -8.14
C ALA I 21 34.30 22.32 -8.90
N HIS I 22 34.27 22.56 -10.22
CA HIS I 22 33.33 21.88 -11.08
C HIS I 22 34.06 21.52 -12.35
N LEU I 23 34.14 20.25 -12.68
CA LEU I 23 34.89 19.77 -13.78
C LEU I 23 33.99 19.13 -14.80
N THR I 24 34.28 19.35 -16.08
CA THR I 24 33.36 18.95 -17.15
C THR I 24 33.91 17.85 -18.02
N GLY I 25 33.01 17.07 -18.58
CA GLY I 25 33.34 15.92 -19.37
C GLY I 25 34.10 16.39 -20.57
N ALA I 26 35.08 15.62 -20.95
CA ALA I 26 36.13 16.07 -21.83
C ALA I 26 36.37 15.17 -23.06
N ASN I 27 36.77 15.80 -24.17
CA ASN I 27 37.36 15.05 -25.29
C ASN I 27 38.26 13.87 -24.84
N SER I 28 39.15 14.21 -23.92
CA SER I 28 40.07 13.24 -23.35
C SER I 28 39.29 12.30 -22.42
N SER I 29 38.06 12.68 -22.07
CA SER I 29 37.51 12.30 -20.76
C SER I 29 37.62 10.80 -20.54
N LEU I 30 37.66 10.03 -21.60
CA LEU I 30 37.76 8.61 -21.43
C LEU I 30 39.15 8.16 -21.93
N THR I 31 40.01 7.69 -21.03
CA THR I 31 41.32 7.17 -21.43
C THR I 31 41.12 5.78 -22.09
N GLY I 32 40.19 4.98 -21.57
CA GLY I 32 40.00 3.59 -22.01
C GLY I 32 40.92 2.56 -21.36
N SER I 33 41.79 3.00 -20.44
CA SER I 33 43.01 2.23 -20.00
C SER I 33 42.95 1.50 -18.64
N GLY I 34 41.72 1.34 -18.09
CA GLY I 34 41.50 0.95 -16.67
C GLY I 34 41.72 2.09 -15.66
N GLY I 35 42.17 3.24 -16.15
CA GLY I 35 42.22 4.47 -15.37
C GLY I 35 40.87 5.14 -15.28
N PRO I 36 40.75 6.12 -14.42
CA PRO I 36 39.49 6.84 -14.25
C PRO I 36 39.13 7.80 -15.38
N LEU I 37 37.93 8.34 -15.33
CA LEU I 37 37.54 9.37 -16.26
C LEU I 37 38.41 10.56 -16.09
N LEU I 38 38.56 11.30 -17.19
CA LEU I 38 39.34 12.52 -17.24
C LEU I 38 38.42 13.67 -17.40
N TRP I 39 38.84 14.82 -16.94
CA TRP I 39 37.96 15.98 -16.95
C TRP I 39 38.71 17.25 -17.35
N GLU I 40 37.94 18.22 -17.81
CA GLU I 40 38.42 19.53 -18.18
C GLU I 40 38.28 20.42 -16.96
N THR I 41 39.27 21.31 -16.73
CA THR I 41 39.43 22.09 -15.50
C THR I 41 39.40 23.59 -15.65
N GLN I 42 39.41 24.09 -16.88
CA GLN I 42 39.54 25.52 -17.11
C GLN I 42 38.60 26.13 -18.14
N LEU I 43 38.37 25.47 -19.23
CA LEU I 43 37.49 25.96 -20.27
C LEU I 43 35.98 25.92 -19.88
N GLY I 44 35.26 26.91 -20.33
CA GLY I 44 33.81 26.88 -20.19
C GLY I 44 33.30 26.96 -18.77
N LEU I 45 32.49 25.97 -18.40
CA LEU I 45 31.96 25.90 -17.03
C LEU I 45 32.98 25.42 -16.01
N ALA I 46 34.02 24.76 -16.46
CA ALA I 46 34.97 24.14 -15.55
C ALA I 46 35.75 25.19 -14.76
N PHE I 47 36.05 24.87 -13.50
CA PHE I 47 36.87 25.72 -12.65
C PHE I 47 37.40 24.97 -11.41
N LEU I 48 38.49 25.47 -10.86
CA LEU I 48 39.07 25.01 -9.63
C LEU I 48 39.24 26.23 -8.74
N ARG I 49 38.77 26.20 -7.52
CA ARG I 49 39.05 27.23 -6.60
C ARG I 49 39.50 26.60 -5.33
N GLY I 50 40.81 26.56 -5.14
CA GLY I 50 41.39 26.04 -3.92
C GLY I 50 41.36 24.53 -3.87
N LEU I 51 41.28 23.86 -5.02
CA LEU I 51 41.50 22.44 -5.15
C LEU I 51 42.33 22.33 -6.36
N SER I 52 42.98 21.20 -6.55
CA SER I 52 43.82 20.93 -7.69
C SER I 52 43.37 19.71 -8.46
N TYR I 53 44.05 19.39 -9.52
CA TYR I 53 43.64 18.31 -10.40
C TYR I 53 44.84 17.61 -10.88
N HIS I 54 44.78 16.30 -10.97
CA HIS I 54 45.88 15.58 -11.56
C HIS I 54 45.38 14.23 -12.06
N ASP I 55 45.54 13.96 -13.36
CA ASP I 55 45.17 12.69 -13.98
C ASP I 55 43.77 12.12 -13.61
N GLY I 56 42.77 12.99 -13.68
CA GLY I 56 41.41 12.64 -13.46
C GLY I 56 40.96 12.96 -12.06
N ALA I 57 41.86 13.30 -11.17
CA ALA I 57 41.51 13.39 -9.80
C ALA I 57 41.42 14.78 -9.30
N LEU I 58 40.41 15.10 -8.47
CA LEU I 58 40.46 16.28 -7.68
C LEU I 58 41.35 15.99 -6.52
N VAL I 59 42.24 16.91 -6.25
CA VAL I 59 43.30 16.73 -5.30
C VAL I 59 43.07 17.75 -4.23
N VAL I 60 43.03 17.31 -2.99
CA VAL I 60 42.63 18.18 -1.91
C VAL I 60 43.85 18.87 -1.34
N THR I 61 43.67 20.12 -1.03
CA THR I 61 44.75 20.96 -0.52
C THR I 61 44.48 21.33 0.93
N LYS I 62 43.26 21.68 1.22
CA LYS I 62 42.86 21.98 2.56
C LYS I 62 41.95 20.82 3.12
N ALA I 63 42.40 20.24 4.22
CA ALA I 63 41.74 19.11 4.78
C ALA I 63 40.37 19.46 5.31
N GLY I 64 39.40 18.55 5.11
CA GLY I 64 38.10 18.76 5.70
C GLY I 64 37.03 17.84 5.14
N TYR I 65 35.78 18.26 5.37
CA TYR I 65 34.65 17.54 4.87
C TYR I 65 34.17 18.18 3.58
N TYR I 66 33.97 17.37 2.55
CA TYR I 66 33.54 17.88 1.26
C TYR I 66 32.30 17.18 0.70
N TYR I 67 31.40 17.92 0.12
CA TYR I 67 30.39 17.37 -0.68
C TYR I 67 30.93 17.18 -2.03
N ILE I 68 30.95 15.94 -2.48
CA ILE I 68 31.43 15.59 -3.78
C ILE I 68 30.27 15.11 -4.61
N TYR I 69 30.31 15.38 -5.90
CA TYR I 69 29.20 15.01 -6.76
C TYR I 69 29.66 14.68 -8.13
N SER I 70 28.91 13.83 -8.78
CA SER I 70 29.16 13.61 -10.18
C SER I 70 27.88 13.22 -10.91
N LYS I 71 27.74 13.73 -12.15
CA LYS I 71 26.74 13.28 -13.07
C LYS I 71 27.40 12.73 -14.27
N VAL I 72 26.96 11.58 -14.72
CA VAL I 72 27.32 11.10 -16.04
C VAL I 72 26.09 10.75 -16.87
N GLN I 73 26.16 11.10 -18.15
CA GLN I 73 25.09 10.84 -19.10
C GLN I 73 25.36 9.55 -19.83
N LEU I 74 24.49 8.58 -19.70
CA LEU I 74 24.62 7.33 -20.37
C LEU I 74 23.67 7.29 -21.52
N GLY I 75 23.99 6.45 -22.49
CA GLY I 75 23.10 6.35 -23.63
C GLY I 75 23.72 5.48 -24.68
N GLY I 76 22.95 5.19 -25.69
CA GLY I 76 23.44 4.37 -26.79
C GLY I 76 22.42 4.23 -27.89
N VAL I 77 22.90 3.80 -29.04
CA VAL I 77 22.03 3.41 -30.13
C VAL I 77 21.90 1.92 -29.90
N GLY I 78 20.82 1.49 -29.27
CA GLY I 78 20.69 0.13 -28.88
C GLY I 78 21.75 -0.38 -27.90
N CYS I 79 21.85 -1.69 -27.84
CA CYS I 79 22.55 -2.38 -26.76
C CYS I 79 23.35 -3.57 -27.24
N PRO I 80 24.65 -3.37 -27.48
CA PRO I 80 25.65 -4.44 -27.45
C PRO I 80 26.66 -4.14 -26.33
N LEU I 83 29.18 -5.89 -24.68
CA LEU I 83 29.33 -6.71 -23.47
C LEU I 83 28.23 -6.46 -22.37
N ALA I 84 28.55 -5.66 -21.34
CA ALA I 84 27.87 -5.74 -20.00
C ALA I 84 26.60 -4.88 -19.80
N SER I 85 25.52 -5.54 -19.38
CA SER I 85 24.22 -4.88 -19.17
C SER I 85 24.12 -3.97 -17.90
N THR I 86 24.98 -4.27 -16.90
CA THR I 86 25.06 -3.55 -15.62
C THR I 86 26.19 -2.47 -15.62
N ILE I 87 25.82 -1.24 -15.31
CA ILE I 87 26.71 -0.13 -15.30
C ILE I 87 26.99 0.25 -13.83
N THR I 88 28.23 0.53 -13.52
CA THR I 88 28.58 1.06 -12.22
C THR I 88 29.08 2.48 -12.39
N HIS I 89 28.57 3.38 -11.58
CA HIS I 89 29.04 4.74 -11.56
C HIS I 89 29.38 5.11 -10.14
N GLY I 90 30.63 5.48 -9.94
CA GLY I 90 31.21 5.64 -8.59
C GLY I 90 32.19 6.79 -8.43
N LEU I 91 32.28 7.26 -7.19
CA LEU I 91 33.32 8.12 -6.69
C LEU I 91 34.23 7.35 -5.69
N TYR I 92 35.52 7.56 -5.79
CA TYR I 92 36.53 6.75 -5.15
C TYR I 92 37.63 7.61 -4.67
N LYS I 93 38.23 7.20 -3.57
CA LYS I 93 39.30 7.92 -2.95
C LYS I 93 40.62 7.21 -3.21
N ARG I 94 41.64 8.00 -3.60
CA ARG I 94 43.01 7.51 -3.71
C ARG I 94 43.74 8.21 -2.63
N THR I 95 44.42 7.45 -1.80
CA THR I 95 45.12 8.03 -0.64
C THR I 95 46.43 7.27 -0.43
N PRO I 96 47.53 7.98 -0.04
CA PRO I 96 48.71 7.18 0.30
C PRO I 96 48.50 6.31 1.54
N ARG I 97 47.38 6.51 2.23
CA ARG I 97 47.04 5.69 3.39
C ARG I 97 46.60 4.30 3.08
N TYR I 98 46.38 3.94 1.83
CA TYR I 98 45.94 2.57 1.54
C TYR I 98 46.36 2.24 0.13
N PRO I 99 46.74 1.01 -0.13
CA PRO I 99 47.20 0.84 -1.53
C PRO I 99 46.14 0.59 -2.62
N GLU I 100 44.88 0.46 -2.25
CA GLU I 100 43.81 0.46 -3.24
C GLU I 100 42.94 1.69 -3.05
N GLU I 101 42.33 2.07 -4.13
CA GLU I 101 41.23 3.02 -4.10
C GLU I 101 40.11 2.58 -3.19
N LEU I 102 39.54 3.50 -2.45
CA LEU I 102 38.41 3.17 -1.61
C LEU I 102 37.13 3.71 -2.24
N GLU I 103 36.12 2.87 -2.32
CA GLU I 103 34.80 3.26 -2.77
C GLU I 103 34.23 4.23 -1.76
N LEU I 104 33.63 5.29 -2.28
CA LEU I 104 32.96 6.29 -1.41
C LEU I 104 31.46 6.25 -1.60
N LEU I 105 31.03 6.43 -2.82
CA LEU I 105 29.66 6.57 -3.18
C LEU I 105 29.51 5.93 -4.54
N VAL I 106 28.64 4.94 -4.64
CA VAL I 106 28.55 4.14 -5.82
C VAL I 106 27.09 3.89 -6.21
N SER I 107 26.82 3.90 -7.49
CA SER I 107 25.53 3.50 -7.99
C SER I 107 25.62 2.43 -9.04
N GLN I 108 24.60 1.57 -9.07
CA GLN I 108 24.40 0.62 -10.15
C GLN I 108 23.12 0.87 -10.94
N GLN I 109 23.23 0.75 -12.24
CA GLN I 109 22.12 0.91 -13.18
C GLN I 109 22.14 -0.24 -14.22
N SER I 110 20.97 -0.55 -14.79
CA SER I 110 20.68 -1.69 -15.69
C SER I 110 19.92 -1.32 -17.01
N PRO I 111 20.21 -0.20 -17.68
CA PRO I 111 19.17 0.18 -18.72
C PRO I 111 18.94 -0.81 -19.89
N CYS I 112 20.04 -1.32 -20.46
CA CYS I 112 19.94 -2.31 -21.56
C CYS I 112 19.32 -3.65 -21.14
N GLY I 113 19.58 -4.10 -19.91
CA GLY I 113 19.05 -5.38 -19.42
C GLY I 113 17.53 -5.48 -19.45
N ARG I 114 16.87 -4.35 -19.18
CA ARG I 114 15.42 -4.27 -19.13
C ARG I 114 14.71 -3.50 -20.26
N ALA I 115 15.45 -3.15 -21.31
CA ALA I 115 14.87 -2.40 -22.40
C ALA I 115 13.86 -3.31 -23.15
N THR I 116 12.74 -2.72 -23.56
CA THR I 116 11.77 -3.52 -24.34
C THR I 116 12.27 -3.74 -25.79
N SER I 117 13.05 -2.80 -26.31
CA SER I 117 13.69 -3.00 -27.61
C SER I 117 15.23 -2.86 -27.47
N SER I 118 15.94 -3.85 -27.99
CA SER I 118 17.41 -3.93 -27.96
C SER I 118 18.10 -2.88 -28.86
N SER I 119 17.41 -2.52 -29.93
CA SER I 119 17.91 -1.62 -30.95
C SER I 119 17.51 -0.12 -30.85
N ARG I 120 16.65 0.22 -29.91
CA ARG I 120 16.26 1.64 -29.69
C ARG I 120 17.37 2.50 -29.10
N VAL I 121 17.39 3.77 -29.50
CA VAL I 121 18.17 4.78 -28.85
C VAL I 121 17.66 4.95 -27.42
N TRP I 122 18.59 5.01 -26.47
CA TRP I 122 18.19 5.22 -25.06
C TRP I 122 19.16 6.19 -24.34
N TRP I 123 18.68 6.80 -23.26
CA TRP I 123 19.41 7.77 -22.50
C TRP I 123 19.10 7.55 -21.08
N ASP I 124 20.08 7.68 -20.21
CA ASP I 124 19.84 7.66 -18.79
C ASP I 124 20.94 8.42 -18.07
N SER I 125 20.57 9.26 -17.11
CA SER I 125 21.51 10.06 -16.38
C SER I 125 21.66 9.58 -14.95
N SER I 126 22.90 9.41 -14.54
CA SER I 126 23.26 8.93 -13.19
C SER I 126 23.87 10.06 -12.37
N PHE I 127 23.21 10.39 -11.28
CA PHE I 127 23.70 11.37 -10.36
C PHE I 127 23.99 10.84 -8.97
N LEU I 128 25.12 11.23 -8.41
CA LEU I 128 25.35 11.07 -7.00
C LEU I 128 26.13 12.14 -6.35
N GLY I 129 25.93 12.25 -5.04
CA GLY I 129 26.68 13.14 -4.19
C GLY I 129 26.64 12.67 -2.75
N GLY I 130 27.54 13.24 -1.96
CA GLY I 130 27.61 12.98 -0.55
C GLY I 130 28.80 13.64 0.07
N VAL I 131 28.79 13.70 1.38
CA VAL I 131 29.84 14.29 2.12
C VAL I 131 30.82 13.24 2.66
N VAL I 132 32.10 13.45 2.36
CA VAL I 132 33.19 12.60 2.77
C VAL I 132 34.33 13.44 3.34
N HIS I 133 35.11 12.80 4.18
CA HIS I 133 36.24 13.46 4.77
C HIS I 133 37.51 13.23 3.94
N LEU I 134 38.24 14.28 3.72
CA LEU I 134 39.43 14.20 2.87
C LEU I 134 40.58 14.94 3.53
N GLU I 135 41.73 14.28 3.58
CA GLU I 135 42.96 14.90 4.10
C GLU I 135 43.73 15.54 2.95
N ALA I 136 44.70 16.38 3.31
CA ALA I 136 45.55 17.05 2.33
C ALA I 136 46.37 16.06 1.56
N GLY I 137 46.45 16.23 0.26
CA GLY I 137 47.05 15.24 -0.61
C GLY I 137 46.11 14.11 -1.02
N GLU I 138 44.91 13.99 -0.44
CA GLU I 138 44.05 12.89 -0.86
C GLU I 138 43.33 13.28 -2.12
N GLU I 139 42.97 12.27 -2.90
CA GLU I 139 42.35 12.47 -4.23
C GLU I 139 40.96 11.77 -4.37
N VAL I 140 40.07 12.37 -5.14
CA VAL I 140 38.82 11.76 -5.57
C VAL I 140 38.74 11.59 -7.06
N VAL I 141 38.39 10.40 -7.50
CA VAL I 141 38.16 10.12 -8.93
C VAL I 141 36.76 9.54 -9.21
N VAL I 142 36.38 9.58 -10.47
CA VAL I 142 35.12 9.10 -10.93
C VAL I 142 35.42 7.95 -11.85
N ARG I 143 34.69 6.85 -11.69
CA ARG I 143 34.75 5.73 -12.64
C ARG I 143 33.40 5.30 -13.06
N VAL I 144 33.32 4.87 -14.30
CA VAL I 144 32.18 4.24 -14.87
C VAL I 144 32.59 2.97 -15.62
N LEU I 145 31.88 1.87 -15.40
CA LEU I 145 32.04 0.65 -16.17
C LEU I 145 30.69 0.20 -16.68
N ASP I 146 30.55 -0.07 -17.96
CA ASP I 146 31.52 0.06 -19.02
C ASP I 146 31.59 1.52 -19.45
N GLU I 147 32.81 1.99 -19.56
CA GLU I 147 33.08 3.37 -19.93
C GLU I 147 32.44 3.78 -21.25
N ARG I 148 32.13 2.84 -22.12
CA ARG I 148 31.58 3.18 -23.44
C ARG I 148 30.13 3.62 -23.41
N LEU I 149 29.46 3.44 -22.26
CA LEU I 149 28.10 3.95 -22.13
C LEU I 149 28.05 5.44 -21.85
N VAL I 150 29.17 6.04 -21.50
CA VAL I 150 29.18 7.46 -21.25
C VAL I 150 29.06 8.23 -22.55
N ARG I 151 28.12 9.18 -22.63
CA ARG I 151 27.88 9.92 -23.84
C ARG I 151 28.33 11.37 -23.67
N LEU I 152 29.51 11.74 -24.17
CA LEU I 152 29.99 13.10 -24.04
C LEU I 152 29.39 14.03 -25.07
N ARG I 153 29.28 15.30 -24.67
CA ARG I 153 28.78 16.35 -25.54
C ARG I 153 29.57 17.63 -25.40
N ASP I 154 29.18 18.46 -24.46
CA ASP I 154 29.78 19.80 -24.37
C ASP I 154 30.05 20.17 -22.95
N GLY I 155 30.14 19.19 -22.09
CA GLY I 155 30.40 19.50 -20.71
C GLY I 155 29.20 19.82 -19.83
N THR I 156 28.01 19.75 -20.36
CA THR I 156 26.82 20.01 -19.58
C THR I 156 26.15 18.73 -19.03
N ARG I 157 26.50 17.57 -19.55
CA ARG I 157 25.82 16.35 -19.15
C ARG I 157 26.58 15.38 -18.33
N SER I 158 27.90 15.45 -18.39
CA SER I 158 28.73 14.67 -17.53
C SER I 158 29.74 15.62 -16.85
N TYR I 159 29.85 15.53 -15.55
CA TYR I 159 30.65 16.47 -14.81
C TYR I 159 30.94 15.95 -13.41
N PHE I 160 31.82 16.63 -12.71
CA PHE I 160 32.45 16.11 -11.48
C PHE I 160 32.84 17.37 -10.70
N GLY I 161 32.39 17.46 -9.46
CA GLY I 161 32.66 18.63 -8.66
C GLY I 161 32.74 18.38 -7.15
N ALA I 162 33.05 19.44 -6.40
CA ALA I 162 33.12 19.35 -4.96
C ALA I 162 33.14 20.72 -4.35
N PHE I 163 32.76 20.80 -3.10
CA PHE I 163 32.98 21.97 -2.33
C PHE I 163 33.05 21.56 -0.87
N MET I 164 33.78 22.34 -0.10
CA MET I 164 33.95 22.07 1.32
C MET I 164 32.71 22.54 2.05
N VAL I 165 32.27 21.77 3.02
CA VAL I 165 31.17 22.10 3.83
C VAL I 165 31.51 22.09 5.30
N ARG J 1 12.78 5.13 27.28
CA ARG J 1 13.37 6.43 27.74
C ARG J 1 13.02 7.54 26.73
N SER J 2 12.30 8.54 27.22
CA SER J 2 11.90 9.72 26.47
C SER J 2 12.27 10.88 27.36
N LEU J 3 12.24 12.07 26.81
CA LEU J 3 12.42 13.28 27.57
C LEU J 3 11.05 13.83 27.97
N PRO J 4 11.03 14.74 28.95
CA PRO J 4 9.72 15.25 29.24
C PRO J 4 9.20 16.12 28.09
N SER J 5 7.88 16.05 27.88
CA SER J 5 7.24 16.65 26.72
C SER J 5 6.01 17.43 27.11
N CYS J 6 5.55 18.21 26.13
CA CYS J 6 4.32 18.97 26.24
C CYS J 6 3.14 18.05 26.09
N LYS J 7 1.96 18.54 26.38
CA LYS J 7 0.78 17.68 26.26
C LYS J 7 0.41 17.52 24.79
N GLU J 8 -0.43 16.50 24.50
CA GLU J 8 -0.89 16.21 23.12
C GLU J 8 -1.54 17.46 22.46
N ASP J 9 -1.95 18.42 23.29
CA ASP J 9 -2.50 19.69 22.84
C ASP J 9 -1.56 20.86 22.98
N GLU J 10 -0.29 20.63 23.21
CA GLU J 10 0.63 21.74 23.29
C GLU J 10 1.90 21.49 22.44
N TYR J 11 2.74 22.48 22.31
CA TYR J 11 3.93 22.29 21.55
C TYR J 11 5.05 23.14 22.13
N PRO J 12 6.32 22.74 21.86
CA PRO J 12 7.46 23.42 22.46
C PRO J 12 7.74 24.77 21.89
N VAL J 13 8.00 25.77 22.74
CA VAL J 13 8.63 27.00 22.30
C VAL J 13 9.77 27.25 23.27
N GLY J 14 11.01 27.19 22.79
CA GLY J 14 12.19 27.25 23.66
C GLY J 14 12.09 26.14 24.69
N SER J 15 12.09 26.49 25.98
CA SER J 15 12.08 25.45 27.02
C SER J 15 10.74 25.30 27.62
N GLU J 16 9.72 25.90 27.01
CA GLU J 16 8.37 25.70 27.47
C GLU J 16 7.42 25.36 26.37
N CYS J 17 6.40 24.66 26.82
CA CYS J 17 5.21 24.46 26.04
C CYS J 17 4.30 25.74 25.78
N CYS J 18 3.60 25.82 24.61
CA CYS J 18 2.58 26.84 24.28
C CYS J 18 1.39 26.07 23.76
N PRO J 19 0.14 26.63 23.80
CA PRO J 19 -0.95 25.81 23.22
C PRO J 19 -0.92 25.75 21.69
N LYS J 20 -1.32 24.60 21.18
CA LYS J 20 -1.39 24.38 19.75
C LYS J 20 -2.63 25.03 19.14
N CYS J 21 -2.47 25.44 17.90
CA CYS J 21 -3.55 25.96 17.09
C CYS J 21 -4.43 24.89 16.60
N SER J 22 -5.65 25.27 16.28
CA SER J 22 -6.67 24.31 15.81
C SER J 22 -6.42 23.86 14.38
N PRO J 23 -6.98 22.74 14.00
CA PRO J 23 -6.86 22.43 12.62
C PRO J 23 -7.35 23.59 11.78
N GLY J 24 -6.74 23.82 10.62
CA GLY J 24 -7.16 24.93 9.75
C GLY J 24 -6.49 26.24 10.02
N TYR J 25 -5.71 26.33 11.07
CA TYR J 25 -4.95 27.52 11.38
C TYR J 25 -3.48 27.19 11.63
N ARG J 26 -2.62 28.17 11.40
CA ARG J 26 -1.21 28.07 11.71
C ARG J 26 -0.86 29.07 12.77
N VAL J 27 0.35 28.95 13.30
CA VAL J 27 0.79 29.81 14.38
C VAL J 27 1.29 31.07 13.77
N LYS J 28 0.71 32.18 14.20
CA LYS J 28 1.20 33.52 13.81
C LYS J 28 2.17 34.07 14.84
N GLU J 29 1.82 33.94 16.13
CA GLU J 29 2.76 34.30 17.20
C GLU J 29 2.65 33.38 18.38
N ALA J 30 3.81 33.04 18.93
CA ALA J 30 3.86 32.13 20.09
C ALA J 30 3.38 32.76 21.38
N CYS J 31 3.07 31.93 22.39
CA CYS J 31 2.93 32.42 23.75
C CYS J 31 4.10 33.33 24.05
N GLY J 32 3.81 34.27 24.95
CA GLY J 32 4.79 34.85 25.85
C GLY J 32 4.40 34.31 27.23
N GLU J 33 4.93 34.92 28.29
CA GLU J 33 4.47 34.57 29.67
C GLU J 33 2.96 34.88 29.82
N LEU J 34 2.57 36.03 29.28
CA LEU J 34 1.16 36.47 29.33
C LEU J 34 0.68 36.91 27.94
N THR J 35 0.74 35.97 27.02
CA THR J 35 0.06 36.11 25.76
C THR J 35 -0.34 34.70 25.44
N GLY J 36 -1.59 34.50 25.05
CA GLY J 36 -1.99 33.24 24.44
C GLY J 36 -1.24 33.05 23.12
N THR J 37 -1.38 31.85 22.59
CA THR J 37 -0.84 31.59 21.24
C THR J 37 -1.84 32.22 20.27
N VAL J 38 -1.33 33.09 19.41
CA VAL J 38 -2.10 33.68 18.31
C VAL J 38 -2.04 32.83 16.99
N CYS J 39 -3.16 32.18 16.69
CA CYS J 39 -3.34 31.46 15.46
C CYS J 39 -3.97 32.26 14.31
N GLU J 40 -3.65 31.90 13.08
CA GLU J 40 -4.16 32.60 11.90
C GLU J 40 -4.60 31.56 10.86
N PRO J 41 -5.67 31.84 10.08
CA PRO J 41 -6.17 30.68 9.32
C PRO J 41 -5.34 30.35 8.12
N CYS J 42 -5.46 29.11 7.64
CA CYS J 42 -4.64 28.73 6.50
C CYS J 42 -5.10 29.46 5.27
N PRO J 43 -4.16 29.99 4.52
CA PRO J 43 -4.42 30.59 3.24
C PRO J 43 -4.92 29.63 2.21
N PRO J 44 -5.45 30.18 1.10
CA PRO J 44 -5.99 29.26 0.09
C PRO J 44 -4.96 28.36 -0.47
N GLY J 45 -5.37 27.13 -0.74
CA GLY J 45 -4.52 26.15 -1.36
C GLY J 45 -3.57 25.50 -0.33
N THR J 46 -3.84 25.72 0.95
CA THR J 46 -3.14 25.04 2.00
C THR J 46 -4.07 24.49 3.07
N TYR J 47 -3.54 23.72 4.01
CA TYR J 47 -4.39 23.07 5.00
C TYR J 47 -3.51 22.62 6.12
N ILE J 48 -4.09 22.49 7.29
CA ILE J 48 -3.45 21.72 8.35
C ILE J 48 -4.56 20.92 8.96
N ALA J 49 -4.35 19.63 9.10
CA ALA J 49 -5.41 18.74 9.48
C ALA J 49 -5.52 18.43 10.94
N HIS J 50 -4.58 18.84 11.77
CA HIS J 50 -4.59 18.50 13.19
C HIS J 50 -4.21 19.69 13.92
N LEU J 51 -4.41 19.66 15.23
CA LEU J 51 -3.84 20.64 16.10
C LEU J 51 -2.36 20.67 15.89
N ASN J 52 -1.78 21.86 15.88
CA ASN J 52 -0.44 22.06 15.43
C ASN J 52 0.23 23.25 16.01
N GLY J 53 1.56 23.27 15.95
CA GLY J 53 2.38 24.47 16.23
C GLY J 53 3.11 24.92 14.98
N LEU J 54 2.55 24.68 13.81
CA LEU J 54 3.32 24.93 12.56
C LEU J 54 3.22 26.38 12.20
N SER J 55 4.35 26.96 11.76
CA SER J 55 4.45 28.29 11.24
C SER J 55 3.95 28.46 9.79
N LYS J 56 3.82 27.33 9.08
CA LYS J 56 3.45 27.29 7.64
C LYS J 56 2.43 26.17 7.43
N CYS J 57 1.38 26.43 6.63
CA CYS J 57 0.34 25.44 6.40
C CYS J 57 0.90 24.42 5.37
N LEU J 58 0.24 23.29 5.21
CA LEU J 58 0.68 22.28 4.30
C LEU J 58 0.07 22.54 2.96
N GLN J 59 0.83 22.29 1.92
CA GLN J 59 0.36 22.51 0.59
C GLN J 59 -0.57 21.39 0.17
N CYS J 60 -1.70 21.79 -0.41
CA CYS J 60 -2.71 20.89 -0.91
C CYS J 60 -2.24 20.21 -2.15
N GLN J 61 -2.68 18.98 -2.35
CA GLN J 61 -2.30 18.29 -3.50
C GLN J 61 -3.20 18.64 -4.69
N MET J 62 -2.63 18.63 -5.87
CA MET J 62 -3.34 18.77 -7.12
C MET J 62 -3.79 17.40 -7.66
N CYS J 63 -4.97 17.35 -8.25
CA CYS J 63 -5.45 16.14 -8.90
C CYS J 63 -5.27 16.31 -10.41
N ASP J 64 -4.52 15.44 -11.06
CA ASP J 64 -4.16 15.67 -12.39
C ASP J 64 -5.11 15.13 -13.45
N PRO J 65 -5.80 16.02 -14.22
CA PRO J 65 -6.67 15.49 -15.28
C PRO J 65 -5.92 14.65 -16.31
N ALA J 66 -4.64 14.95 -16.51
CA ALA J 66 -3.92 14.18 -17.49
C ALA J 66 -3.72 12.73 -17.02
N MET J 67 -3.90 12.47 -15.74
CA MET J 67 -3.85 11.11 -15.25
C MET J 67 -5.28 10.54 -15.10
N GLY J 68 -6.30 11.27 -15.54
CA GLY J 68 -7.68 10.81 -15.47
C GLY J 68 -8.32 11.11 -14.17
N LEU J 69 -7.74 12.02 -13.42
CA LEU J 69 -8.20 12.29 -12.07
C LEU J 69 -8.83 13.65 -11.96
N ARG J 70 -9.70 13.81 -10.97
CA ARG J 70 -10.17 15.11 -10.57
C ARG J 70 -10.34 15.03 -9.08
N ALA J 71 -10.60 16.15 -8.42
CA ALA J 71 -10.76 16.10 -7.01
C ALA J 71 -12.12 15.61 -6.68
N SER J 72 -12.22 14.55 -5.91
CA SER J 72 -13.52 14.13 -5.44
C SER J 72 -13.83 14.86 -4.15
N ARG J 73 -12.83 15.46 -3.48
CA ARG J 73 -13.10 16.48 -2.47
C ARG J 73 -12.05 17.56 -2.61
N ASN J 74 -12.50 18.81 -2.61
CA ASN J 74 -11.60 19.98 -2.79
C ASN J 74 -10.80 20.23 -1.53
N CYS J 75 -9.63 20.83 -1.70
CA CYS J 75 -8.78 21.26 -0.63
C CYS J 75 -9.64 22.16 0.28
N SER J 76 -9.50 22.08 1.59
CA SER J 76 -10.11 23.02 2.52
C SER J 76 -9.06 23.33 3.55
N ARG J 77 -9.40 24.23 4.47
CA ARG J 77 -8.45 24.66 5.44
C ARG J 77 -8.01 23.51 6.31
N THR J 78 -8.94 22.61 6.66
CA THR J 78 -8.66 21.50 7.55
C THR J 78 -8.37 20.19 6.87
N GLU J 79 -8.42 20.17 5.55
CA GLU J 79 -8.38 18.88 4.85
C GLU J 79 -7.74 18.98 3.50
N ASN J 80 -6.89 18.04 3.21
CA ASN J 80 -6.26 17.99 1.92
C ASN J 80 -7.33 17.65 0.88
N ALA J 81 -7.11 18.03 -0.33
CA ALA J 81 -7.90 17.51 -1.41
C ALA J 81 -7.71 15.98 -1.55
N VAL J 82 -8.72 15.34 -2.13
CA VAL J 82 -8.63 13.94 -2.39
C VAL J 82 -9.05 13.71 -3.81
N CYS J 83 -8.41 12.76 -4.47
CA CYS J 83 -8.59 12.58 -5.87
C CYS J 83 -9.49 11.39 -6.20
N GLY J 84 -10.29 11.51 -7.26
CA GLY J 84 -11.11 10.40 -7.82
C GLY J 84 -10.99 10.40 -9.33
N CYS J 85 -11.61 9.44 -9.97
CA CYS J 85 -11.69 9.40 -11.43
C CYS J 85 -12.51 10.55 -12.00
N SER J 86 -12.01 11.11 -13.07
CA SER J 86 -12.79 12.00 -13.90
C SER J 86 -14.02 11.26 -14.46
N PRO J 87 -15.10 11.99 -14.78
CA PRO J 87 -16.21 11.32 -15.45
C PRO J 87 -15.79 10.58 -16.71
N GLY J 88 -16.44 9.47 -17.01
CA GLY J 88 -15.98 8.66 -18.12
C GLY J 88 -14.65 7.97 -17.98
N HIS J 89 -14.13 7.85 -16.74
CA HIS J 89 -12.93 7.09 -16.49
C HIS J 89 -13.12 6.04 -15.40
N PHE J 90 -12.33 4.97 -15.40
CA PHE J 90 -12.31 4.09 -14.30
C PHE J 90 -10.87 3.88 -13.81
N CYS J 91 -10.77 3.52 -12.55
CA CYS J 91 -9.48 3.41 -11.88
C CYS J 91 -8.70 2.27 -12.45
N ILE J 92 -7.47 2.51 -12.88
CA ILE J 92 -6.61 1.42 -13.32
C ILE J 92 -5.28 1.30 -12.57
N VAL J 93 -4.91 2.31 -11.80
CA VAL J 93 -3.70 2.21 -10.99
C VAL J 93 -4.04 2.64 -9.60
N GLN J 94 -3.64 1.82 -8.67
CA GLN J 94 -3.87 2.02 -7.27
C GLN J 94 -2.61 2.49 -6.55
N ASP J 95 -2.78 3.40 -5.62
CA ASP J 95 -1.70 3.78 -4.67
C ASP J 95 -2.13 3.53 -3.21
N GLY J 96 -1.79 2.38 -2.65
CA GLY J 96 -2.32 2.01 -1.35
C GLY J 96 -3.85 1.82 -1.35
N ASP J 97 -4.59 2.71 -0.68
CA ASP J 97 -6.03 2.54 -0.53
C ASP J 97 -6.78 3.44 -1.46
N HIS J 98 -6.08 4.05 -2.39
CA HIS J 98 -6.73 5.03 -3.26
C HIS J 98 -6.22 5.02 -4.66
N CYS J 99 -7.02 5.64 -5.54
CA CYS J 99 -6.75 5.64 -6.93
C CYS J 99 -5.63 6.63 -7.32
N ALA J 100 -4.78 6.24 -8.26
CA ALA J 100 -3.70 7.09 -8.72
C ALA J 100 -3.79 7.37 -10.21
N ALA J 101 -4.49 6.56 -10.99
CA ALA J 101 -4.73 6.90 -12.40
C ALA J 101 -6.01 6.24 -12.93
N CYS J 102 -6.68 6.95 -13.82
CA CYS J 102 -7.89 6.39 -14.39
C CYS J 102 -7.89 6.41 -15.90
N ARG J 103 -8.60 5.47 -16.47
CA ARG J 103 -8.61 5.33 -17.90
C ARG J 103 -9.97 5.63 -18.47
N ALA J 104 -9.97 6.30 -19.61
CA ALA J 104 -11.21 6.72 -20.28
C ALA J 104 -11.93 5.56 -20.93
N TYR J 105 -13.25 5.52 -20.88
CA TYR J 105 -13.96 4.41 -21.56
C TYR J 105 -13.73 4.50 -23.07
N ALA J 106 -13.62 3.33 -23.71
CA ALA J 106 -13.36 3.21 -25.17
C ALA J 106 -14.65 3.45 -25.99
N ARG K 1 6.82 55.23 -24.95
CA ARG K 1 7.63 55.83 -23.85
C ARG K 1 8.34 54.70 -23.10
N SER K 2 9.53 54.39 -23.59
CA SER K 2 10.42 53.39 -22.96
C SER K 2 11.33 53.98 -21.91
N LEU K 3 12.22 53.09 -21.49
CA LEU K 3 13.23 53.36 -20.51
C LEU K 3 14.61 53.22 -21.15
N PRO K 4 15.58 53.99 -20.67
CA PRO K 4 16.83 53.86 -21.37
C PRO K 4 17.43 52.50 -21.10
N SER K 5 18.44 52.04 -21.89
CA SER K 5 19.13 50.76 -21.62
C SER K 5 20.53 50.67 -22.28
N CYS K 6 21.38 49.69 -21.92
CA CYS K 6 22.63 49.33 -22.74
C CYS K 6 22.16 49.19 -24.17
N LYS K 7 22.98 49.57 -25.12
CA LYS K 7 22.71 49.27 -26.50
C LYS K 7 22.90 47.81 -26.72
N GLU K 8 22.43 47.35 -27.86
CA GLU K 8 22.55 45.95 -28.23
C GLU K 8 23.99 45.46 -28.16
N ASP K 9 24.92 46.35 -28.48
CA ASP K 9 26.35 45.99 -28.51
C ASP K 9 27.06 46.39 -27.23
N GLU K 10 26.28 46.66 -26.18
CA GLU K 10 26.87 46.92 -24.88
C GLU K 10 26.29 45.97 -23.83
N TYR K 11 26.91 45.92 -22.66
CA TYR K 11 26.29 45.15 -21.58
C TYR K 11 26.49 45.81 -20.26
N PRO K 12 25.62 45.49 -19.27
CA PRO K 12 25.74 46.18 -17.99
C PRO K 12 26.97 45.88 -17.14
N VAL K 13 27.40 46.89 -16.43
CA VAL K 13 28.56 46.81 -15.54
C VAL K 13 28.27 47.89 -14.50
N GLY K 14 27.79 47.44 -13.35
CA GLY K 14 27.21 48.32 -12.38
C GLY K 14 26.06 49.01 -13.10
N SER K 15 25.95 50.32 -12.88
CA SER K 15 24.94 51.19 -13.54
C SER K 15 25.41 51.76 -14.88
N GLU K 16 26.65 51.41 -15.25
CA GLU K 16 27.26 51.79 -16.50
C GLU K 16 26.87 50.77 -17.62
N CYS K 17 27.47 51.01 -18.79
CA CYS K 17 27.37 50.17 -19.95
C CYS K 17 28.77 50.03 -20.52
N CYS K 18 29.18 48.85 -20.95
CA CYS K 18 30.49 48.69 -21.54
C CYS K 18 30.36 48.05 -22.87
N PRO K 19 31.32 48.29 -23.77
CA PRO K 19 31.13 47.57 -25.01
C PRO K 19 31.38 46.09 -24.94
N LYS K 20 30.56 45.41 -25.71
CA LYS K 20 30.68 44.02 -25.88
C LYS K 20 31.87 43.69 -26.68
N CYS K 21 32.34 42.47 -26.49
CA CYS K 21 33.41 41.95 -27.29
C CYS K 21 32.85 41.26 -28.53
N SER K 22 33.70 41.07 -29.54
CA SER K 22 33.31 40.43 -30.77
C SER K 22 33.17 38.94 -30.61
N PRO K 23 32.51 38.33 -31.57
CA PRO K 23 32.44 36.90 -31.64
C PRO K 23 33.83 36.30 -31.64
N GLY K 24 34.01 35.20 -30.92
CA GLY K 24 35.26 34.50 -30.88
C GLY K 24 36.15 35.16 -29.87
N TYR K 25 35.63 36.15 -29.15
CA TYR K 25 36.43 36.84 -28.13
C TYR K 25 35.65 36.94 -26.83
N ARG K 26 36.37 36.93 -25.70
CA ARG K 26 35.69 37.07 -24.44
C ARG K 26 36.29 38.23 -23.77
N VAL K 27 35.58 38.77 -22.79
CA VAL K 27 36.09 39.81 -21.97
C VAL K 27 37.19 39.34 -21.03
N LYS K 28 38.30 40.09 -21.00
CA LYS K 28 39.45 39.86 -20.15
C LYS K 28 39.42 40.86 -19.06
N GLU K 29 39.10 42.10 -19.40
CA GLU K 29 38.88 43.11 -18.39
C GLU K 29 37.73 43.95 -18.82
N ALA K 30 36.94 44.36 -17.82
CA ALA K 30 35.80 45.18 -18.10
C ALA K 30 36.32 46.59 -18.45
N CYS K 31 35.43 47.41 -19.02
CA CYS K 31 35.78 48.76 -19.35
C CYS K 31 35.73 49.60 -18.08
N GLY K 32 36.58 50.60 -18.05
CA GLY K 32 36.70 51.50 -16.90
C GLY K 32 36.42 52.88 -17.45
N GLU K 33 36.56 53.88 -16.60
CA GLU K 33 36.10 55.25 -16.95
C GLU K 33 36.98 55.93 -17.98
N LEU K 34 38.21 55.48 -18.10
CA LEU K 34 39.02 55.85 -19.24
C LEU K 34 39.07 54.71 -20.19
N THR K 35 39.40 53.55 -19.63
CA THR K 35 39.73 52.38 -20.43
C THR K 35 38.50 51.68 -21.15
N GLY K 36 38.76 51.20 -22.36
CA GLY K 36 37.84 50.31 -23.06
C GLY K 36 37.77 48.90 -22.48
N THR K 37 36.72 48.19 -22.88
CA THR K 37 36.63 46.73 -22.68
C THR K 37 37.88 46.08 -23.32
N VAL K 38 38.54 45.16 -22.60
CA VAL K 38 39.71 44.47 -23.12
C VAL K 38 39.25 43.07 -23.44
N CYS K 39 39.46 42.63 -24.67
CA CYS K 39 38.91 41.38 -25.13
C CYS K 39 40.08 40.45 -25.43
N GLU K 40 39.86 39.14 -25.37
CA GLU K 40 40.91 38.19 -25.72
C GLU K 40 40.32 37.04 -26.45
N PRO K 41 41.13 36.39 -27.29
CA PRO K 41 40.44 35.38 -28.07
C PRO K 41 40.12 34.17 -27.22
N CYS K 42 39.04 33.50 -27.60
CA CYS K 42 38.59 32.22 -27.06
C CYS K 42 39.60 31.16 -27.30
N PRO K 43 40.00 30.45 -26.23
CA PRO K 43 40.99 29.42 -26.52
C PRO K 43 40.45 28.29 -27.34
N PRO K 44 41.35 27.47 -27.91
CA PRO K 44 40.79 26.42 -28.78
C PRO K 44 39.97 25.43 -27.99
N GLY K 45 39.05 24.78 -28.68
CA GLY K 45 38.05 23.95 -28.01
C GLY K 45 36.82 24.75 -27.59
N THR K 46 36.81 26.05 -27.81
CA THR K 46 35.69 26.86 -27.34
C THR K 46 35.28 27.83 -28.43
N TYR K 47 34.13 28.47 -28.23
CA TYR K 47 33.60 29.43 -29.17
C TYR K 47 32.73 30.44 -28.48
N ILE K 48 32.46 31.55 -29.14
CA ILE K 48 31.36 32.41 -28.74
C ILE K 48 30.88 32.99 -30.02
N ALA K 49 29.58 32.79 -30.31
CA ALA K 49 29.07 33.08 -31.65
C ALA K 49 28.59 34.51 -31.81
N HIS K 50 28.48 35.26 -30.74
CA HIS K 50 27.86 36.56 -30.85
C HIS K 50 28.62 37.56 -30.02
N LEU K 51 28.34 38.81 -30.32
CA LEU K 51 28.84 39.86 -29.47
C LEU K 51 28.50 39.49 -28.00
N ASN K 52 29.43 39.65 -27.10
CA ASN K 52 29.19 39.24 -25.75
C ASN K 52 29.93 40.04 -24.72
N GLY K 53 29.51 39.88 -23.48
CA GLY K 53 30.28 40.35 -22.35
C GLY K 53 30.66 39.17 -21.47
N LEU K 54 30.85 37.98 -22.06
CA LEU K 54 31.16 36.76 -21.25
C LEU K 54 32.59 36.75 -20.79
N SER K 55 32.82 36.30 -19.56
CA SER K 55 34.17 36.07 -19.03
C SER K 55 34.76 34.78 -19.51
N LYS K 56 33.94 33.84 -19.97
CA LYS K 56 34.44 32.54 -20.40
C LYS K 56 33.78 32.18 -21.69
N CYS K 57 34.50 31.48 -22.57
CA CYS K 57 33.89 31.01 -23.79
C CYS K 57 32.98 29.83 -23.57
N LEU K 58 32.33 29.40 -24.62
CA LEU K 58 31.43 28.26 -24.55
C LEU K 58 32.13 27.05 -25.06
N GLN K 59 31.95 25.92 -24.41
CA GLN K 59 32.57 24.70 -24.84
C GLN K 59 31.94 24.17 -26.14
N CYS K 60 32.80 23.84 -27.12
CA CYS K 60 32.35 23.19 -28.36
C CYS K 60 31.79 21.81 -28.07
N GLN K 61 30.73 21.46 -28.75
CA GLN K 61 30.23 20.12 -28.68
C GLN K 61 31.04 19.16 -29.52
N MET K 62 31.13 17.92 -29.02
CA MET K 62 31.79 16.81 -29.74
C MET K 62 30.73 16.02 -30.47
N CYS K 63 31.10 15.40 -31.57
CA CYS K 63 30.10 14.66 -32.34
C CYS K 63 30.43 13.22 -32.09
N ASP K 64 29.48 12.43 -31.60
CA ASP K 64 29.87 11.16 -31.06
C ASP K 64 29.84 10.06 -32.13
N PRO K 65 31.00 9.56 -32.55
CA PRO K 65 30.91 8.47 -33.55
C PRO K 65 30.14 7.22 -33.10
N ALA K 66 30.25 6.87 -31.83
CA ALA K 66 29.41 5.78 -31.27
C ALA K 66 27.92 6.08 -31.44
N MET K 67 27.52 7.33 -31.61
CA MET K 67 26.12 7.65 -31.92
C MET K 67 25.82 7.75 -33.44
N GLY K 68 26.77 7.25 -34.25
CA GLY K 68 26.69 7.34 -35.70
C GLY K 68 26.78 8.77 -36.21
N LEU K 69 27.56 9.59 -35.51
CA LEU K 69 27.65 11.00 -35.83
C LEU K 69 29.05 11.42 -36.22
N ARG K 70 29.09 12.53 -36.91
CA ARG K 70 30.32 13.12 -37.42
C ARG K 70 30.06 14.64 -37.55
N ALA K 71 31.11 15.42 -37.46
CA ALA K 71 30.97 16.87 -37.67
C ALA K 71 30.66 17.27 -39.15
N SER K 72 29.50 17.93 -39.41
CA SER K 72 29.24 18.64 -40.68
C SER K 72 30.13 19.88 -40.76
N ARG K 73 30.53 20.37 -39.58
CA ARG K 73 31.27 21.63 -39.45
C ARG K 73 32.11 21.59 -38.19
N ASN K 74 33.42 21.65 -38.33
CA ASN K 74 34.29 21.70 -37.18
C ASN K 74 34.01 22.95 -36.29
N CYS K 75 34.42 22.85 -35.05
CA CYS K 75 34.33 23.98 -34.17
C CYS K 75 35.27 25.06 -34.65
N SER K 76 34.95 26.32 -34.44
CA SER K 76 35.94 27.38 -34.59
C SER K 76 35.69 28.37 -33.49
N ARG K 77 36.55 29.36 -33.35
CA ARG K 77 36.34 30.37 -32.34
C ARG K 77 35.00 31.06 -32.45
N THR K 78 34.37 31.09 -33.62
CA THR K 78 33.13 31.89 -33.78
C THR K 78 31.92 31.00 -33.96
N GLU K 79 32.11 29.69 -33.99
CA GLU K 79 31.01 28.79 -34.30
C GLU K 79 31.17 27.45 -33.71
N ASN K 80 30.04 26.93 -33.23
CA ASN K 80 30.03 25.63 -32.64
C ASN K 80 30.14 24.62 -33.77
N ALA K 81 30.58 23.42 -33.45
CA ALA K 81 30.50 22.33 -34.37
C ALA K 81 29.02 22.04 -34.66
N VAL K 82 28.77 21.51 -35.86
CA VAL K 82 27.44 21.00 -36.18
C VAL K 82 27.67 19.53 -36.45
N CYS K 83 26.74 18.68 -35.96
CA CYS K 83 26.86 17.23 -36.15
C CYS K 83 25.85 16.75 -37.13
N GLY K 84 26.30 15.88 -38.03
CA GLY K 84 25.37 15.06 -38.83
C GLY K 84 25.85 13.63 -38.90
N CYS K 85 25.15 12.81 -39.70
CA CYS K 85 25.46 11.36 -39.86
C CYS K 85 26.81 11.08 -40.46
N SER K 86 27.41 9.97 -40.03
CA SER K 86 28.63 9.45 -40.65
C SER K 86 28.31 8.83 -42.02
N PRO K 87 29.35 8.67 -42.88
CA PRO K 87 29.09 7.90 -44.10
C PRO K 87 28.55 6.53 -43.71
N GLY K 88 27.54 6.09 -44.45
CA GLY K 88 26.94 4.76 -44.25
C GLY K 88 25.95 4.70 -43.10
N HIS K 89 25.37 5.86 -42.77
CA HIS K 89 24.49 6.04 -41.61
C HIS K 89 23.31 6.97 -41.97
N PHE K 90 22.11 6.65 -41.49
CA PHE K 90 20.98 7.61 -41.56
C PHE K 90 20.49 8.10 -40.20
N CYS K 91 20.04 9.37 -40.19
CA CYS K 91 19.57 9.99 -38.99
C CYS K 91 18.27 9.33 -38.60
N ILE K 92 18.13 9.00 -37.32
CA ILE K 92 16.92 8.33 -36.80
C ILE K 92 16.14 9.19 -35.84
N VAL K 93 16.76 10.23 -35.31
CA VAL K 93 16.03 11.26 -34.53
C VAL K 93 16.70 12.61 -34.78
N GLN K 94 15.89 13.60 -35.21
CA GLN K 94 16.30 15.02 -35.22
C GLN K 94 16.13 15.65 -33.83
N ASP K 95 16.93 16.68 -33.56
CA ASP K 95 16.78 17.48 -32.33
C ASP K 95 16.39 18.93 -32.65
N GLY K 96 15.59 19.11 -33.70
CA GLY K 96 15.19 20.44 -34.19
C GLY K 96 16.11 20.92 -35.31
N ASP K 97 17.16 21.66 -34.91
CA ASP K 97 18.18 22.14 -35.85
C ASP K 97 18.91 20.93 -36.47
N HIS K 98 19.45 20.08 -35.58
CA HIS K 98 20.51 19.14 -35.93
C HIS K 98 20.09 17.71 -35.58
N CYS K 99 20.96 16.76 -35.95
CA CYS K 99 20.67 15.34 -35.79
C CYS K 99 21.35 14.73 -34.55
N ALA K 100 20.64 13.86 -33.83
CA ALA K 100 21.09 13.36 -32.49
C ALA K 100 21.72 11.96 -32.47
N ALA K 101 21.35 11.16 -33.46
CA ALA K 101 21.77 9.77 -33.45
C ALA K 101 21.52 9.17 -34.81
N CYS K 102 22.49 8.42 -35.35
CA CYS K 102 22.32 7.79 -36.66
C CYS K 102 22.57 6.29 -36.62
N ARG K 103 21.93 5.57 -37.52
CA ARG K 103 22.08 4.09 -37.61
C ARG K 103 22.69 3.67 -38.98
N ALA K 104 23.39 2.54 -39.02
CA ALA K 104 24.05 2.09 -40.25
C ALA K 104 23.03 1.70 -41.35
N TYR K 105 23.51 1.20 -42.49
CA TYR K 105 22.60 0.74 -43.58
C TYR K 105 22.55 -0.79 -43.75
N ALA K 106 23.21 -1.54 -42.84
CA ALA K 106 23.45 -3.03 -42.99
C ALA K 106 24.37 -3.42 -44.20
N SER L 5 60.45 12.77 2.40
CA SER L 5 59.38 12.09 1.58
C SER L 5 59.14 10.62 2.10
N CYS L 6 57.88 10.11 2.20
CA CYS L 6 57.64 8.77 2.88
C CYS L 6 58.05 7.58 2.07
N LYS L 7 58.68 6.62 2.73
CA LYS L 7 58.86 5.27 2.13
C LYS L 7 57.59 4.42 2.18
N GLU L 8 57.68 3.27 1.52
CA GLU L 8 56.60 2.26 1.42
C GLU L 8 55.83 2.08 2.72
N ASP L 9 56.53 1.79 3.82
CA ASP L 9 55.87 1.43 5.06
C ASP L 9 55.38 2.66 5.90
N GLU L 10 55.45 3.85 5.31
CA GLU L 10 55.07 5.08 5.97
C GLU L 10 54.03 5.79 5.16
N TYR L 11 53.49 6.81 5.78
CA TYR L 11 52.52 7.67 5.11
C TYR L 11 52.52 9.07 5.79
N PRO L 12 52.12 10.11 5.03
CA PRO L 12 52.22 11.51 5.43
C PRO L 12 51.14 12.00 6.31
N VAL L 13 51.48 12.65 7.40
CA VAL L 13 50.56 13.23 8.29
C VAL L 13 51.13 14.57 8.65
N GLY L 14 50.43 15.63 8.28
CA GLY L 14 51.01 16.96 8.31
C GLY L 14 52.35 17.05 7.57
N SER L 15 53.37 17.37 8.35
CA SER L 15 54.72 17.54 7.90
C SER L 15 55.51 16.21 8.01
N GLU L 16 55.02 15.28 8.82
CA GLU L 16 55.75 14.03 9.14
C GLU L 16 55.44 12.85 8.20
N CYS L 17 56.33 11.90 8.22
CA CYS L 17 56.22 10.62 7.56
C CYS L 17 55.94 9.64 8.69
N CYS L 18 54.78 8.98 8.77
CA CYS L 18 54.45 8.12 9.95
C CYS L 18 54.43 6.64 9.58
N PRO L 19 54.84 5.74 10.50
CA PRO L 19 54.72 4.28 10.21
C PRO L 19 53.23 3.82 10.12
N LYS L 20 52.99 2.95 9.15
CA LYS L 20 51.74 2.35 8.92
C LYS L 20 51.39 1.26 9.92
N CYS L 21 50.08 1.07 10.15
CA CYS L 21 49.55 -0.05 10.96
C CYS L 21 49.39 -1.29 10.11
N SER L 22 49.40 -2.44 10.77
CA SER L 22 49.28 -3.70 10.07
C SER L 22 47.85 -3.89 9.62
N PRO L 23 47.67 -4.86 8.75
CA PRO L 23 46.32 -5.30 8.40
C PRO L 23 45.53 -5.62 9.64
N GLY L 24 44.26 -5.32 9.62
CA GLY L 24 43.43 -5.55 10.80
C GLY L 24 43.46 -4.45 11.82
N TYR L 25 44.36 -3.49 11.61
CA TYR L 25 44.54 -2.40 12.55
C TYR L 25 44.36 -1.05 11.86
N ARG L 26 43.84 -0.09 12.61
CA ARG L 26 43.54 1.22 12.17
C ARG L 26 44.38 2.16 12.98
N VAL L 27 44.66 3.34 12.44
CA VAL L 27 45.35 4.38 13.15
C VAL L 27 44.40 5.10 14.09
N LYS L 28 44.51 4.82 15.38
CA LYS L 28 43.77 5.55 16.37
C LYS L 28 44.31 6.96 16.60
N GLU L 29 45.63 7.09 16.64
CA GLU L 29 46.29 8.38 16.79
C GLU L 29 47.49 8.40 15.88
N ALA L 30 47.49 9.35 14.97
CA ALA L 30 48.63 9.65 14.16
C ALA L 30 49.85 9.98 14.97
N CYS L 31 50.98 9.65 14.41
CA CYS L 31 52.28 9.97 14.94
C CYS L 31 52.55 11.48 14.90
N GLY L 32 53.19 11.97 15.95
CA GLY L 32 53.73 13.31 16.03
C GLY L 32 55.22 13.11 16.00
N GLU L 33 55.97 14.22 15.97
CA GLU L 33 57.46 14.13 15.95
C GLU L 33 57.91 13.28 17.15
N LEU L 34 57.17 13.44 18.24
CA LEU L 34 57.49 12.89 19.55
C LEU L 34 56.77 11.59 20.00
N THR L 35 55.62 11.26 19.38
CA THR L 35 54.84 10.06 19.75
C THR L 35 54.41 9.19 18.54
N GLY L 36 54.44 7.89 18.74
CA GLY L 36 54.35 6.92 17.59
C GLY L 36 52.96 6.81 17.00
N THR L 37 52.86 6.20 15.82
CA THR L 37 51.54 5.73 15.32
C THR L 37 50.88 4.77 16.37
N VAL L 38 49.64 5.02 16.72
CA VAL L 38 48.92 4.19 17.66
C VAL L 38 47.87 3.40 16.88
N CYS L 39 48.09 2.10 16.80
CA CYS L 39 47.27 1.20 16.08
C CYS L 39 46.30 0.44 16.96
N GLU L 40 45.03 0.32 16.52
CA GLU L 40 43.97 -0.34 17.24
C GLU L 40 43.26 -1.30 16.29
N PRO L 41 42.84 -2.49 16.78
CA PRO L 41 42.19 -3.41 15.87
C PRO L 41 40.86 -2.93 15.31
N CYS L 42 40.56 -3.27 14.07
CA CYS L 42 39.21 -2.94 13.53
C CYS L 42 38.07 -3.56 14.35
N PRO L 43 37.00 -2.82 14.57
CA PRO L 43 35.87 -3.45 15.29
C PRO L 43 35.14 -4.48 14.45
N PRO L 44 34.26 -5.26 15.11
CA PRO L 44 33.56 -6.26 14.28
C PRO L 44 32.74 -5.62 13.14
N GLY L 45 32.64 -6.33 12.05
CA GLY L 45 31.98 -5.83 10.85
C GLY L 45 32.84 -4.98 9.91
N THR L 46 34.11 -4.72 10.30
CA THR L 46 34.98 -3.92 9.46
C THR L 46 36.27 -4.68 9.24
N TYR L 47 37.10 -4.19 8.36
CA TYR L 47 38.34 -4.83 8.03
C TYR L 47 39.27 -3.82 7.37
N ILE L 48 40.56 -4.15 7.38
CA ILE L 48 41.59 -3.52 6.56
C ILE L 48 42.54 -4.59 6.23
N ALA L 49 42.77 -4.76 4.93
CA ALA L 49 43.51 -5.88 4.39
C ALA L 49 44.99 -5.68 4.21
N HIS L 50 45.45 -4.44 4.26
CA HIS L 50 46.84 -4.13 3.98
C HIS L 50 47.44 -3.26 5.09
N LEU L 51 48.77 -3.17 5.09
CA LEU L 51 49.48 -2.06 5.75
C LEU L 51 48.80 -0.71 5.37
N ASN L 52 48.51 0.12 6.37
CA ASN L 52 47.67 1.20 6.14
C ASN L 52 47.89 2.29 7.11
N GLY L 53 47.43 3.45 6.70
CA GLY L 53 47.34 4.61 7.56
C GLY L 53 45.93 5.19 7.70
N LEU L 54 44.93 4.35 7.65
CA LEU L 54 43.53 4.75 7.72
C LEU L 54 43.06 4.92 9.12
N SER L 55 42.34 6.01 9.36
CA SER L 55 41.70 6.25 10.64
C SER L 55 40.48 5.40 10.89
N LYS L 56 39.91 4.86 9.82
CA LYS L 56 38.65 4.14 9.90
C LYS L 56 38.78 2.88 9.06
N CYS L 57 38.23 1.78 9.56
CA CYS L 57 38.30 0.58 8.83
C CYS L 57 37.26 0.58 7.70
N LEU L 58 37.46 -0.29 6.73
CA LEU L 58 36.51 -0.51 5.67
C LEU L 58 35.34 -1.36 6.17
N GLN L 59 34.15 -0.97 5.75
CA GLN L 59 32.98 -1.73 6.16
C GLN L 59 32.91 -3.04 5.34
N CYS L 60 32.73 -4.19 5.99
CA CYS L 60 32.52 -5.50 5.24
C CYS L 60 31.20 -5.47 4.49
N GLN L 61 31.16 -6.07 3.28
CA GLN L 61 29.95 -6.28 2.58
C GLN L 61 29.09 -7.33 3.23
N MET L 62 27.80 -7.16 3.10
CA MET L 62 26.79 -8.14 3.50
C MET L 62 26.37 -8.96 2.29
N CYS L 63 26.22 -10.26 2.46
CA CYS L 63 25.78 -11.13 1.39
C CYS L 63 24.28 -11.20 1.53
N ASP L 64 23.58 -10.86 0.47
CA ASP L 64 22.16 -10.65 0.52
C ASP L 64 21.36 -11.97 0.26
N PRO L 65 20.69 -12.49 1.26
CA PRO L 65 19.90 -13.71 1.03
C PRO L 65 18.82 -13.55 -0.02
N ALA L 66 18.23 -12.36 -0.14
CA ALA L 66 17.19 -12.14 -1.13
C ALA L 66 17.76 -12.15 -2.57
N MET L 67 19.08 -12.09 -2.71
CA MET L 67 19.71 -12.29 -4.01
C MET L 67 20.23 -13.73 -4.18
N GLY L 68 19.78 -14.64 -3.32
CA GLY L 68 20.31 -16.00 -3.30
C GLY L 68 21.76 -16.18 -2.84
N LEU L 69 22.25 -15.23 -2.05
CA LEU L 69 23.62 -15.24 -1.62
C LEU L 69 23.80 -15.52 -0.12
N ARG L 70 24.91 -16.15 0.23
CA ARG L 70 25.38 -16.21 1.63
C ARG L 70 26.87 -15.95 1.60
N ALA L 71 27.43 -15.73 2.76
CA ALA L 71 28.88 -15.67 2.92
C ALA L 71 29.58 -17.04 2.69
N SER L 72 30.32 -17.18 1.59
CA SER L 72 31.29 -18.27 1.46
C SER L 72 32.61 -18.03 2.26
N ARG L 73 32.97 -16.77 2.52
CA ARG L 73 34.00 -16.46 3.54
C ARG L 73 33.50 -15.34 4.43
N ASN L 74 33.50 -15.54 5.74
CA ASN L 74 33.12 -14.52 6.68
C ASN L 74 34.13 -13.35 6.64
N CYS L 75 33.60 -12.22 7.01
CA CYS L 75 34.31 -11.02 7.33
C CYS L 75 35.18 -11.29 8.51
N SER L 76 36.45 -10.93 8.40
CA SER L 76 37.33 -10.82 9.59
C SER L 76 38.04 -9.46 9.53
N ARG L 77 38.84 -9.18 10.55
CA ARG L 77 39.59 -7.92 10.66
C ARG L 77 40.57 -7.67 9.52
N THR L 78 41.01 -8.71 8.84
CA THR L 78 41.91 -8.56 7.72
C THR L 78 41.31 -8.80 6.34
N GLU L 79 40.04 -9.20 6.24
CA GLU L 79 39.50 -9.69 4.95
C GLU L 79 38.02 -9.40 4.82
N ASN L 80 37.62 -8.92 3.68
CA ASN L 80 36.24 -8.65 3.45
C ASN L 80 35.55 -9.96 3.39
N ALA L 81 34.27 -9.98 3.67
CA ALA L 81 33.50 -11.15 3.35
C ALA L 81 33.42 -11.33 1.87
N VAL L 82 33.27 -12.59 1.43
CA VAL L 82 33.02 -12.98 0.03
C VAL L 82 31.67 -13.72 -0.01
N CYS L 83 30.95 -13.60 -1.11
CA CYS L 83 29.61 -14.14 -1.25
C CYS L 83 29.58 -15.24 -2.26
N GLY L 84 28.88 -16.29 -1.95
CA GLY L 84 28.52 -17.27 -2.99
C GLY L 84 27.06 -17.58 -2.81
N CYS L 85 26.59 -18.56 -3.58
CA CYS L 85 25.21 -18.99 -3.58
C CYS L 85 24.79 -19.67 -2.30
N SER L 86 23.60 -19.32 -1.84
CA SER L 86 22.88 -20.13 -0.88
C SER L 86 22.59 -21.57 -1.37
N PRO L 87 22.43 -22.50 -0.43
CA PRO L 87 21.93 -23.85 -0.81
C PRO L 87 20.65 -23.77 -1.65
N GLY L 88 20.56 -24.68 -2.62
CA GLY L 88 19.42 -24.78 -3.52
C GLY L 88 19.37 -23.66 -4.55
N HIS L 89 20.49 -22.96 -4.76
CA HIS L 89 20.56 -21.84 -5.69
C HIS L 89 21.78 -22.00 -6.59
N PHE L 90 21.73 -21.41 -7.76
CA PHE L 90 22.89 -21.49 -8.65
C PHE L 90 23.13 -20.10 -9.19
N CYS L 91 24.38 -19.84 -9.54
CA CYS L 91 24.82 -18.55 -10.03
C CYS L 91 24.26 -18.19 -11.39
N ILE L 92 23.79 -16.95 -11.50
CA ILE L 92 23.34 -16.41 -12.78
C ILE L 92 24.10 -15.19 -13.23
N VAL L 93 24.76 -14.48 -12.31
CA VAL L 93 25.68 -13.40 -12.66
C VAL L 93 26.92 -13.52 -11.79
N GLN L 94 28.08 -13.57 -12.45
CA GLN L 94 29.34 -13.86 -11.76
C GLN L 94 30.20 -12.57 -11.68
N ASP L 95 30.89 -12.39 -10.54
CA ASP L 95 31.88 -11.30 -10.34
C ASP L 95 33.20 -11.84 -9.73
N GLY L 96 34.31 -11.58 -10.40
CA GLY L 96 35.64 -12.06 -9.94
C GLY L 96 35.65 -13.52 -9.50
N ASP L 97 35.74 -13.75 -8.18
CA ASP L 97 35.65 -15.10 -7.55
C ASP L 97 34.22 -15.54 -7.15
N HIS L 98 33.33 -14.58 -6.88
CA HIS L 98 31.98 -14.82 -6.34
C HIS L 98 30.78 -14.64 -7.34
N CYS L 99 29.55 -14.80 -6.85
CA CYS L 99 28.36 -14.32 -7.60
C CYS L 99 27.86 -13.00 -7.08
N ALA L 100 27.20 -12.28 -7.97
CA ALA L 100 26.38 -11.15 -7.60
C ALA L 100 24.90 -11.55 -7.45
N ALA L 101 24.53 -12.75 -7.90
CA ALA L 101 23.16 -13.22 -7.72
C ALA L 101 23.00 -14.65 -8.15
N CYS L 102 22.19 -15.36 -7.39
CA CYS L 102 21.85 -16.71 -7.66
C CYS L 102 20.35 -16.80 -7.69
N ARG L 103 19.82 -17.70 -8.55
CA ARG L 103 18.41 -18.13 -8.49
C ARG L 103 18.26 -19.52 -7.94
N ALA L 104 17.07 -19.82 -7.47
CA ALA L 104 16.75 -21.17 -6.96
C ALA L 104 16.41 -22.18 -8.08
N TYR L 105 16.72 -23.45 -7.84
CA TYR L 105 16.31 -24.56 -8.73
C TYR L 105 14.77 -24.69 -8.64
N ALA L 106 14.13 -24.86 -9.81
CA ALA L 106 12.69 -25.09 -9.82
C ALA L 106 12.51 -26.49 -9.27
N THR L 107 11.32 -26.77 -8.73
CA THR L 107 10.94 -28.17 -8.42
C THR L 107 9.54 -28.49 -8.93
N SER L 108 9.25 -29.77 -8.95
CA SER L 108 7.90 -30.27 -9.15
C SER L 108 7.35 -30.75 -7.81
#